data_8YSW
#
_entry.id   8YSW
#
_cell.length_a   92.665
_cell.length_b   129.068
_cell.length_c   219.138
_cell.angle_alpha   90.000
_cell.angle_beta   90.000
_cell.angle_gamma   90.000
#
_symmetry.space_group_name_H-M   'P 21 21 21'
#
loop_
_entity.id
_entity.type
_entity.pdbx_description
1 polymer 'Glutamate dehydrogenase'
2 non-polymer 1,2-ETHANEDIOL
3 non-polymer NICOTINAMIDE-ADENINE-DINUCLEOTIDE
4 water water
#
_entity_poly.entity_id   1
_entity_poly.type   'polypeptide(L)'
_entity_poly.pdbx_seq_one_letter_code
;AENLNLFTSTQEVVKEALNKLGYDEAMYELLKEPLRLLKVRIPVKMDDGTTQVFTGYRAQHSDAVGPTKGGVRFHPMVSE
DEVKALSMWMTLKCGIVDLPYGGGKGGIICDPRQMSMGELERLSRGYVRAISQIVGPTKDIPGPDMFTNAQIMAWMMDEY
SRMDEFNSPGFITGKPLVLGGSKGRDRATAEGVTIVIQEAAKKRNIDIKGARVVIQGFGNAGSFLAKFMSDLGAKVIGIS
DAYGALHDPNGLDIDYLLDRRDSFGTVTTLFENTITNQELLELDCDILVPAAIENQITAENAHNIKATIVVEAANGPTTS
EATKILTERGILLVPDVLASAGGATVSYFEWVQNNMGYYWEEEEVQEKLYKKMYDSFEAVYTTATTRNIDMRLAAYMVGV
RRTAEASRFRGWVLE
;
_entity_poly.pdbx_strand_id   A,B,C,D,E,F
#
# COMPACT_ATOMS: atom_id res chain seq x y z
N ALA A 1 -87.32 31.66 -24.01
CA ALA A 1 -85.92 31.33 -23.71
C ALA A 1 -85.75 30.93 -22.25
N GLU A 2 -84.51 30.65 -21.89
CA GLU A 2 -84.15 30.21 -20.55
C GLU A 2 -82.99 31.07 -20.11
N ASN A 3 -82.87 31.31 -18.81
CA ASN A 3 -81.76 32.11 -18.30
C ASN A 3 -80.50 31.27 -18.30
N LEU A 4 -79.56 31.59 -19.18
CA LEU A 4 -78.29 30.88 -19.22
C LEU A 4 -77.14 31.69 -18.67
N ASN A 5 -77.38 32.91 -18.17
CA ASN A 5 -76.30 33.69 -17.57
C ASN A 5 -75.88 33.06 -16.24
N LEU A 6 -74.61 32.65 -16.17
CA LEU A 6 -74.08 32.04 -14.96
C LEU A 6 -74.20 32.97 -13.74
N PHE A 7 -73.98 34.28 -13.94
CA PHE A 7 -73.93 35.22 -12.83
C PHE A 7 -75.31 35.51 -12.26
N THR A 8 -76.26 35.93 -13.11
CA THR A 8 -77.57 36.28 -12.57
C THR A 8 -78.33 35.05 -12.05
N SER A 9 -78.10 33.88 -12.66
CA SER A 9 -78.77 32.69 -12.13
C SER A 9 -78.24 32.34 -10.74
N THR A 10 -76.94 32.50 -10.52
CA THR A 10 -76.36 32.21 -9.21
C THR A 10 -76.87 33.20 -8.16
N GLN A 11 -76.94 34.48 -8.53
CA GLN A 11 -77.56 35.50 -7.69
C GLN A 11 -78.93 35.05 -7.19
N GLU A 12 -79.78 34.51 -8.08
CA GLU A 12 -81.16 34.22 -7.72
C GLU A 12 -81.26 33.15 -6.63
N VAL A 13 -80.39 32.14 -6.69
CA VAL A 13 -80.38 31.10 -5.66
C VAL A 13 -79.79 31.65 -4.35
N VAL A 14 -78.75 32.47 -4.44
CA VAL A 14 -78.19 33.06 -3.22
C VAL A 14 -79.26 33.91 -2.54
N LYS A 15 -80.00 34.71 -3.33
CA LYS A 15 -81.07 35.53 -2.77
C LYS A 15 -82.10 34.66 -2.04
N GLU A 16 -82.49 33.55 -2.65
CA GLU A 16 -83.45 32.67 -1.99
C GLU A 16 -82.82 31.98 -0.78
N ALA A 17 -81.56 31.57 -0.89
CA ALA A 17 -80.87 30.96 0.24
C ALA A 17 -80.87 31.89 1.45
N LEU A 18 -80.51 33.16 1.23
CA LEU A 18 -80.44 34.13 2.31
C LEU A 18 -81.82 34.48 2.85
N ASN A 19 -82.84 34.49 2.00
CA ASN A 19 -84.17 34.76 2.54
C ASN A 19 -84.65 33.60 3.40
N LYS A 20 -84.46 32.36 2.94
CA LYS A 20 -84.90 31.21 3.74
C LYS A 20 -84.12 31.10 5.05
N LEU A 21 -82.87 31.56 5.06
CA LEU A 21 -82.09 31.61 6.28
C LEU A 21 -82.54 32.70 7.23
N GLY A 22 -83.39 33.63 6.80
CA GLY A 22 -83.87 34.69 7.66
C GLY A 22 -83.13 36.00 7.60
N TYR A 23 -82.22 36.18 6.64
CA TYR A 23 -81.46 37.43 6.58
C TYR A 23 -82.26 38.54 5.93
N ASP A 24 -81.86 39.78 6.19
CA ASP A 24 -82.47 40.96 5.61
C ASP A 24 -81.93 41.21 4.20
N GLU A 25 -82.71 41.96 3.41
CA GLU A 25 -82.34 42.30 2.04
C GLU A 25 -80.92 42.83 1.91
N ALA A 26 -80.42 43.52 2.94
CA ALA A 26 -79.09 44.11 2.87
C ALA A 26 -77.99 43.05 2.77
N MET A 27 -78.22 41.85 3.32
CA MET A 27 -77.23 40.79 3.18
C MET A 27 -77.15 40.27 1.74
N TYR A 28 -78.29 40.19 1.05
CA TYR A 28 -78.25 39.88 -0.37
C TYR A 28 -77.56 41.01 -1.15
N GLU A 29 -77.78 42.26 -0.75
CA GLU A 29 -77.12 43.37 -1.43
C GLU A 29 -75.60 43.33 -1.22
N LEU A 30 -75.15 42.92 -0.03
CA LEU A 30 -73.72 42.83 0.22
C LEU A 30 -73.09 41.63 -0.48
N LEU A 31 -73.85 40.55 -0.70
CA LEU A 31 -73.24 39.35 -1.25
C LEU A 31 -73.50 39.15 -2.74
N LYS A 32 -74.35 39.95 -3.36
CA LYS A 32 -74.74 39.63 -4.74
C LYS A 32 -73.63 39.95 -5.74
N GLU A 33 -72.73 40.88 -5.41
CA GLU A 33 -71.58 41.28 -6.19
C GLU A 33 -70.31 41.08 -5.35
N PRO A 34 -69.18 40.76 -5.97
CA PRO A 34 -67.94 40.68 -5.20
C PRO A 34 -67.60 42.02 -4.56
N LEU A 35 -67.07 41.97 -3.33
CA LEU A 35 -66.60 43.19 -2.67
C LEU A 35 -65.59 43.92 -3.55
N ARG A 36 -64.70 43.18 -4.21
CA ARG A 36 -63.71 43.74 -5.10
C ARG A 36 -63.70 42.97 -6.41
N LEU A 37 -63.66 43.72 -7.53
CA LEU A 37 -63.39 43.18 -8.85
C LEU A 37 -62.37 44.09 -9.53
N LEU A 38 -61.20 43.55 -9.83
CA LEU A 38 -60.13 44.30 -10.47
C LEU A 38 -60.05 43.85 -11.92
N LYS A 39 -60.15 44.78 -12.84
CA LYS A 39 -59.98 44.52 -14.26
C LYS A 39 -58.67 45.15 -14.71
N VAL A 40 -57.84 44.36 -15.41
CA VAL A 40 -56.47 44.79 -15.67
C VAL A 40 -56.08 44.53 -17.13
N ARG A 41 -55.20 45.37 -17.65
CA ARG A 41 -54.66 45.26 -19.01
C ARG A 41 -53.18 44.94 -18.93
N ILE A 42 -52.77 43.82 -19.54
CA ILE A 42 -51.48 43.18 -19.32
C ILE A 42 -50.71 43.10 -20.62
N PRO A 43 -49.61 43.86 -20.80
CA PRO A 43 -48.84 43.76 -22.05
C PRO A 43 -47.84 42.61 -21.99
N VAL A 44 -47.75 41.87 -23.09
CA VAL A 44 -46.82 40.74 -23.17
C VAL A 44 -46.02 40.87 -24.47
N LYS A 45 -44.70 40.73 -24.37
CA LYS A 45 -43.85 40.66 -25.54
C LYS A 45 -43.96 39.26 -26.14
N MET A 46 -44.36 39.19 -27.41
CA MET A 46 -44.62 37.91 -28.07
C MET A 46 -43.37 37.42 -28.78
N ASP A 47 -43.34 36.11 -29.07
CA ASP A 47 -42.14 35.51 -29.62
C ASP A 47 -41.71 36.18 -30.91
N ASP A 48 -42.66 36.73 -31.67
CA ASP A 48 -42.32 37.49 -32.87
C ASP A 48 -41.89 38.91 -32.54
N GLY A 49 -41.75 39.27 -31.27
CA GLY A 49 -41.21 40.55 -30.88
C GLY A 49 -42.21 41.68 -30.79
N THR A 50 -43.42 41.51 -31.33
CA THR A 50 -44.49 42.47 -31.17
C THR A 50 -45.05 42.41 -29.74
N THR A 51 -45.99 43.29 -29.43
CA THR A 51 -46.60 43.35 -28.12
C THR A 51 -48.08 43.02 -28.27
N GLN A 52 -48.59 42.16 -27.41
CA GLN A 52 -50.03 42.00 -27.25
C GLN A 52 -50.41 42.39 -25.83
N VAL A 53 -51.59 42.98 -25.69
CA VAL A 53 -52.12 43.38 -24.40
C VAL A 53 -53.34 42.53 -24.12
N PHE A 54 -53.36 41.86 -22.96
CA PHE A 54 -54.39 40.91 -22.59
C PHE A 54 -55.26 41.45 -21.46
N THR A 55 -56.54 41.11 -21.49
CA THR A 55 -57.46 41.55 -20.45
C THR A 55 -57.57 40.48 -19.38
N GLY A 56 -57.39 40.87 -18.12
CA GLY A 56 -57.48 39.94 -17.02
C GLY A 56 -58.44 40.42 -15.95
N TYR A 57 -58.90 39.46 -15.15
CA TYR A 57 -59.88 39.67 -14.10
C TYR A 57 -59.40 38.99 -12.81
N ARG A 58 -59.63 39.65 -11.68
CA ARG A 58 -59.53 39.00 -10.37
C ARG A 58 -60.70 39.50 -9.54
N ALA A 59 -61.56 38.57 -9.15
CA ALA A 59 -62.77 38.88 -8.40
C ALA A 59 -62.61 38.32 -7.00
N GLN A 60 -62.98 39.11 -6.02
CA GLN A 60 -62.90 38.70 -4.62
C GLN A 60 -64.31 38.86 -4.06
N HIS A 61 -65.04 37.76 -3.97
CA HIS A 61 -66.45 37.82 -3.62
C HIS A 61 -66.65 38.36 -2.21
N SER A 62 -66.11 37.67 -1.20
CA SER A 62 -66.24 38.16 0.15
C SER A 62 -65.05 37.77 1.02
N ASP A 63 -64.63 38.75 1.82
CA ASP A 63 -63.49 38.75 2.71
C ASP A 63 -63.84 38.27 4.11
N ALA A 64 -65.13 38.07 4.40
CA ALA A 64 -65.61 38.09 5.78
C ALA A 64 -65.09 36.90 6.59
N VAL A 65 -65.01 35.72 5.97
CA VAL A 65 -64.57 34.50 6.66
C VAL A 65 -63.04 34.34 6.66
N GLY A 66 -62.33 35.00 5.76
CA GLY A 66 -60.91 34.86 5.66
C GLY A 66 -60.44 35.27 4.30
N PRO A 67 -59.19 34.94 3.95
CA PRO A 67 -58.70 35.25 2.60
C PRO A 67 -59.53 34.55 1.53
N THR A 68 -59.66 35.19 0.38
CA THR A 68 -60.42 34.59 -0.70
C THR A 68 -59.57 33.57 -1.47
N LYS A 69 -60.25 32.59 -2.08
CA LYS A 69 -59.61 31.43 -2.69
C LYS A 69 -60.25 31.11 -4.03
N GLY A 70 -59.43 30.85 -5.04
CA GLY A 70 -59.96 30.43 -6.33
C GLY A 70 -58.99 30.46 -7.50
N GLY A 71 -59.24 29.62 -8.51
CA GLY A 71 -58.30 29.45 -9.60
C GLY A 71 -58.32 30.57 -10.63
N VAL A 72 -57.34 30.50 -11.53
CA VAL A 72 -57.21 31.43 -12.65
C VAL A 72 -57.45 30.68 -13.95
N ARG A 73 -58.26 31.25 -14.83
CA ARG A 73 -58.72 30.61 -16.05
C ARG A 73 -58.11 31.32 -17.25
N PHE A 74 -57.52 30.55 -18.18
CA PHE A 74 -57.00 31.06 -19.47
C PHE A 74 -57.89 30.52 -20.59
N HIS A 75 -58.75 31.36 -21.14
CA HIS A 75 -59.68 30.90 -22.16
C HIS A 75 -60.12 32.10 -22.98
N PRO A 76 -60.49 31.92 -24.25
CA PRO A 76 -60.96 33.07 -25.04
C PRO A 76 -62.35 33.56 -24.68
N MET A 77 -63.13 32.78 -23.93
CA MET A 77 -64.49 33.11 -23.52
C MET A 77 -64.57 33.67 -22.11
N VAL A 78 -63.45 34.08 -21.51
CA VAL A 78 -63.50 34.60 -20.16
C VAL A 78 -64.23 35.94 -20.16
N SER A 79 -65.32 36.02 -19.40
CA SER A 79 -66.08 37.25 -19.23
C SER A 79 -66.05 37.66 -17.77
N GLU A 80 -66.39 38.93 -17.54
CA GLU A 80 -66.51 39.42 -16.18
C GLU A 80 -67.63 38.72 -15.43
N ASP A 81 -68.73 38.40 -16.13
CA ASP A 81 -69.82 37.70 -15.46
C ASP A 81 -69.40 36.29 -15.05
N GLU A 82 -68.71 35.56 -15.92
CA GLU A 82 -68.25 34.23 -15.54
C GLU A 82 -67.33 34.29 -14.32
N VAL A 83 -66.37 35.23 -14.33
CA VAL A 83 -65.40 35.28 -13.24
C VAL A 83 -66.09 35.60 -11.91
N LYS A 84 -67.15 36.41 -11.95
CA LYS A 84 -67.86 36.72 -10.71
C LYS A 84 -68.60 35.49 -10.21
N ALA A 85 -69.36 34.84 -11.10
CA ALA A 85 -70.12 33.66 -10.70
C ALA A 85 -69.20 32.57 -10.18
N LEU A 86 -68.10 32.32 -10.91
CA LEU A 86 -67.07 31.41 -10.45
C LEU A 86 -66.62 31.79 -9.06
N SER A 87 -66.40 33.08 -8.84
CA SER A 87 -65.96 33.56 -7.55
C SER A 87 -67.01 33.33 -6.48
N MET A 88 -68.29 33.51 -6.82
CA MET A 88 -69.32 33.29 -5.80
C MET A 88 -69.45 31.83 -5.45
N TRP A 89 -69.31 30.95 -6.46
CA TRP A 89 -69.35 29.52 -6.20
C TRP A 89 -68.24 29.11 -5.23
N MET A 90 -67.05 29.70 -5.38
CA MET A 90 -65.95 29.38 -4.47
C MET A 90 -66.27 29.78 -3.03
N THR A 91 -67.04 30.86 -2.83
CA THR A 91 -67.52 31.16 -1.48
C THR A 91 -68.36 29.99 -0.95
N LEU A 92 -69.28 29.48 -1.76
CA LEU A 92 -70.22 28.46 -1.34
C LEU A 92 -69.55 27.09 -1.18
N LYS A 93 -68.67 26.70 -2.11
CA LYS A 93 -67.85 25.51 -1.92
C LYS A 93 -67.17 25.54 -0.57
N CYS A 94 -66.38 26.60 -0.34
CA CYS A 94 -65.59 26.73 0.89
C CYS A 94 -66.48 26.70 2.12
N GLY A 95 -67.68 27.27 2.02
CA GLY A 95 -68.61 27.22 3.14
C GLY A 95 -69.08 25.80 3.42
N ILE A 96 -69.54 25.12 2.37
CA ILE A 96 -70.03 23.74 2.49
C ILE A 96 -68.96 22.85 3.12
N VAL A 97 -67.70 23.09 2.79
CA VAL A 97 -66.64 22.26 3.29
C VAL A 97 -65.92 22.90 4.49
N ASP A 98 -66.37 24.09 4.90
CA ASP A 98 -66.01 24.72 6.16
C ASP A 98 -64.54 25.15 6.21
N LEU A 99 -64.10 25.87 5.16
CA LEU A 99 -62.75 26.42 5.09
C LEU A 99 -62.73 27.88 5.55
N PRO A 100 -61.66 28.33 6.20
CA PRO A 100 -61.54 29.76 6.48
C PRO A 100 -61.30 30.58 5.22
N TYR A 101 -62.13 30.39 4.19
CA TYR A 101 -61.98 31.12 2.94
C TYR A 101 -63.26 31.85 2.56
N GLY A 102 -63.08 32.95 1.82
CA GLY A 102 -64.07 33.42 0.88
C GLY A 102 -63.69 32.99 -0.54
N GLY A 103 -64.61 33.28 -1.46
CA GLY A 103 -64.40 32.92 -2.85
C GLY A 103 -63.64 34.01 -3.61
N GLY A 104 -62.64 33.58 -4.38
CA GLY A 104 -62.04 34.42 -5.40
C GLY A 104 -62.08 33.70 -6.73
N LYS A 105 -61.92 34.43 -7.82
CA LYS A 105 -61.62 33.78 -9.09
C LYS A 105 -60.86 34.75 -9.98
N GLY A 106 -60.18 34.19 -10.97
CA GLY A 106 -59.46 34.97 -11.95
C GLY A 106 -59.64 34.40 -13.35
N GLY A 107 -59.40 35.25 -14.33
CA GLY A 107 -59.46 34.85 -15.72
C GLY A 107 -58.70 35.80 -16.60
N ILE A 108 -58.17 35.28 -17.70
CA ILE A 108 -57.50 36.10 -18.70
C ILE A 108 -58.08 35.76 -20.05
N ILE A 109 -58.51 36.78 -20.79
CA ILE A 109 -59.02 36.51 -22.11
C ILE A 109 -57.82 36.25 -23.01
N CYS A 110 -57.61 34.97 -23.35
CA CYS A 110 -56.51 34.57 -24.21
C CYS A 110 -56.81 33.20 -24.76
N ASP A 111 -56.10 32.84 -25.84
CA ASP A 111 -56.16 31.46 -26.30
C ASP A 111 -54.83 30.79 -25.99
N PRO A 112 -54.72 30.04 -24.90
CA PRO A 112 -53.40 29.51 -24.52
C PRO A 112 -52.87 28.43 -25.46
N ARG A 113 -53.73 27.72 -26.19
CA ARG A 113 -53.22 26.73 -27.12
C ARG A 113 -52.53 27.38 -28.32
N GLN A 114 -52.73 28.67 -28.54
CA GLN A 114 -52.05 29.36 -29.64
C GLN A 114 -50.81 30.12 -29.18
N MET A 115 -50.30 29.83 -28.00
CA MET A 115 -49.23 30.61 -27.39
C MET A 115 -48.09 29.65 -27.02
N SER A 116 -46.87 30.14 -27.13
CA SER A 116 -45.74 29.27 -26.83
C SER A 116 -45.53 29.19 -25.32
N MET A 117 -44.66 28.27 -24.90
CA MET A 117 -44.26 28.21 -23.49
C MET A 117 -43.81 29.58 -22.97
N GLY A 118 -42.97 30.27 -23.73
CA GLY A 118 -42.42 31.53 -23.25
C GLY A 118 -43.48 32.61 -23.19
N GLU A 119 -44.41 32.61 -24.15
CA GLU A 119 -45.48 33.60 -24.11
C GLU A 119 -46.42 33.35 -22.93
N LEU A 120 -46.74 32.08 -22.65
CA LEU A 120 -47.55 31.77 -21.47
C LEU A 120 -46.86 32.23 -20.20
N GLU A 121 -45.54 32.04 -20.10
CA GLU A 121 -44.84 32.43 -18.89
C GLU A 121 -44.93 33.93 -18.68
N ARG A 122 -44.70 34.70 -19.74
CA ARG A 122 -44.74 36.15 -19.63
C ARG A 122 -46.16 36.67 -19.38
N LEU A 123 -47.17 36.02 -19.97
CA LEU A 123 -48.54 36.33 -19.61
C LEU A 123 -48.81 36.06 -18.13
N SER A 124 -48.33 34.92 -17.64
CA SER A 124 -48.52 34.57 -16.23
C SER A 124 -47.78 35.53 -15.31
N ARG A 125 -46.57 35.94 -15.68
CA ARG A 125 -45.86 36.89 -14.81
C ARG A 125 -46.55 38.25 -14.84
N GLY A 126 -46.98 38.69 -16.02
CA GLY A 126 -47.72 39.94 -16.12
C GLY A 126 -48.96 39.95 -15.26
N TYR A 127 -49.74 38.86 -15.31
CA TYR A 127 -50.96 38.78 -14.50
C TYR A 127 -50.65 38.99 -13.02
N VAL A 128 -49.60 38.36 -12.51
CA VAL A 128 -49.25 38.56 -11.10
C VAL A 128 -48.79 40.00 -10.84
N ARG A 129 -47.95 40.54 -11.71
CA ARG A 129 -47.53 41.93 -11.53
C ARG A 129 -48.72 42.89 -11.63
N ALA A 130 -49.71 42.57 -12.47
CA ALA A 130 -50.87 43.45 -12.59
C ALA A 130 -51.77 43.43 -11.34
N ILE A 131 -51.88 42.29 -10.65
CA ILE A 131 -52.86 42.19 -9.57
C ILE A 131 -52.22 42.10 -8.20
N SER A 132 -50.89 42.17 -8.11
CA SER A 132 -50.19 41.83 -6.87
C SER A 132 -50.65 42.65 -5.67
N GLN A 133 -51.13 43.87 -5.92
CA GLN A 133 -51.51 44.75 -4.83
C GLN A 133 -52.71 44.23 -4.05
N ILE A 134 -53.51 43.33 -4.61
CA ILE A 134 -54.69 42.87 -3.90
C ILE A 134 -54.68 41.37 -3.64
N VAL A 135 -53.56 40.69 -3.87
CA VAL A 135 -53.46 39.24 -3.66
C VAL A 135 -52.27 38.93 -2.77
N GLY A 136 -52.21 37.68 -2.32
CA GLY A 136 -51.17 37.24 -1.43
C GLY A 136 -51.63 36.21 -0.42
N PRO A 137 -50.68 35.63 0.31
CA PRO A 137 -51.01 34.50 1.20
C PRO A 137 -52.05 34.81 2.25
N THR A 138 -52.14 36.08 2.68
CA THR A 138 -53.11 36.50 3.69
C THR A 138 -54.32 37.23 3.09
N LYS A 139 -54.36 37.44 1.78
CA LYS A 139 -55.43 38.21 1.11
C LYS A 139 -56.24 37.37 0.14
N ASP A 140 -55.58 36.81 -0.87
CA ASP A 140 -56.27 36.17 -1.98
C ASP A 140 -55.31 35.17 -2.61
N ILE A 141 -55.72 33.92 -2.70
CA ILE A 141 -54.83 32.81 -3.00
C ILE A 141 -55.29 32.15 -4.30
N PRO A 142 -54.70 32.52 -5.47
CA PRO A 142 -55.11 31.88 -6.72
C PRO A 142 -54.67 30.42 -6.82
N GLY A 143 -55.01 29.78 -7.92
CA GLY A 143 -54.73 28.39 -8.14
C GLY A 143 -55.00 28.03 -9.58
N PRO A 144 -54.86 26.75 -9.92
CA PRO A 144 -55.18 26.32 -11.28
C PRO A 144 -56.69 26.21 -11.49
N ASP A 145 -57.05 26.35 -12.75
CA ASP A 145 -58.36 26.00 -13.29
C ASP A 145 -58.09 25.56 -14.72
N MET A 146 -59.13 25.23 -15.48
CA MET A 146 -58.91 24.56 -16.74
C MET A 146 -58.01 25.37 -17.66
N PHE A 147 -57.03 24.66 -18.27
CA PHE A 147 -55.99 25.13 -19.18
C PHE A 147 -54.84 25.83 -18.48
N THR A 148 -54.88 25.99 -17.15
CA THR A 148 -53.75 26.44 -16.35
C THR A 148 -53.39 25.30 -15.41
N ASN A 149 -52.12 25.24 -15.02
CA ASN A 149 -51.60 24.01 -14.44
C ASN A 149 -50.46 24.33 -13.50
N ALA A 150 -49.75 23.29 -13.06
CA ALA A 150 -48.71 23.45 -12.05
C ALA A 150 -47.55 24.31 -12.55
N GLN A 151 -47.17 24.18 -13.83
CA GLN A 151 -46.07 24.98 -14.36
C GLN A 151 -46.42 26.46 -14.36
N ILE A 152 -47.66 26.79 -14.72
CA ILE A 152 -48.15 28.17 -14.63
C ILE A 152 -48.21 28.63 -13.18
N MET A 153 -48.66 27.75 -12.26
CA MET A 153 -48.60 28.09 -10.85
C MET A 153 -47.17 28.33 -10.41
N ALA A 154 -46.23 27.51 -10.90
CA ALA A 154 -44.84 27.70 -10.51
C ALA A 154 -44.33 29.06 -10.96
N TRP A 155 -44.67 29.44 -12.20
CA TRP A 155 -44.25 30.72 -12.74
C TRP A 155 -44.86 31.87 -11.95
N MET A 156 -46.14 31.75 -11.56
CA MET A 156 -46.81 32.81 -10.82
C MET A 156 -46.28 32.91 -9.40
N MET A 157 -46.06 31.76 -8.75
CA MET A 157 -45.37 31.74 -7.47
C MET A 157 -44.00 32.39 -7.57
N ASP A 158 -43.21 32.06 -8.60
CA ASP A 158 -41.89 32.68 -8.71
C ASP A 158 -42.00 34.18 -8.79
N GLU A 159 -42.90 34.70 -9.64
CA GLU A 159 -43.01 36.15 -9.83
C GLU A 159 -43.47 36.85 -8.56
N TYR A 160 -44.45 36.28 -7.84
CA TYR A 160 -44.86 36.87 -6.58
C TYR A 160 -43.72 36.86 -5.57
N SER A 161 -42.90 35.80 -5.59
CA SER A 161 -41.83 35.68 -4.60
C SER A 161 -40.73 36.68 -4.86
N ARG A 162 -40.40 36.93 -6.13
CA ARG A 162 -39.37 37.91 -6.44
C ARG A 162 -39.80 39.32 -6.00
N MET A 163 -41.08 39.65 -6.13
CA MET A 163 -41.58 40.95 -5.68
C MET A 163 -41.49 41.10 -4.17
N ASP A 164 -41.96 40.11 -3.40
CA ASP A 164 -41.82 40.13 -1.95
C ASP A 164 -40.39 40.10 -1.47
N GLU A 165 -39.42 39.72 -2.33
CA GLU A 165 -38.03 39.44 -1.95
C GLU A 165 -37.91 38.29 -0.94
N PHE A 166 -38.84 37.32 -1.01
CA PHE A 166 -38.74 36.07 -0.24
C PHE A 166 -39.79 35.10 -0.75
N ASN A 167 -39.52 33.81 -0.53
CA ASN A 167 -40.42 32.75 -0.98
C ASN A 167 -41.79 32.88 -0.30
N SER A 168 -42.84 32.90 -1.13
CA SER A 168 -44.22 32.88 -0.66
C SER A 168 -44.96 31.73 -1.33
N PRO A 169 -44.66 30.48 -0.94
CA PRO A 169 -45.46 29.34 -1.42
C PRO A 169 -46.96 29.47 -1.19
N GLY A 170 -47.37 30.13 -0.11
CA GLY A 170 -48.77 30.25 0.25
C GLY A 170 -49.56 31.23 -0.57
N PHE A 171 -48.91 31.95 -1.50
CA PHE A 171 -49.63 32.81 -2.42
C PHE A 171 -50.57 32.03 -3.33
N ILE A 172 -50.15 30.85 -3.81
CA ILE A 172 -50.86 30.15 -4.87
C ILE A 172 -50.83 28.65 -4.61
N THR A 173 -51.90 27.95 -4.99
CA THR A 173 -51.95 26.50 -4.79
C THR A 173 -51.94 25.75 -6.12
N GLY A 174 -51.90 24.43 -6.03
CA GLY A 174 -51.61 23.62 -7.19
C GLY A 174 -50.15 23.65 -7.61
N LYS A 175 -49.27 24.10 -6.72
CA LYS A 175 -47.84 24.12 -7.00
C LYS A 175 -47.30 22.70 -7.20
N PRO A 176 -46.20 22.55 -7.95
CA PRO A 176 -45.42 21.31 -7.89
C PRO A 176 -44.97 21.00 -6.47
N LEU A 177 -44.74 19.70 -6.20
CA LEU A 177 -44.30 19.30 -4.87
C LEU A 177 -42.96 19.94 -4.52
N VAL A 178 -42.04 20.04 -5.48
CA VAL A 178 -40.75 20.57 -5.12
C VAL A 178 -40.84 22.06 -4.79
N LEU A 179 -41.95 22.72 -5.17
CA LEU A 179 -42.18 24.12 -4.81
C LEU A 179 -43.10 24.27 -3.61
N GLY A 180 -43.32 23.22 -2.83
CA GLY A 180 -44.22 23.30 -1.70
C GLY A 180 -45.67 22.97 -2.01
N GLY A 181 -45.93 22.20 -3.04
CA GLY A 181 -47.26 21.72 -3.25
C GLY A 181 -47.62 20.63 -2.26
N SER A 182 -48.82 20.10 -2.45
CA SER A 182 -49.39 19.10 -1.56
C SER A 182 -49.53 17.76 -2.27
N LYS A 183 -49.42 16.67 -1.50
CA LYS A 183 -49.83 15.39 -2.03
C LYS A 183 -51.34 15.38 -2.27
N GLY A 184 -51.76 14.66 -3.31
CA GLY A 184 -53.16 14.54 -3.61
C GLY A 184 -53.76 15.64 -4.45
N ARG A 185 -52.96 16.59 -4.97
CA ARG A 185 -53.59 17.72 -5.65
C ARG A 185 -54.18 17.31 -6.99
N ASP A 186 -53.52 16.39 -7.70
CA ASP A 186 -53.97 16.04 -9.05
C ASP A 186 -55.30 15.30 -9.02
N ARG A 187 -55.49 14.38 -8.08
CA ARG A 187 -56.73 13.61 -8.04
C ARG A 187 -57.79 14.19 -7.12
N ALA A 188 -57.56 15.36 -6.51
CA ALA A 188 -58.42 15.86 -5.44
C ALA A 188 -59.86 16.03 -5.91
N THR A 189 -60.07 16.73 -7.03
CA THR A 189 -61.41 16.96 -7.53
C THR A 189 -62.15 15.66 -7.80
N ALA A 190 -61.56 14.80 -8.64
CA ALA A 190 -62.24 13.56 -9.00
C ALA A 190 -62.37 12.62 -7.81
N GLU A 191 -61.43 12.65 -6.88
CA GLU A 191 -61.55 11.87 -5.66
C GLU A 191 -62.71 12.37 -4.79
N GLY A 192 -62.89 13.70 -4.72
CA GLY A 192 -64.06 14.24 -4.07
C GLY A 192 -65.34 13.88 -4.80
N VAL A 193 -65.31 13.93 -6.12
CA VAL A 193 -66.52 13.57 -6.87
C VAL A 193 -66.84 12.10 -6.66
N THR A 194 -65.81 11.25 -6.51
CA THR A 194 -66.03 9.83 -6.29
C THR A 194 -66.71 9.56 -4.95
N ILE A 195 -66.36 10.34 -3.93
CA ILE A 195 -66.96 10.15 -2.61
C ILE A 195 -68.45 10.48 -2.63
N VAL A 196 -68.84 11.59 -3.29
CA VAL A 196 -70.26 11.92 -3.30
C VAL A 196 -71.05 10.96 -4.20
N ILE A 197 -70.41 10.41 -5.24
CA ILE A 197 -71.02 9.32 -6.00
C ILE A 197 -71.32 8.13 -5.08
N GLN A 198 -70.35 7.76 -4.25
CA GLN A 198 -70.56 6.63 -3.35
C GLN A 198 -71.65 6.92 -2.34
N GLU A 199 -71.69 8.16 -1.84
CA GLU A 199 -72.70 8.52 -0.85
C GLU A 199 -74.07 8.64 -1.49
N ALA A 200 -74.14 9.24 -2.69
CA ALA A 200 -75.41 9.28 -3.41
C ALA A 200 -75.88 7.88 -3.75
N ALA A 201 -74.95 7.01 -4.16
CA ALA A 201 -75.29 5.63 -4.45
C ALA A 201 -75.91 4.92 -3.25
N LYS A 202 -75.44 5.23 -2.03
CA LYS A 202 -75.99 4.56 -0.87
C LYS A 202 -77.43 5.01 -0.62
N LYS A 203 -77.68 6.32 -0.68
CA LYS A 203 -79.03 6.85 -0.55
C LYS A 203 -79.99 6.12 -1.48
N ARG A 204 -79.65 6.06 -2.75
CA ARG A 204 -80.49 5.48 -3.79
C ARG A 204 -80.41 3.95 -3.86
N ASN A 205 -79.55 3.33 -3.05
CA ASN A 205 -79.41 1.87 -3.03
C ASN A 205 -78.98 1.32 -4.38
N ILE A 206 -77.91 1.91 -4.91
CA ILE A 206 -77.24 1.43 -6.11
C ILE A 206 -75.86 0.89 -5.70
N ASP A 207 -75.55 -0.32 -6.15
CA ASP A 207 -74.24 -0.92 -5.93
C ASP A 207 -73.27 -0.37 -6.97
N ILE A 208 -72.19 0.26 -6.50
CA ILE A 208 -71.21 0.84 -7.42
C ILE A 208 -70.61 -0.25 -8.31
N LYS A 209 -70.26 -1.40 -7.71
CA LYS A 209 -69.73 -2.51 -8.50
C LYS A 209 -70.81 -3.03 -9.45
N GLY A 210 -70.70 -2.65 -10.72
CA GLY A 210 -71.72 -2.94 -11.71
C GLY A 210 -72.55 -1.74 -12.10
N ALA A 211 -72.35 -0.60 -11.45
CA ALA A 211 -73.11 0.60 -11.77
C ALA A 211 -72.72 1.16 -13.14
N ARG A 212 -73.71 1.58 -13.90
CA ARG A 212 -73.49 2.21 -15.19
C ARG A 212 -73.32 3.71 -14.99
N VAL A 213 -72.11 4.21 -15.22
CA VAL A 213 -71.86 5.64 -15.10
C VAL A 213 -71.45 6.20 -16.45
N VAL A 214 -71.80 7.47 -16.68
CA VAL A 214 -71.48 8.21 -17.89
C VAL A 214 -70.84 9.52 -17.49
N ILE A 215 -69.74 9.88 -18.16
CA ILE A 215 -68.96 11.06 -17.80
C ILE A 215 -68.81 11.94 -19.04
N GLN A 216 -69.28 13.18 -18.94
CA GLN A 216 -69.03 14.18 -19.97
C GLN A 216 -67.76 14.91 -19.60
N GLY A 217 -66.78 14.90 -20.51
CA GLY A 217 -65.48 15.51 -20.22
C GLY A 217 -64.45 14.46 -19.93
N PHE A 218 -63.23 14.65 -20.42
CA PHE A 218 -62.16 13.69 -20.19
C PHE A 218 -60.87 14.40 -19.81
N GLY A 219 -60.99 15.52 -19.10
CA GLY A 219 -59.83 16.26 -18.65
C GLY A 219 -59.34 15.80 -17.31
N ASN A 220 -58.90 16.71 -16.44
CA ASN A 220 -58.44 16.31 -15.12
C ASN A 220 -59.55 15.65 -14.32
N ALA A 221 -60.69 16.32 -14.19
CA ALA A 221 -61.80 15.69 -13.48
C ALA A 221 -62.28 14.43 -14.20
N GLY A 222 -62.62 14.56 -15.49
CA GLY A 222 -63.23 13.44 -16.20
C GLY A 222 -62.37 12.18 -16.23
N SER A 223 -61.10 12.32 -16.63
CA SER A 223 -60.26 11.15 -16.79
C SER A 223 -59.85 10.55 -15.44
N PHE A 224 -59.55 11.37 -14.44
CA PHE A 224 -59.28 10.80 -13.12
C PHE A 224 -60.51 10.11 -12.58
N LEU A 225 -61.68 10.71 -12.81
CA LEU A 225 -62.91 10.12 -12.30
C LEU A 225 -63.23 8.79 -12.99
N ALA A 226 -62.94 8.68 -14.29
CA ALA A 226 -63.22 7.43 -14.98
C ALA A 226 -62.36 6.31 -14.43
N LYS A 227 -61.08 6.59 -14.17
CA LYS A 227 -60.20 5.59 -13.55
C LYS A 227 -60.75 5.16 -12.20
N PHE A 228 -61.15 6.10 -11.35
CA PHE A 228 -61.67 5.75 -10.04
C PHE A 228 -62.92 4.90 -10.16
N MET A 229 -63.86 5.30 -11.03
CA MET A 229 -65.08 4.54 -11.21
C MET A 229 -64.78 3.15 -11.77
N SER A 230 -63.79 3.06 -12.66
CA SER A 230 -63.53 1.78 -13.30
C SER A 230 -63.03 0.77 -12.28
N ASP A 231 -61.95 1.08 -11.57
CA ASP A 231 -61.44 0.08 -10.65
C ASP A 231 -62.17 0.09 -9.31
N LEU A 232 -63.26 0.83 -9.21
CA LEU A 232 -64.25 0.59 -8.19
C LEU A 232 -65.32 -0.39 -8.67
N GLY A 233 -65.23 -0.85 -9.89
CA GLY A 233 -66.13 -1.87 -10.38
C GLY A 233 -67.29 -1.35 -11.20
N ALA A 234 -67.45 -0.04 -11.29
CA ALA A 234 -68.46 0.53 -12.16
C ALA A 234 -68.12 0.27 -13.62
N LYS A 235 -69.14 0.30 -14.46
CA LYS A 235 -68.96 0.26 -15.90
C LYS A 235 -69.09 1.69 -16.41
N VAL A 236 -67.98 2.25 -16.89
CA VAL A 236 -68.04 3.60 -17.45
C VAL A 236 -68.56 3.50 -18.88
N ILE A 237 -69.89 3.58 -19.00
CA ILE A 237 -70.62 3.31 -20.24
C ILE A 237 -70.30 4.34 -21.32
N GLY A 238 -69.90 5.55 -20.94
CA GLY A 238 -69.57 6.55 -21.93
C GLY A 238 -68.66 7.63 -21.39
N ILE A 239 -67.67 8.05 -22.18
CA ILE A 239 -66.91 9.25 -21.85
C ILE A 239 -67.04 10.20 -23.02
N SER A 240 -66.74 11.47 -22.74
CA SER A 240 -67.00 12.52 -23.71
C SER A 240 -65.79 13.44 -23.86
N ASP A 241 -65.88 14.27 -24.88
CA ASP A 241 -64.78 15.08 -25.35
C ASP A 241 -65.34 16.37 -25.88
N ALA A 242 -64.47 17.39 -25.98
CA ALA A 242 -64.86 18.58 -26.72
C ALA A 242 -65.27 18.28 -28.16
N TYR A 243 -64.91 17.09 -28.70
CA TYR A 243 -65.16 16.75 -30.09
C TYR A 243 -66.12 15.59 -30.32
N GLY A 244 -66.37 14.76 -29.33
CA GLY A 244 -67.31 13.68 -29.51
C GLY A 244 -67.45 12.85 -28.26
N ALA A 245 -67.96 11.65 -28.42
CA ALA A 245 -68.17 10.77 -27.27
C ALA A 245 -68.02 9.32 -27.69
N LEU A 246 -67.76 8.48 -26.69
CA LEU A 246 -67.59 7.05 -26.88
C LEU A 246 -68.64 6.32 -26.06
N HIS A 247 -69.14 5.21 -26.57
CA HIS A 247 -70.21 4.49 -25.89
C HIS A 247 -69.91 2.99 -25.94
N ASP A 248 -69.91 2.33 -24.77
CA ASP A 248 -69.78 0.88 -24.69
C ASP A 248 -70.62 0.36 -23.53
N PRO A 249 -71.70 -0.38 -23.80
CA PRO A 249 -72.54 -0.89 -22.70
C PRO A 249 -71.81 -1.86 -21.78
N ASN A 250 -70.79 -2.55 -22.28
CA ASN A 250 -69.92 -3.33 -21.39
C ASN A 250 -69.05 -2.44 -20.51
N GLY A 251 -69.04 -1.12 -20.74
CA GLY A 251 -68.09 -0.24 -20.10
C GLY A 251 -66.81 -0.14 -20.91
N LEU A 252 -66.23 1.05 -20.98
CA LEU A 252 -65.08 1.32 -21.84
C LEU A 252 -63.77 0.91 -21.16
N ASP A 253 -62.78 0.58 -21.99
CA ASP A 253 -61.42 0.34 -21.52
C ASP A 253 -60.83 1.71 -21.21
N ILE A 254 -60.85 2.10 -19.92
CA ILE A 254 -60.42 3.44 -19.54
C ILE A 254 -58.90 3.54 -19.59
N ASP A 255 -58.21 2.46 -19.20
CA ASP A 255 -56.75 2.44 -19.28
C ASP A 255 -56.29 2.67 -20.71
N TYR A 256 -56.93 1.99 -21.67
CA TYR A 256 -56.62 2.22 -23.07
C TYR A 256 -56.76 3.69 -23.43
N LEU A 257 -57.84 4.33 -22.96
CA LEU A 257 -58.11 5.72 -23.29
C LEU A 257 -57.14 6.66 -22.57
N LEU A 258 -56.83 6.38 -21.30
CA LEU A 258 -55.89 7.23 -20.58
C LEU A 258 -54.52 7.24 -21.24
N ASP A 259 -54.13 6.11 -21.85
CA ASP A 259 -52.83 5.98 -22.49
C ASP A 259 -52.71 6.81 -23.76
N ARG A 260 -53.83 7.26 -24.34
CA ARG A 260 -53.84 7.94 -25.63
C ARG A 260 -54.46 9.31 -25.55
N ARG A 261 -54.93 9.71 -24.38
CA ARG A 261 -55.50 11.03 -24.17
C ARG A 261 -54.38 12.05 -24.02
N ASP A 262 -54.55 13.22 -24.64
CA ASP A 262 -53.51 14.25 -24.57
C ASP A 262 -53.67 15.11 -23.30
N SER A 263 -52.77 16.08 -23.13
CA SER A 263 -52.79 16.91 -21.94
C SER A 263 -54.07 17.72 -21.85
N PHE A 264 -54.67 18.06 -22.98
CA PHE A 264 -55.92 18.82 -22.98
C PHE A 264 -57.15 17.93 -22.85
N GLY A 265 -56.97 16.64 -22.56
CA GLY A 265 -58.09 15.77 -22.28
C GLY A 265 -58.97 15.49 -23.48
N THR A 266 -58.38 15.34 -24.67
CA THR A 266 -59.12 14.91 -25.85
C THR A 266 -58.56 13.58 -26.32
N VAL A 267 -59.46 12.71 -26.78
CA VAL A 267 -59.13 11.31 -27.06
C VAL A 267 -60.11 10.77 -28.09
N THR A 268 -61.22 11.49 -28.28
CA THR A 268 -62.29 11.04 -29.16
C THR A 268 -61.89 11.10 -30.63
N THR A 269 -61.03 12.06 -31.01
CA THR A 269 -60.64 12.21 -32.41
C THR A 269 -59.95 10.98 -32.98
N LEU A 270 -59.50 10.06 -32.11
CA LEU A 270 -58.82 8.85 -32.59
C LEU A 270 -59.79 7.81 -33.13
N PHE A 271 -61.07 7.91 -32.80
CA PHE A 271 -62.05 6.89 -33.13
C PHE A 271 -62.95 7.36 -34.26
N GLU A 272 -63.42 6.40 -35.05
CA GLU A 272 -64.41 6.71 -36.09
C GLU A 272 -65.81 6.68 -35.52
N ASN A 273 -66.19 5.59 -34.88
CA ASN A 273 -67.55 5.45 -34.36
C ASN A 273 -67.80 6.35 -33.16
N THR A 274 -67.88 7.66 -33.39
CA THR A 274 -68.20 8.55 -32.29
C THR A 274 -69.71 8.80 -32.22
N ILE A 275 -70.11 9.31 -31.05
CA ILE A 275 -71.47 9.71 -30.73
C ILE A 275 -71.39 11.15 -30.22
N THR A 276 -72.45 11.92 -30.45
CA THR A 276 -72.45 13.32 -30.08
C THR A 276 -72.54 13.49 -28.55
N ASN A 277 -72.21 14.70 -28.08
CA ASN A 277 -72.35 15.01 -26.66
C ASN A 277 -73.81 15.06 -26.22
N GLN A 278 -74.68 15.59 -27.07
CA GLN A 278 -76.10 15.60 -26.73
C GLN A 278 -76.65 14.19 -26.63
N GLU A 279 -76.11 13.25 -27.40
CA GLU A 279 -76.47 11.85 -27.20
C GLU A 279 -75.93 11.30 -25.88
N LEU A 280 -74.70 11.66 -25.52
CA LEU A 280 -74.08 11.09 -24.33
C LEU A 280 -74.87 11.44 -23.07
N LEU A 281 -75.38 12.67 -22.99
CA LEU A 281 -76.14 13.07 -21.81
C LEU A 281 -77.42 12.27 -21.66
N GLU A 282 -77.92 11.70 -22.75
CA GLU A 282 -79.24 11.10 -22.78
C GLU A 282 -79.23 9.58 -22.72
N LEU A 283 -78.07 8.93 -22.78
CA LEU A 283 -78.13 7.47 -22.79
C LEU A 283 -78.42 6.94 -21.40
N ASP A 284 -79.07 5.77 -21.36
CA ASP A 284 -79.53 5.18 -20.11
C ASP A 284 -78.34 4.73 -19.25
N CYS A 285 -78.35 5.15 -17.99
CA CYS A 285 -77.29 4.85 -17.04
C CYS A 285 -77.86 5.02 -15.64
N ASP A 286 -77.00 4.85 -14.62
CA ASP A 286 -77.39 5.12 -13.24
C ASP A 286 -76.80 6.42 -12.69
N ILE A 287 -75.61 6.81 -13.15
CA ILE A 287 -74.93 8.02 -12.71
C ILE A 287 -74.47 8.80 -13.94
N LEU A 288 -74.88 10.06 -14.04
CA LEU A 288 -74.41 10.96 -15.08
C LEU A 288 -73.55 12.03 -14.41
N VAL A 289 -72.32 12.19 -14.87
CA VAL A 289 -71.38 13.14 -14.27
C VAL A 289 -70.94 14.13 -15.34
N PRO A 290 -71.54 15.31 -15.39
CA PRO A 290 -71.03 16.38 -16.27
C PRO A 290 -69.76 16.97 -15.70
N ALA A 291 -68.66 16.80 -16.43
CA ALA A 291 -67.33 17.19 -15.99
C ALA A 291 -66.59 17.92 -17.11
N ALA A 292 -67.34 18.54 -18.01
CA ALA A 292 -66.82 19.39 -19.06
C ALA A 292 -67.06 20.85 -18.72
N ILE A 293 -68.02 21.49 -19.39
CA ILE A 293 -68.23 22.92 -19.26
C ILE A 293 -69.63 23.19 -18.73
N GLU A 294 -70.06 24.44 -18.85
CA GLU A 294 -71.29 24.94 -18.24
C GLU A 294 -72.48 24.77 -19.18
N ASN A 295 -73.66 24.61 -18.57
CA ASN A 295 -74.95 24.67 -19.24
C ASN A 295 -75.12 23.54 -20.24
N GLN A 296 -74.69 22.35 -19.87
CA GLN A 296 -74.84 21.21 -20.74
C GLN A 296 -76.18 20.53 -20.56
N ILE A 297 -76.77 20.65 -19.38
CA ILE A 297 -78.12 20.18 -19.11
C ILE A 297 -79.02 21.41 -19.02
N THR A 298 -79.93 21.54 -19.97
CA THR A 298 -80.78 22.72 -20.08
C THR A 298 -82.24 22.34 -20.08
N ALA A 299 -83.10 23.26 -20.50
CA ALA A 299 -84.52 22.91 -20.55
C ALA A 299 -84.83 22.03 -21.75
N GLU A 300 -84.00 22.08 -22.81
CA GLU A 300 -84.26 21.29 -24.00
C GLU A 300 -83.99 19.80 -23.81
N ASN A 301 -83.21 19.43 -22.77
CA ASN A 301 -82.81 18.04 -22.61
C ASN A 301 -82.97 17.49 -21.20
N ALA A 302 -83.34 18.30 -20.20
CA ALA A 302 -83.39 17.77 -18.84
C ALA A 302 -84.49 16.73 -18.66
N HIS A 303 -85.51 16.71 -19.53
CA HIS A 303 -86.48 15.63 -19.45
C HIS A 303 -85.91 14.33 -20.01
N ASN A 304 -85.01 14.42 -20.99
CA ASN A 304 -84.45 13.27 -21.69
C ASN A 304 -83.29 12.61 -20.97
N ILE A 305 -83.00 13.03 -19.74
CA ILE A 305 -81.90 12.47 -18.97
C ILE A 305 -82.39 11.23 -18.23
N LYS A 306 -81.68 10.12 -18.39
CA LYS A 306 -82.14 8.84 -17.89
C LYS A 306 -81.42 8.39 -16.63
N ALA A 307 -80.43 9.14 -16.16
CA ALA A 307 -79.73 8.74 -14.95
C ALA A 307 -80.63 8.91 -13.73
N THR A 308 -80.39 8.10 -12.70
CA THR A 308 -81.03 8.29 -11.40
C THR A 308 -80.32 9.34 -10.57
N ILE A 309 -79.02 9.47 -10.77
CA ILE A 309 -78.15 10.38 -10.03
C ILE A 309 -77.37 11.19 -11.05
N VAL A 310 -77.32 12.51 -10.89
CA VAL A 310 -76.37 13.29 -11.65
C VAL A 310 -75.56 14.13 -10.66
N VAL A 311 -74.24 14.01 -10.76
CA VAL A 311 -73.35 14.76 -9.89
C VAL A 311 -72.50 15.67 -10.76
N GLU A 312 -72.35 16.91 -10.31
CA GLU A 312 -71.73 17.96 -11.10
C GLU A 312 -70.26 18.05 -10.68
N ALA A 313 -69.39 17.41 -11.45
CA ALA A 313 -67.97 17.62 -11.24
C ALA A 313 -67.55 18.98 -11.79
N ALA A 314 -68.14 19.38 -12.92
CA ALA A 314 -67.88 20.66 -13.54
C ALA A 314 -68.61 21.79 -12.81
N ASN A 315 -68.10 23.01 -12.99
CA ASN A 315 -68.78 24.21 -12.51
C ASN A 315 -69.96 24.56 -13.41
N GLY A 316 -71.15 24.62 -12.83
CA GLY A 316 -72.34 25.09 -13.51
C GLY A 316 -72.77 24.33 -14.75
N PRO A 317 -72.80 22.99 -14.69
CA PRO A 317 -73.23 22.22 -15.87
C PRO A 317 -74.73 22.23 -16.15
N THR A 318 -75.58 22.43 -15.14
CA THR A 318 -77.01 22.39 -15.34
C THR A 318 -77.63 23.72 -14.95
N THR A 319 -78.65 24.14 -15.71
CA THR A 319 -79.26 25.45 -15.56
C THR A 319 -80.34 25.43 -14.47
N SER A 320 -80.87 26.62 -14.18
CA SER A 320 -81.86 26.74 -13.11
C SER A 320 -83.13 25.95 -13.43
N GLU A 321 -83.66 26.09 -14.65
CA GLU A 321 -84.84 25.32 -15.01
C GLU A 321 -84.53 23.83 -15.16
N ALA A 322 -83.30 23.48 -15.53
CA ALA A 322 -82.93 22.06 -15.55
C ALA A 322 -82.96 21.46 -14.15
N THR A 323 -82.41 22.18 -13.16
CA THR A 323 -82.39 21.66 -11.80
C THR A 323 -83.80 21.40 -11.29
N LYS A 324 -84.73 22.28 -11.66
CA LYS A 324 -86.11 22.11 -11.23
C LYS A 324 -86.77 20.95 -11.96
N ILE A 325 -86.49 20.81 -13.26
CA ILE A 325 -87.02 19.67 -14.00
C ILE A 325 -86.46 18.36 -13.45
N LEU A 326 -85.15 18.33 -13.20
CA LEU A 326 -84.52 17.11 -12.67
C LEU A 326 -85.11 16.73 -11.33
N THR A 327 -85.16 17.68 -10.40
CA THR A 327 -85.63 17.34 -9.06
C THR A 327 -87.10 16.94 -9.08
N GLU A 328 -87.88 17.49 -10.03
CA GLU A 328 -89.28 17.09 -10.12
C GLU A 328 -89.42 15.68 -10.68
N ARG A 329 -88.48 15.24 -11.50
CA ARG A 329 -88.45 13.89 -12.06
C ARG A 329 -87.95 12.84 -11.08
N GLY A 330 -87.58 13.24 -9.86
CA GLY A 330 -87.07 12.32 -8.87
C GLY A 330 -85.58 12.08 -8.91
N ILE A 331 -84.83 12.83 -9.72
CA ILE A 331 -83.37 12.65 -9.81
C ILE A 331 -82.71 13.12 -8.52
N LEU A 332 -81.62 12.46 -8.14
CA LEU A 332 -80.78 12.92 -7.03
C LEU A 332 -79.64 13.76 -7.61
N LEU A 333 -79.85 15.07 -7.65
CA LEU A 333 -78.86 16.00 -8.17
C LEU A 333 -77.88 16.33 -7.06
N VAL A 334 -76.59 16.14 -7.32
CA VAL A 334 -75.56 16.58 -6.38
C VAL A 334 -74.88 17.81 -6.98
N PRO A 335 -75.10 18.99 -6.41
CA PRO A 335 -74.68 20.22 -7.08
C PRO A 335 -73.17 20.43 -7.05
N ASP A 336 -72.68 21.19 -8.04
CA ASP A 336 -71.24 21.39 -8.24
C ASP A 336 -70.57 21.96 -6.99
N VAL A 337 -71.23 22.90 -6.33
CA VAL A 337 -70.74 23.52 -5.12
C VAL A 337 -70.37 22.48 -4.07
N LEU A 338 -71.12 21.37 -4.01
CA LEU A 338 -70.76 20.23 -3.16
C LEU A 338 -69.73 19.33 -3.83
N ALA A 339 -70.05 18.85 -5.04
CA ALA A 339 -69.39 17.68 -5.59
C ALA A 339 -67.93 17.96 -5.94
N SER A 340 -67.58 19.21 -6.22
CA SER A 340 -66.23 19.52 -6.66
C SER A 340 -65.41 20.22 -5.58
N ALA A 341 -65.95 20.30 -4.35
CA ALA A 341 -65.23 20.93 -3.24
C ALA A 341 -63.96 20.19 -2.88
N GLY A 342 -63.76 18.98 -3.43
CA GLY A 342 -62.54 18.23 -3.16
C GLY A 342 -61.30 18.96 -3.59
N GLY A 343 -61.36 19.66 -4.73
CA GLY A 343 -60.23 20.46 -5.18
C GLY A 343 -59.96 21.66 -4.29
N ALA A 344 -61.02 22.33 -3.82
CA ALA A 344 -60.77 23.42 -2.88
C ALA A 344 -60.30 22.89 -1.54
N THR A 345 -60.78 21.71 -1.13
CA THR A 345 -60.31 21.13 0.12
C THR A 345 -58.82 20.88 0.10
N VAL A 346 -58.33 20.20 -0.95
CA VAL A 346 -56.91 19.89 -0.99
C VAL A 346 -56.07 21.14 -1.24
N SER A 347 -56.57 22.09 -2.03
CA SER A 347 -55.87 23.36 -2.19
C SER A 347 -55.71 24.09 -0.86
N TYR A 348 -56.70 23.97 0.02
CA TYR A 348 -56.61 24.54 1.37
C TYR A 348 -55.55 23.82 2.21
N PHE A 349 -55.44 22.48 2.10
CA PHE A 349 -54.39 21.75 2.80
C PHE A 349 -53.00 22.19 2.35
N GLU A 350 -52.80 22.37 1.04
CA GLU A 350 -51.55 22.93 0.53
C GLU A 350 -51.21 24.25 1.22
N TRP A 351 -52.21 25.13 1.32
CA TRP A 351 -52.02 26.41 1.99
C TRP A 351 -51.68 26.23 3.46
N VAL A 352 -52.40 25.34 4.15
CA VAL A 352 -52.10 25.09 5.55
C VAL A 352 -50.66 24.59 5.70
N GLN A 353 -50.23 23.70 4.82
CA GLN A 353 -48.85 23.20 4.90
C GLN A 353 -47.84 24.31 4.65
N ASN A 354 -48.15 25.21 3.69
CA ASN A 354 -47.27 26.35 3.49
C ASN A 354 -47.20 27.24 4.72
N ASN A 355 -48.34 27.49 5.39
CA ASN A 355 -48.31 28.33 6.58
C ASN A 355 -47.41 27.74 7.64
N MET A 356 -47.44 26.42 7.82
CA MET A 356 -46.59 25.83 8.84
C MET A 356 -45.18 25.51 8.35
N GLY A 357 -44.98 25.37 7.04
CA GLY A 357 -43.68 24.94 6.53
C GLY A 357 -43.41 23.47 6.71
N TYR A 358 -44.45 22.67 6.87
CA TYR A 358 -44.36 21.24 7.15
C TYR A 358 -45.42 20.55 6.29
N TYR A 359 -45.12 19.35 5.76
CA TYR A 359 -45.90 18.79 4.66
C TYR A 359 -46.44 17.40 4.97
N TRP A 360 -47.66 17.12 4.51
CA TRP A 360 -48.38 15.90 4.85
C TRP A 360 -48.24 14.85 3.76
N GLU A 361 -48.40 13.59 4.17
CA GLU A 361 -48.38 12.45 3.27
C GLU A 361 -49.74 12.21 2.64
N GLU A 362 -49.72 11.46 1.53
CA GLU A 362 -50.92 11.03 0.81
C GLU A 362 -52.02 10.58 1.76
N GLU A 363 -51.70 9.62 2.62
CA GLU A 363 -52.74 9.02 3.46
C GLU A 363 -53.35 10.04 4.40
N GLU A 364 -52.56 11.01 4.86
CA GLU A 364 -53.10 12.05 5.75
C GLU A 364 -53.99 13.02 5.00
N VAL A 365 -53.59 13.41 3.79
CA VAL A 365 -54.45 14.25 2.96
C VAL A 365 -55.75 13.51 2.62
N GLN A 366 -55.64 12.24 2.22
CA GLN A 366 -56.83 11.45 1.88
C GLN A 366 -57.76 11.31 3.09
N GLU A 367 -57.19 11.09 4.27
CA GLU A 367 -57.98 10.93 5.48
C GLU A 367 -58.78 12.18 5.78
N LYS A 368 -58.09 13.34 5.78
CA LYS A 368 -58.75 14.63 6.04
C LYS A 368 -59.69 15.02 4.91
N LEU A 369 -59.39 14.64 3.68
CA LEU A 369 -60.30 14.95 2.59
C LEU A 369 -61.59 14.15 2.71
N TYR A 370 -61.48 12.86 3.05
CA TYR A 370 -62.66 12.00 3.10
C TYR A 370 -63.65 12.47 4.16
N LYS A 371 -63.15 12.76 5.37
CA LYS A 371 -63.94 13.37 6.44
C LYS A 371 -64.76 14.55 5.92
N LYS A 372 -64.09 15.47 5.22
CA LYS A 372 -64.78 16.69 4.77
C LYS A 372 -65.84 16.39 3.74
N MET A 373 -65.52 15.57 2.72
CA MET A 373 -66.49 15.26 1.68
C MET A 373 -67.65 14.44 2.21
N TYR A 374 -67.37 13.56 3.17
CA TYR A 374 -68.42 12.74 3.75
C TYR A 374 -69.36 13.61 4.62
N ASP A 375 -68.79 14.33 5.57
CA ASP A 375 -69.63 15.10 6.49
C ASP A 375 -70.38 16.18 5.76
N SER A 376 -69.76 16.76 4.74
CA SER A 376 -70.40 17.84 4.02
C SER A 376 -71.51 17.31 3.11
N PHE A 377 -71.40 16.06 2.63
CA PHE A 377 -72.50 15.47 1.87
C PHE A 377 -73.74 15.32 2.74
N GLU A 378 -73.60 14.71 3.93
CA GLU A 378 -74.73 14.57 4.84
C GLU A 378 -75.39 15.92 5.10
N ALA A 379 -74.57 16.93 5.43
CA ALA A 379 -75.11 18.27 5.68
C ALA A 379 -76.03 18.73 4.56
N VAL A 380 -75.56 18.68 3.30
CA VAL A 380 -76.38 19.20 2.21
C VAL A 380 -77.59 18.30 1.99
N TYR A 381 -77.37 16.99 2.01
CA TYR A 381 -78.46 16.04 1.78
C TYR A 381 -79.51 16.13 2.89
N THR A 382 -79.06 16.21 4.15
CA THR A 382 -80.02 16.35 5.25
C THR A 382 -80.79 17.66 5.13
N THR A 383 -80.12 18.74 4.73
CA THR A 383 -80.82 20.01 4.59
C THR A 383 -81.87 19.92 3.49
N ALA A 384 -81.53 19.31 2.36
CA ALA A 384 -82.51 19.24 1.27
C ALA A 384 -83.78 18.49 1.69
N THR A 385 -83.64 17.34 2.33
CA THR A 385 -84.84 16.59 2.67
C THR A 385 -85.57 17.15 3.88
N THR A 386 -84.86 17.86 4.75
CA THR A 386 -85.47 18.44 5.95
C THR A 386 -86.22 19.74 5.65
N ARG A 387 -85.78 20.50 4.66
CA ARG A 387 -86.48 21.71 4.24
C ARG A 387 -87.29 21.50 2.98
N ASN A 388 -87.43 20.25 2.52
CA ASN A 388 -88.20 19.94 1.32
C ASN A 388 -87.81 20.82 0.14
N ILE A 389 -86.50 20.99 -0.07
CA ILE A 389 -86.01 21.82 -1.16
C ILE A 389 -85.05 21.01 -2.03
N ASP A 390 -84.77 21.56 -3.20
CA ASP A 390 -83.82 20.94 -4.11
C ASP A 390 -82.41 20.96 -3.49
N MET A 391 -81.54 20.11 -4.02
CA MET A 391 -80.20 19.96 -3.47
C MET A 391 -79.32 21.18 -3.72
N ARG A 392 -79.47 21.86 -4.86
CA ARG A 392 -78.63 23.03 -5.09
C ARG A 392 -78.96 24.14 -4.10
N LEU A 393 -80.23 24.52 -4.01
CA LEU A 393 -80.63 25.53 -3.05
C LEU A 393 -80.14 25.18 -1.65
N ALA A 394 -80.23 23.91 -1.27
CA ALA A 394 -79.77 23.49 0.06
C ALA A 394 -78.26 23.63 0.19
N ALA A 395 -77.52 23.25 -0.84
CA ALA A 395 -76.07 23.47 -0.83
C ALA A 395 -75.73 24.95 -0.73
N TYR A 396 -76.47 25.81 -1.43
CA TYR A 396 -76.27 27.25 -1.25
C TYR A 396 -76.57 27.68 0.18
N MET A 397 -77.65 27.17 0.76
CA MET A 397 -77.95 27.48 2.15
C MET A 397 -76.76 27.10 3.05
N VAL A 398 -76.28 25.87 2.91
CA VAL A 398 -75.18 25.39 3.74
C VAL A 398 -73.91 26.20 3.46
N GLY A 399 -73.70 26.59 2.21
CA GLY A 399 -72.45 27.26 1.86
C GLY A 399 -72.39 28.75 2.17
N VAL A 400 -73.54 29.44 2.18
CA VAL A 400 -73.57 30.88 2.41
C VAL A 400 -73.65 31.25 3.89
N ARG A 401 -73.89 30.28 4.77
CA ARG A 401 -74.19 30.56 6.17
C ARG A 401 -73.01 31.21 6.90
N ARG A 402 -71.79 30.71 6.68
CA ARG A 402 -70.65 31.27 7.41
C ARG A 402 -70.36 32.69 6.97
N THR A 403 -70.45 32.96 5.67
CA THR A 403 -70.17 34.30 5.16
C THR A 403 -71.20 35.30 5.69
N ALA A 404 -72.46 34.93 5.68
CA ALA A 404 -73.49 35.83 6.19
C ALA A 404 -73.29 36.08 7.68
N GLU A 405 -73.00 35.05 8.46
CA GLU A 405 -72.82 35.24 9.90
C GLU A 405 -71.60 36.07 10.22
N ALA A 406 -70.54 35.93 9.41
CA ALA A 406 -69.33 36.72 9.61
C ALA A 406 -69.56 38.16 9.22
N SER A 407 -70.21 38.40 8.09
CA SER A 407 -70.51 39.76 7.69
C SER A 407 -71.34 40.45 8.75
N ARG A 408 -72.25 39.70 9.39
CA ARG A 408 -73.03 40.26 10.48
C ARG A 408 -72.14 40.56 11.69
N PHE A 409 -71.42 39.54 12.19
CA PHE A 409 -70.54 39.71 13.35
C PHE A 409 -69.54 40.85 13.19
N ARG A 410 -69.09 41.12 11.97
CA ARG A 410 -68.07 42.12 11.75
C ARG A 410 -68.61 43.53 11.61
N GLY A 411 -69.92 43.71 11.44
CA GLY A 411 -70.46 45.03 11.26
C GLY A 411 -70.75 45.41 9.82
N TRP A 412 -70.55 44.51 8.87
CA TRP A 412 -70.82 44.86 7.49
C TRP A 412 -72.31 45.09 7.24
N VAL A 413 -73.18 44.24 7.79
CA VAL A 413 -74.61 44.51 7.87
C VAL A 413 -75.03 44.52 9.33
N LEU A 414 -75.68 45.60 9.76
CA LEU A 414 -76.10 45.71 11.15
C LEU A 414 -77.52 45.19 11.29
N GLU A 415 -77.82 44.65 12.48
CA GLU A 415 -79.06 43.91 12.75
C GLU A 415 -79.25 42.77 11.76
N LEU B 4 40.22 -0.53 25.57
CA LEU B 4 40.72 0.63 24.84
C LEU B 4 40.48 0.47 23.34
N ASN B 5 41.13 -0.53 22.75
CA ASN B 5 41.19 -0.67 21.31
C ASN B 5 40.34 -1.86 20.84
N LEU B 6 39.63 -1.67 19.71
CA LEU B 6 38.62 -2.63 19.29
C LEU B 6 39.23 -3.97 18.90
N PHE B 7 40.33 -3.95 18.13
CA PHE B 7 40.93 -5.22 17.71
C PHE B 7 41.37 -6.04 18.91
N THR B 8 42.20 -5.46 19.78
CA THR B 8 42.65 -6.23 20.94
C THR B 8 41.48 -6.60 21.84
N SER B 9 40.45 -5.75 21.92
CA SER B 9 39.23 -6.13 22.63
C SER B 9 38.50 -7.28 21.93
N THR B 10 38.54 -7.33 20.60
CA THR B 10 37.92 -8.44 19.88
C THR B 10 38.73 -9.71 20.04
N GLN B 11 40.07 -9.59 20.13
CA GLN B 11 40.90 -10.76 20.44
C GLN B 11 40.52 -11.36 21.79
N GLU B 12 40.20 -10.51 22.77
CA GLU B 12 39.85 -10.96 24.10
C GLU B 12 38.53 -11.72 24.10
N VAL B 13 37.61 -11.36 23.21
CA VAL B 13 36.34 -12.06 23.15
C VAL B 13 36.54 -13.46 22.60
N VAL B 14 37.30 -13.59 21.52
CA VAL B 14 37.59 -14.90 20.93
C VAL B 14 38.35 -15.78 21.92
N LYS B 15 39.25 -15.20 22.71
CA LYS B 15 40.02 -15.99 23.65
C LYS B 15 39.14 -16.59 24.74
N GLU B 16 38.22 -15.79 25.29
CA GLU B 16 37.39 -16.27 26.40
C GLU B 16 36.40 -17.32 25.93
N ALA B 17 35.89 -17.18 24.70
CA ALA B 17 34.95 -18.16 24.15
C ALA B 17 35.62 -19.49 23.90
N LEU B 18 36.81 -19.47 23.28
CA LEU B 18 37.54 -20.71 23.03
C LEU B 18 37.94 -21.37 24.34
N ASN B 19 38.21 -20.55 25.34
CA ASN B 19 38.57 -21.09 26.64
C ASN B 19 37.40 -21.82 27.28
N LYS B 20 36.20 -21.24 27.25
CA LYS B 20 35.06 -21.90 27.87
C LYS B 20 34.61 -23.12 27.08
N LEU B 21 34.90 -23.15 25.78
CA LEU B 21 34.60 -24.34 24.98
C LEU B 21 35.61 -25.44 25.24
N GLY B 22 36.81 -25.09 25.69
CA GLY B 22 37.81 -26.06 26.08
C GLY B 22 38.95 -26.29 25.10
N TYR B 23 39.21 -25.38 24.17
CA TYR B 23 40.27 -25.58 23.20
C TYR B 23 41.63 -25.21 23.79
N ASP B 24 42.70 -25.57 23.09
CA ASP B 24 44.04 -25.28 23.56
C ASP B 24 44.46 -23.87 23.16
N GLU B 25 45.64 -23.46 23.62
CA GLU B 25 46.16 -22.15 23.25
C GLU B 25 46.45 -22.06 21.77
N ALA B 26 46.64 -23.20 21.08
CA ALA B 26 46.92 -23.17 19.65
C ALA B 26 45.71 -22.66 18.88
N MET B 27 44.52 -23.09 19.25
CA MET B 27 43.33 -22.63 18.53
C MET B 27 43.17 -21.12 18.62
N TYR B 28 43.48 -20.53 19.79
CA TYR B 28 43.45 -19.07 19.86
C TYR B 28 44.57 -18.45 19.05
N GLU B 29 45.73 -19.11 18.97
CA GLU B 29 46.80 -18.60 18.13
C GLU B 29 46.43 -18.61 16.66
N LEU B 30 45.57 -19.55 16.24
CA LEU B 30 45.13 -19.55 14.85
C LEU B 30 44.05 -18.50 14.60
N LEU B 31 43.12 -18.34 15.54
CA LEU B 31 41.97 -17.48 15.31
C LEU B 31 42.17 -16.02 15.71
N LYS B 32 43.23 -15.68 16.47
CA LYS B 32 43.33 -14.30 16.97
C LYS B 32 43.72 -13.28 15.88
N GLU B 33 44.17 -13.75 14.74
CA GLU B 33 44.42 -12.86 13.62
C GLU B 33 43.83 -13.51 12.40
N PRO B 34 43.36 -12.73 11.42
CA PRO B 34 42.83 -13.33 10.19
C PRO B 34 43.91 -14.13 9.47
N LEU B 35 43.48 -15.22 8.83
CA LEU B 35 44.42 -16.03 8.06
C LEU B 35 45.09 -15.20 6.98
N ARG B 36 44.31 -14.41 6.24
CA ARG B 36 44.81 -13.52 5.22
C ARG B 36 44.50 -12.08 5.60
N LEU B 37 45.33 -11.16 5.13
CA LEU B 37 44.99 -9.74 5.20
C LEU B 37 45.66 -9.07 4.01
N LEU B 38 44.86 -8.53 3.11
CA LEU B 38 45.38 -7.92 1.90
C LEU B 38 45.23 -6.41 2.01
N LYS B 39 46.36 -5.71 1.92
CA LYS B 39 46.41 -4.25 1.89
C LYS B 39 46.79 -3.85 0.47
N VAL B 40 45.91 -3.11 -0.20
CA VAL B 40 46.17 -2.73 -1.59
C VAL B 40 46.24 -1.22 -1.68
N ARG B 41 46.93 -0.75 -2.72
CA ARG B 41 46.92 0.65 -3.10
C ARG B 41 46.24 0.76 -4.46
N ILE B 42 45.28 1.68 -4.57
CA ILE B 42 44.37 1.77 -5.72
C ILE B 42 44.48 3.16 -6.34
N PRO B 43 44.97 3.28 -7.58
CA PRO B 43 44.98 4.61 -8.21
C PRO B 43 43.67 4.86 -8.93
N VAL B 44 43.15 6.08 -8.77
CA VAL B 44 41.87 6.47 -9.33
C VAL B 44 42.07 7.78 -10.09
N LYS B 45 41.55 7.85 -11.32
CA LYS B 45 41.54 9.12 -12.04
C LYS B 45 40.43 10.00 -11.47
N MET B 46 40.78 11.18 -10.99
CA MET B 46 39.78 12.09 -10.46
C MET B 46 39.20 12.98 -11.58
N ASP B 47 38.09 13.63 -11.27
CA ASP B 47 37.42 14.44 -12.29
C ASP B 47 38.25 15.61 -12.75
N ASP B 48 39.15 16.14 -11.91
CA ASP B 48 40.04 17.19 -12.38
C ASP B 48 41.18 16.67 -13.26
N GLY B 49 41.31 15.36 -13.43
CA GLY B 49 42.37 14.78 -14.23
C GLY B 49 43.58 14.29 -13.45
N THR B 50 43.78 14.76 -12.22
CA THR B 50 44.86 14.22 -11.39
C THR B 50 44.55 12.78 -10.99
N THR B 51 45.56 12.12 -10.48
CA THR B 51 45.43 10.77 -9.95
C THR B 51 45.59 10.80 -8.44
N GLN B 52 44.71 10.09 -7.76
CA GLN B 52 44.78 9.91 -6.32
C GLN B 52 44.96 8.43 -6.06
N VAL B 53 45.81 8.09 -5.08
CA VAL B 53 46.11 6.70 -4.74
C VAL B 53 45.50 6.42 -3.36
N PHE B 54 44.53 5.50 -3.32
CA PHE B 54 43.81 5.18 -2.09
C PHE B 54 44.30 3.88 -1.47
N THR B 55 44.14 3.76 -0.15
CA THR B 55 44.51 2.53 0.53
C THR B 55 43.27 1.66 0.77
N GLY B 56 43.36 0.40 0.39
CA GLY B 56 42.28 -0.54 0.63
C GLY B 56 42.75 -1.73 1.45
N TYR B 57 41.80 -2.36 2.13
CA TYR B 57 42.04 -3.56 2.91
C TYR B 57 40.96 -4.59 2.64
N ARG B 58 41.34 -5.86 2.67
CA ARG B 58 40.39 -6.96 2.68
C ARG B 58 40.88 -7.96 3.70
N ALA B 59 40.08 -8.25 4.71
CA ALA B 59 40.47 -9.19 5.75
C ALA B 59 39.60 -10.44 5.64
N GLN B 60 40.24 -11.60 5.69
CA GLN B 60 39.54 -12.88 5.64
C GLN B 60 39.93 -13.64 6.89
N HIS B 61 39.01 -13.72 7.86
CA HIS B 61 39.40 -14.18 9.17
C HIS B 61 39.73 -15.67 9.18
N SER B 62 38.79 -16.49 8.70
CA SER B 62 38.92 -17.95 8.74
C SER B 62 37.96 -18.55 7.73
N ASP B 63 38.49 -19.31 6.78
CA ASP B 63 37.64 -20.00 5.81
C ASP B 63 37.50 -21.47 6.12
N ALA B 64 37.62 -21.84 7.41
CA ALA B 64 37.45 -23.24 7.80
C ALA B 64 36.06 -23.74 7.44
N VAL B 65 35.05 -22.91 7.66
CA VAL B 65 33.65 -23.32 7.51
C VAL B 65 33.13 -23.12 6.09
N GLY B 66 33.79 -22.28 5.29
CA GLY B 66 33.32 -21.95 3.97
C GLY B 66 33.98 -20.68 3.49
N PRO B 67 33.47 -20.08 2.42
CA PRO B 67 34.03 -18.81 1.98
C PRO B 67 33.78 -17.77 3.07
N THR B 68 34.60 -16.72 3.09
CA THR B 68 34.35 -15.71 4.10
C THR B 68 33.31 -14.71 3.61
N LYS B 69 32.76 -13.94 4.55
CA LYS B 69 31.64 -13.06 4.30
C LYS B 69 31.79 -11.79 5.13
N GLY B 70 31.54 -10.64 4.50
CA GLY B 70 31.62 -9.36 5.18
C GLY B 70 31.63 -8.15 4.26
N GLY B 71 31.14 -7.00 4.76
CA GLY B 71 30.94 -5.82 3.93
C GLY B 71 32.18 -4.92 3.78
N VAL B 72 32.03 -3.94 2.89
CA VAL B 72 33.10 -3.02 2.52
C VAL B 72 32.64 -1.60 2.86
N ARG B 73 33.41 -0.91 3.70
CA ARG B 73 33.08 0.46 4.06
C ARG B 73 34.09 1.45 3.50
N PHE B 74 33.57 2.61 3.07
CA PHE B 74 34.32 3.74 2.50
C PHE B 74 34.27 4.86 3.53
N HIS B 75 35.28 4.93 4.38
CA HIS B 75 35.24 5.89 5.49
C HIS B 75 36.62 6.46 5.73
N PRO B 76 36.71 7.73 6.14
CA PRO B 76 38.03 8.32 6.39
C PRO B 76 38.76 7.69 7.55
N MET B 77 38.06 6.97 8.43
CA MET B 77 38.60 6.41 9.66
C MET B 77 38.89 4.91 9.56
N VAL B 78 38.63 4.29 8.40
CA VAL B 78 38.99 2.89 8.17
C VAL B 78 40.44 2.67 8.56
N SER B 79 40.68 1.62 9.36
CA SER B 79 42.03 1.23 9.75
C SER B 79 42.16 -0.29 9.64
N GLU B 80 43.42 -0.74 9.51
CA GLU B 80 43.70 -2.16 9.35
C GLU B 80 43.22 -2.97 10.55
N ASP B 81 43.38 -2.43 11.75
CA ASP B 81 42.91 -3.13 12.95
C ASP B 81 41.40 -3.19 13.00
N GLU B 82 40.72 -2.14 12.54
CA GLU B 82 39.27 -2.14 12.52
C GLU B 82 38.75 -3.18 11.54
N VAL B 83 39.32 -3.22 10.34
CA VAL B 83 38.91 -4.22 9.35
C VAL B 83 39.18 -5.61 9.87
N LYS B 84 40.35 -5.83 10.48
CA LYS B 84 40.67 -7.12 11.08
C LYS B 84 39.63 -7.52 12.13
N ALA B 85 39.42 -6.64 13.12
CA ALA B 85 38.49 -6.93 14.21
C ALA B 85 37.06 -7.19 13.72
N LEU B 86 36.58 -6.40 12.74
CA LEU B 86 35.21 -6.60 12.28
C LEU B 86 35.07 -7.91 11.50
N SER B 87 36.12 -8.31 10.77
CA SER B 87 36.05 -9.62 10.11
C SER B 87 35.88 -10.71 11.14
N MET B 88 36.57 -10.61 12.27
CA MET B 88 36.42 -11.60 13.33
C MET B 88 35.00 -11.57 13.89
N TRP B 89 34.42 -10.38 14.02
CA TRP B 89 33.03 -10.28 14.43
C TRP B 89 32.09 -10.96 13.44
N MET B 90 32.40 -10.87 12.12
CA MET B 90 31.60 -11.54 11.10
C MET B 90 31.64 -13.05 11.23
N THR B 91 32.81 -13.60 11.61
CA THR B 91 32.88 -15.01 11.97
C THR B 91 31.91 -15.32 13.10
N LEU B 92 31.96 -14.54 14.18
CA LEU B 92 31.07 -14.79 15.30
C LEU B 92 29.60 -14.67 14.88
N LYS B 93 29.26 -13.64 14.10
CA LYS B 93 27.88 -13.53 13.62
C LYS B 93 27.49 -14.75 12.80
N CYS B 94 28.27 -15.03 11.75
CA CYS B 94 27.97 -16.17 10.89
C CYS B 94 27.85 -17.46 11.69
N GLY B 95 28.64 -17.60 12.76
CA GLY B 95 28.50 -18.77 13.60
C GLY B 95 27.17 -18.82 14.34
N ILE B 96 26.77 -17.69 14.95
CA ILE B 96 25.59 -17.64 15.80
C ILE B 96 24.35 -18.06 15.01
N VAL B 97 24.28 -17.70 13.75
CA VAL B 97 23.13 -18.03 12.94
C VAL B 97 23.42 -19.21 12.00
N ASP B 98 24.58 -19.84 12.15
CA ASP B 98 24.89 -21.15 11.57
C ASP B 98 25.00 -21.11 10.05
N LEU B 99 25.70 -20.14 9.56
CA LEU B 99 25.92 -20.00 8.13
C LEU B 99 27.16 -20.78 7.69
N PRO B 100 27.19 -21.30 6.45
CA PRO B 100 28.38 -21.95 5.91
C PRO B 100 29.45 -20.95 5.50
N TYR B 101 29.73 -20.00 6.39
CA TYR B 101 30.61 -18.88 6.11
C TYR B 101 31.62 -18.73 7.24
N GLY B 102 32.74 -18.10 6.91
CA GLY B 102 33.62 -17.50 7.89
C GLY B 102 33.60 -15.99 7.74
N GLY B 103 34.38 -15.32 8.60
CA GLY B 103 34.34 -13.87 8.70
C GLY B 103 35.25 -13.19 7.70
N GLY B 104 34.72 -12.12 7.10
CA GLY B 104 35.51 -11.26 6.23
C GLY B 104 35.10 -9.81 6.40
N LYS B 105 35.90 -8.91 5.80
CA LYS B 105 35.59 -7.48 5.82
C LYS B 105 36.57 -6.67 4.97
N GLY B 106 36.13 -5.53 4.48
CA GLY B 106 36.99 -4.63 3.74
C GLY B 106 36.77 -3.19 4.15
N GLY B 107 37.63 -2.35 3.64
CA GLY B 107 37.54 -0.94 3.89
C GLY B 107 38.45 -0.19 2.94
N ILE B 108 38.07 1.04 2.59
CA ILE B 108 38.92 1.93 1.84
C ILE B 108 38.98 3.25 2.59
N ILE B 109 40.19 3.78 2.77
CA ILE B 109 40.36 5.08 3.40
C ILE B 109 40.01 6.14 2.36
N CYS B 110 38.80 6.67 2.43
CA CYS B 110 38.41 7.81 1.62
C CYS B 110 37.31 8.60 2.32
N ASP B 111 37.03 9.79 1.80
CA ASP B 111 35.88 10.57 2.21
C ASP B 111 34.91 10.59 1.04
N PRO B 112 33.95 9.63 0.98
CA PRO B 112 32.98 9.63 -0.13
C PRO B 112 32.22 10.95 -0.27
N ARG B 113 32.20 11.74 0.80
CA ARG B 113 31.52 13.04 0.76
C ARG B 113 32.24 14.05 -0.12
N GLN B 114 33.55 13.90 -0.35
CA GLN B 114 34.29 14.78 -1.24
C GLN B 114 34.55 14.14 -2.61
N MET B 115 33.76 13.15 -2.99
CA MET B 115 33.96 12.45 -4.25
C MET B 115 32.67 12.44 -5.06
N SER B 116 32.82 12.55 -6.37
CA SER B 116 31.71 12.51 -7.30
C SER B 116 31.21 11.07 -7.47
N MET B 117 30.14 10.91 -8.25
CA MET B 117 29.63 9.58 -8.54
C MET B 117 30.62 8.81 -9.40
N GLY B 118 31.30 9.50 -10.33
CA GLY B 118 32.28 8.86 -11.17
C GLY B 118 33.56 8.49 -10.43
N GLU B 119 33.95 9.30 -9.44
CA GLU B 119 35.13 8.95 -8.66
C GLU B 119 34.87 7.71 -7.82
N LEU B 120 33.67 7.60 -7.22
CA LEU B 120 33.34 6.43 -6.40
C LEU B 120 33.21 5.17 -7.26
N GLU B 121 32.66 5.28 -8.47
CA GLU B 121 32.62 4.11 -9.35
C GLU B 121 34.03 3.64 -9.70
N ARG B 122 34.87 4.58 -10.16
CA ARG B 122 36.22 4.15 -10.55
C ARG B 122 36.96 3.59 -9.34
N LEU B 123 36.72 4.13 -8.16
CA LEU B 123 37.34 3.57 -6.97
C LEU B 123 36.78 2.17 -6.69
N SER B 124 35.47 2.00 -6.86
CA SER B 124 34.84 0.71 -6.63
C SER B 124 35.40 -0.36 -7.57
N ARG B 125 35.53 -0.02 -8.86
CA ARG B 125 36.12 -0.96 -9.80
C ARG B 125 37.60 -1.21 -9.49
N GLY B 126 38.35 -0.15 -9.16
CA GLY B 126 39.75 -0.32 -8.81
C GLY B 126 39.97 -1.17 -7.57
N TYR B 127 39.01 -1.19 -6.66
CA TYR B 127 39.15 -2.03 -5.48
C TYR B 127 38.92 -3.50 -5.82
N VAL B 128 37.87 -3.80 -6.60
CA VAL B 128 37.66 -5.17 -7.09
C VAL B 128 38.88 -5.65 -7.86
N ARG B 129 39.36 -4.83 -8.79
CA ARG B 129 40.57 -5.20 -9.53
C ARG B 129 41.70 -5.56 -8.58
N ALA B 130 41.91 -4.71 -7.58
CA ALA B 130 43.04 -4.85 -6.68
C ALA B 130 42.95 -6.07 -5.78
N ILE B 131 41.76 -6.64 -5.57
CA ILE B 131 41.64 -7.77 -4.66
C ILE B 131 41.06 -9.01 -5.33
N SER B 132 40.71 -8.92 -6.62
CA SER B 132 40.07 -10.04 -7.34
C SER B 132 40.78 -11.38 -7.18
N GLN B 133 42.10 -11.39 -6.95
CA GLN B 133 42.81 -12.65 -6.86
C GLN B 133 42.40 -13.49 -5.67
N ILE B 134 41.78 -12.89 -4.64
CA ILE B 134 41.49 -13.65 -3.42
C ILE B 134 40.03 -13.59 -3.02
N VAL B 135 39.16 -13.00 -3.85
CA VAL B 135 37.73 -12.95 -3.54
C VAL B 135 36.95 -13.56 -4.72
N GLY B 136 35.67 -13.81 -4.50
CA GLY B 136 34.82 -14.38 -5.51
C GLY B 136 33.65 -15.15 -4.91
N PRO B 137 32.73 -15.64 -5.75
CA PRO B 137 31.57 -16.38 -5.22
C PRO B 137 31.92 -17.49 -4.24
N THR B 138 33.06 -18.16 -4.41
CA THR B 138 33.39 -19.35 -3.65
C THR B 138 34.48 -19.11 -2.61
N LYS B 139 35.02 -17.90 -2.55
CA LYS B 139 36.15 -17.52 -1.71
C LYS B 139 35.78 -16.52 -0.64
N ASP B 140 35.21 -15.39 -1.04
CA ASP B 140 35.05 -14.25 -0.15
C ASP B 140 34.02 -13.34 -0.79
N ILE B 141 32.92 -13.11 -0.09
CA ILE B 141 31.73 -12.48 -0.63
C ILE B 141 31.50 -11.16 0.10
N PRO B 142 31.82 -10.01 -0.52
CA PRO B 142 31.57 -8.71 0.12
C PRO B 142 30.10 -8.28 0.18
N GLY B 143 29.86 -7.08 0.71
CA GLY B 143 28.53 -6.54 0.83
C GLY B 143 28.54 -5.07 1.23
N PRO B 144 27.37 -4.44 1.31
CA PRO B 144 27.33 -3.03 1.71
C PRO B 144 27.74 -2.85 3.16
N ASP B 145 28.12 -1.61 3.46
CA ASP B 145 28.44 -1.20 4.82
C ASP B 145 28.45 0.33 4.84
N MET B 146 29.24 0.93 5.73
CA MET B 146 29.26 2.39 5.87
C MET B 146 29.67 3.05 4.57
N PHE B 147 28.77 3.92 4.06
CA PHE B 147 28.90 4.72 2.84
C PHE B 147 28.81 3.91 1.55
N THR B 148 28.58 2.60 1.61
CA THR B 148 28.34 1.83 0.40
C THR B 148 26.90 1.32 0.41
N ASN B 149 26.46 0.86 -0.76
CA ASN B 149 25.04 0.70 -1.03
C ASN B 149 24.90 -0.14 -2.28
N ALA B 150 23.65 -0.31 -2.74
CA ALA B 150 23.39 -1.22 -3.86
C ALA B 150 24.01 -0.73 -5.15
N GLN B 151 24.19 0.59 -5.31
CA GLN B 151 24.86 1.07 -6.52
C GLN B 151 26.34 0.72 -6.50
N ILE B 152 26.97 0.82 -5.33
CA ILE B 152 28.36 0.44 -5.23
C ILE B 152 28.52 -1.07 -5.36
N MET B 153 27.54 -1.84 -4.90
CA MET B 153 27.56 -3.29 -5.09
C MET B 153 27.35 -3.65 -6.56
N ALA B 154 26.51 -2.88 -7.25
CA ALA B 154 26.29 -3.08 -8.68
C ALA B 154 27.56 -2.84 -9.48
N TRP B 155 28.33 -1.81 -9.10
CA TRP B 155 29.57 -1.51 -9.81
C TRP B 155 30.60 -2.60 -9.55
N MET B 156 30.75 -3.00 -8.29
CA MET B 156 31.71 -4.05 -7.96
C MET B 156 31.33 -5.38 -8.59
N MET B 157 30.03 -5.70 -8.60
CA MET B 157 29.63 -6.94 -9.26
C MET B 157 29.89 -6.87 -10.75
N ASP B 158 29.78 -5.68 -11.36
CA ASP B 158 30.04 -5.59 -12.79
C ASP B 158 31.53 -5.74 -13.08
N GLU B 159 32.36 -5.05 -12.30
CA GLU B 159 33.81 -5.17 -12.47
C GLU B 159 34.27 -6.61 -12.32
N TYR B 160 33.75 -7.32 -11.31
CA TYR B 160 34.15 -8.70 -11.11
C TYR B 160 33.68 -9.59 -12.27
N SER B 161 32.43 -9.39 -12.71
CA SER B 161 31.91 -10.16 -13.82
C SER B 161 32.70 -9.90 -15.08
N ARG B 162 33.02 -8.63 -15.36
CA ARG B 162 33.88 -8.35 -16.50
C ARG B 162 35.18 -9.13 -16.40
N MET B 163 35.76 -9.19 -15.19
CA MET B 163 37.03 -9.89 -15.01
C MET B 163 36.89 -11.38 -15.24
N ASP B 164 35.76 -11.96 -14.83
CA ASP B 164 35.50 -13.38 -14.98
C ASP B 164 35.17 -13.76 -16.42
N GLU B 165 34.70 -12.81 -17.23
CA GLU B 165 34.12 -13.04 -18.54
C GLU B 165 32.77 -13.74 -18.48
N PHE B 166 32.10 -13.73 -17.31
CA PHE B 166 30.73 -14.21 -17.17
C PHE B 166 30.13 -13.62 -15.90
N ASN B 167 28.79 -13.66 -15.83
CA ASN B 167 28.06 -13.03 -14.72
C ASN B 167 28.24 -13.82 -13.43
N SER B 168 28.75 -13.14 -12.40
CA SER B 168 29.01 -13.74 -11.09
C SER B 168 28.26 -12.95 -10.02
N PRO B 169 26.93 -13.04 -10.02
CA PRO B 169 26.16 -12.30 -9.00
C PRO B 169 26.50 -12.68 -7.57
N GLY B 170 26.86 -13.94 -7.31
CA GLY B 170 27.16 -14.35 -5.96
C GLY B 170 28.50 -13.90 -5.43
N PHE B 171 29.26 -13.16 -6.24
CA PHE B 171 30.47 -12.53 -5.75
C PHE B 171 30.15 -11.63 -4.57
N ILE B 172 29.00 -10.99 -4.60
CA ILE B 172 28.75 -9.83 -3.74
C ILE B 172 27.25 -9.73 -3.49
N THR B 173 26.89 -9.33 -2.28
CA THR B 173 25.49 -9.23 -1.89
C THR B 173 25.11 -7.77 -1.64
N GLY B 174 23.82 -7.56 -1.39
CA GLY B 174 23.32 -6.20 -1.37
C GLY B 174 23.08 -5.63 -2.76
N LYS B 175 22.95 -6.50 -3.76
CA LYS B 175 22.81 -6.02 -5.11
C LYS B 175 21.40 -5.50 -5.35
N PRO B 176 21.22 -4.64 -6.35
CA PRO B 176 19.86 -4.38 -6.85
C PRO B 176 19.17 -5.68 -7.22
N LEU B 177 17.85 -5.68 -7.07
CA LEU B 177 17.07 -6.86 -7.44
C LEU B 177 17.30 -7.26 -8.89
N VAL B 178 17.37 -6.27 -9.79
CA VAL B 178 17.55 -6.58 -11.20
C VAL B 178 18.90 -7.20 -11.50
N LEU B 179 19.83 -7.19 -10.55
CA LEU B 179 21.12 -7.86 -10.71
C LEU B 179 21.26 -9.07 -9.79
N GLY B 180 20.17 -9.54 -9.19
CA GLY B 180 20.22 -10.76 -8.41
C GLY B 180 20.16 -10.59 -6.92
N GLY B 181 19.90 -9.39 -6.42
CA GLY B 181 19.66 -9.20 -5.00
C GLY B 181 18.46 -9.97 -4.50
N SER B 182 18.29 -9.95 -3.19
CA SER B 182 17.25 -10.72 -2.54
C SER B 182 16.09 -9.81 -2.17
N LYS B 183 14.86 -10.31 -2.40
CA LYS B 183 13.70 -9.71 -1.76
C LYS B 183 13.79 -9.95 -0.26
N GLY B 184 12.90 -9.26 0.48
CA GLY B 184 12.82 -9.47 1.91
C GLY B 184 14.04 -9.04 2.67
N ARG B 185 14.74 -8.02 2.17
CA ARG B 185 16.06 -7.61 2.68
C ARG B 185 16.03 -6.30 3.43
N ASP B 186 15.12 -5.39 3.09
CA ASP B 186 15.27 -3.98 3.47
C ASP B 186 15.27 -3.80 4.97
N ARG B 187 14.28 -4.37 5.66
CA ARG B 187 14.18 -4.29 7.11
C ARG B 187 14.64 -5.58 7.78
N ALA B 188 15.57 -6.31 7.15
CA ALA B 188 15.92 -7.64 7.62
C ALA B 188 16.41 -7.63 9.06
N THR B 189 17.27 -6.67 9.43
CA THR B 189 17.77 -6.65 10.79
C THR B 189 16.65 -6.37 11.79
N ALA B 190 15.77 -5.44 11.46
CA ALA B 190 14.67 -5.08 12.35
C ALA B 190 13.66 -6.22 12.49
N GLU B 191 13.30 -6.85 11.38
CA GLU B 191 12.48 -8.05 11.48
C GLU B 191 13.14 -9.07 12.39
N GLY B 192 14.47 -9.12 12.37
CA GLY B 192 15.16 -10.11 13.15
C GLY B 192 15.00 -9.91 14.64
N VAL B 193 15.12 -8.66 15.10
CA VAL B 193 14.85 -8.32 16.50
C VAL B 193 13.43 -8.70 16.88
N THR B 194 12.48 -8.41 15.98
CA THR B 194 11.08 -8.77 16.17
C THR B 194 10.90 -10.26 16.45
N ILE B 195 11.64 -11.11 15.72
CA ILE B 195 11.54 -12.56 15.91
C ILE B 195 12.11 -12.96 17.27
N VAL B 196 13.26 -12.37 17.62
CA VAL B 196 13.92 -12.72 18.87
C VAL B 196 13.09 -12.27 20.07
N ILE B 197 12.42 -11.11 19.94
CA ILE B 197 11.55 -10.64 21.02
C ILE B 197 10.43 -11.64 21.27
N GLN B 198 9.77 -12.07 20.18
CA GLN B 198 8.67 -13.04 20.31
C GLN B 198 9.15 -14.37 20.87
N GLU B 199 10.31 -14.83 20.40
CA GLU B 199 10.84 -16.12 20.87
C GLU B 199 11.30 -16.03 22.31
N ALA B 200 11.97 -14.93 22.70
CA ALA B 200 12.27 -14.70 24.11
C ALA B 200 10.99 -14.65 24.94
N ALA B 201 9.92 -14.06 24.37
CA ALA B 201 8.67 -13.94 25.11
C ALA B 201 8.04 -15.30 25.38
N LYS B 202 8.04 -16.19 24.38
CA LYS B 202 7.47 -17.51 24.59
C LYS B 202 8.27 -18.33 25.59
N LYS B 203 9.60 -18.13 25.67
CA LYS B 203 10.41 -18.81 26.69
C LYS B 203 9.94 -18.47 28.09
N ARG B 204 9.73 -17.18 28.37
CA ARG B 204 9.22 -16.75 29.66
C ARG B 204 7.71 -16.93 29.80
N ASN B 205 7.10 -17.65 28.85
CA ASN B 205 5.66 -17.93 28.86
C ASN B 205 4.84 -16.64 28.95
N ILE B 206 5.22 -15.65 28.14
CA ILE B 206 4.58 -14.34 28.15
C ILE B 206 3.79 -14.20 26.86
N ASP B 207 2.52 -13.87 26.98
CA ASP B 207 1.69 -13.57 25.82
C ASP B 207 2.09 -12.19 25.28
N ILE B 208 2.65 -12.17 24.07
CA ILE B 208 3.04 -10.91 23.47
C ILE B 208 1.82 -10.03 23.24
N LYS B 209 0.67 -10.65 22.96
CA LYS B 209 -0.55 -9.94 22.57
C LYS B 209 -1.13 -9.06 23.67
N GLY B 210 -0.57 -9.07 24.88
CA GLY B 210 -0.97 -8.12 25.89
C GLY B 210 0.20 -7.59 26.69
N ALA B 211 1.41 -7.95 26.26
CA ALA B 211 2.63 -7.71 27.05
C ALA B 211 2.92 -6.21 27.16
N ARG B 212 3.66 -5.86 28.21
CA ARG B 212 4.12 -4.49 28.41
C ARG B 212 5.52 -4.33 27.81
N VAL B 213 5.64 -3.44 26.82
CA VAL B 213 6.85 -3.24 26.04
C VAL B 213 7.34 -1.82 26.24
N VAL B 214 8.61 -1.67 26.63
CA VAL B 214 9.28 -0.38 26.75
C VAL B 214 10.43 -0.34 25.76
N ILE B 215 10.45 0.67 24.90
CA ILE B 215 11.49 0.82 23.89
C ILE B 215 12.22 2.13 24.17
N GLN B 216 13.53 2.08 24.26
CA GLN B 216 14.34 3.29 24.35
C GLN B 216 14.95 3.60 22.98
N GLY B 217 14.78 4.83 22.52
CA GLY B 217 15.15 5.22 21.16
C GLY B 217 13.92 5.30 20.28
N PHE B 218 13.86 6.31 19.42
CA PHE B 218 12.71 6.44 18.53
C PHE B 218 13.12 6.90 17.14
N GLY B 219 14.35 6.60 16.74
CA GLY B 219 14.78 6.76 15.38
C GLY B 219 14.46 5.54 14.56
N ASN B 220 15.25 5.32 13.51
CA ASN B 220 15.09 4.21 12.59
C ASN B 220 14.59 2.93 13.26
N ALA B 221 15.32 2.44 14.27
CA ALA B 221 14.96 1.16 14.87
C ALA B 221 13.81 1.30 15.87
N GLY B 222 13.86 2.32 16.72
CA GLY B 222 12.84 2.46 17.74
C GLY B 222 11.45 2.70 17.16
N SER B 223 11.38 3.52 16.11
CA SER B 223 10.10 3.75 15.46
C SER B 223 9.56 2.47 14.83
N PHE B 224 10.46 1.64 14.30
CA PHE B 224 10.01 0.42 13.62
C PHE B 224 9.55 -0.62 14.62
N LEU B 225 10.37 -0.89 15.64
CA LEU B 225 10.01 -1.85 16.68
C LEU B 225 8.71 -1.45 17.38
N ALA B 226 8.49 -0.16 17.60
CA ALA B 226 7.30 0.26 18.33
C ALA B 226 6.03 -0.05 17.57
N LYS B 227 6.03 0.26 16.26
CA LYS B 227 4.86 -0.02 15.42
C LYS B 227 4.59 -1.51 15.32
N PHE B 228 5.65 -2.32 15.28
CA PHE B 228 5.49 -3.78 15.24
C PHE B 228 4.86 -4.30 16.52
N MET B 229 5.43 -3.94 17.68
CA MET B 229 4.85 -4.35 18.96
C MET B 229 3.42 -3.84 19.11
N SER B 230 3.17 -2.58 18.74
CA SER B 230 1.82 -2.05 18.78
C SER B 230 0.86 -2.93 17.99
N ASP B 231 1.28 -3.36 16.79
CA ASP B 231 0.40 -4.12 15.91
C ASP B 231 0.12 -5.52 16.43
N LEU B 232 1.13 -6.19 16.98
CA LEU B 232 0.93 -7.54 17.51
C LEU B 232 0.00 -7.57 18.71
N GLY B 233 -0.49 -6.42 19.15
CA GLY B 233 -1.31 -6.37 20.33
C GLY B 233 -0.58 -6.03 21.60
N ALA B 234 0.74 -5.80 21.54
CA ALA B 234 1.48 -5.40 22.73
C ALA B 234 1.16 -3.96 23.10
N LYS B 235 1.20 -3.67 24.40
CA LYS B 235 1.03 -2.32 24.91
C LYS B 235 2.42 -1.72 25.06
N VAL B 236 2.80 -0.83 24.15
CA VAL B 236 4.08 -0.12 24.22
C VAL B 236 3.87 1.03 25.22
N ILE B 237 4.26 0.80 26.48
CA ILE B 237 3.99 1.76 27.56
C ILE B 237 5.08 2.81 27.72
N GLY B 238 6.15 2.75 26.93
CA GLY B 238 7.19 3.75 26.99
C GLY B 238 8.01 3.86 25.72
N ILE B 239 8.39 5.07 25.35
CA ILE B 239 9.35 5.33 24.28
C ILE B 239 10.17 6.55 24.69
N SER B 240 11.26 6.79 23.98
CA SER B 240 12.10 7.92 24.31
C SER B 240 12.88 8.35 23.07
N ASP B 241 13.51 9.52 23.18
CA ASP B 241 14.48 10.00 22.20
C ASP B 241 15.61 10.66 22.99
N ALA B 242 16.41 11.51 22.35
CA ALA B 242 17.51 12.13 23.08
C ALA B 242 17.05 13.18 24.07
N TYR B 243 15.83 13.71 23.93
CA TYR B 243 15.39 14.79 24.80
C TYR B 243 14.39 14.38 25.85
N GLY B 244 14.03 13.10 25.94
CA GLY B 244 13.15 12.66 27.01
C GLY B 244 12.41 11.39 26.66
N ALA B 245 11.36 11.12 27.42
CA ALA B 245 10.60 9.88 27.30
C ALA B 245 9.12 10.14 27.62
N LEU B 246 8.28 9.27 27.07
CA LEU B 246 6.83 9.26 27.31
C LEU B 246 6.42 7.96 28.00
N HIS B 247 5.39 8.05 28.85
CA HIS B 247 4.91 6.91 29.62
C HIS B 247 3.38 6.92 29.65
N ASP B 248 2.79 5.83 29.21
CA ASP B 248 1.36 5.60 29.35
C ASP B 248 1.16 4.16 29.79
N PRO B 249 0.67 3.92 31.00
CA PRO B 249 0.54 2.53 31.50
C PRO B 249 -0.34 1.63 30.65
N ASN B 250 -1.20 2.18 29.78
CA ASN B 250 -2.12 1.38 28.99
C ASN B 250 -1.74 1.28 27.51
N GLY B 251 -0.67 1.93 27.08
CA GLY B 251 -0.30 1.93 25.66
C GLY B 251 -0.24 3.34 25.11
N LEU B 252 0.88 3.66 24.45
CA LEU B 252 1.23 5.02 24.14
C LEU B 252 0.65 5.53 22.82
N ASP B 253 0.08 4.66 21.98
CA ASP B 253 -0.51 5.07 20.69
C ASP B 253 0.60 5.46 19.73
N ILE B 254 1.21 4.43 19.14
CA ILE B 254 2.41 4.63 18.34
C ILE B 254 2.09 5.35 17.04
N ASP B 255 1.00 4.95 16.36
CA ASP B 255 0.64 5.58 15.09
C ASP B 255 0.55 7.10 15.23
N TYR B 256 0.12 7.58 16.38
CA TYR B 256 0.03 9.03 16.59
C TYR B 256 1.41 9.64 16.79
N LEU B 257 2.32 8.89 17.43
CA LEU B 257 3.67 9.38 17.66
C LEU B 257 4.48 9.36 16.39
N LEU B 258 4.33 8.31 15.58
CA LEU B 258 5.04 8.23 14.29
C LEU B 258 4.67 9.40 13.37
N ASP B 259 3.56 10.08 13.63
CA ASP B 259 3.17 11.23 12.85
C ASP B 259 3.74 12.53 13.39
N ARG B 260 4.16 12.56 14.65
CA ARG B 260 4.75 13.76 15.22
C ARG B 260 6.28 13.76 15.14
N ARG B 261 6.86 12.79 14.44
CA ARG B 261 8.32 12.70 14.31
C ARG B 261 8.86 13.84 13.45
N ASP B 262 10.06 14.31 13.78
CA ASP B 262 10.60 15.55 13.23
C ASP B 262 11.81 15.37 12.30
N SER B 263 12.18 14.12 11.95
CA SER B 263 13.21 13.69 10.98
C SER B 263 14.57 13.42 11.62
N PHE B 264 14.80 13.88 12.84
CA PHE B 264 15.88 13.38 13.68
C PHE B 264 15.41 12.28 14.61
N GLY B 265 14.16 11.83 14.44
CA GLY B 265 13.56 10.92 15.38
C GLY B 265 13.37 11.53 16.75
N THR B 266 12.62 12.64 16.81
CA THR B 266 12.27 13.31 18.06
C THR B 266 10.75 13.46 18.11
N VAL B 267 10.16 13.16 19.27
CA VAL B 267 8.72 13.27 19.46
C VAL B 267 8.48 13.84 20.86
N THR B 268 9.50 13.77 21.70
CA THR B 268 9.32 14.11 23.12
C THR B 268 9.07 15.60 23.32
N THR B 269 9.75 16.46 22.55
CA THR B 269 9.69 17.89 22.76
C THR B 269 8.27 18.44 22.65
N LEU B 270 7.39 17.77 21.90
CA LEU B 270 6.02 18.22 21.68
C LEU B 270 5.12 18.09 22.90
N PHE B 271 5.51 17.31 23.91
CA PHE B 271 4.62 16.96 25.02
C PHE B 271 5.00 17.67 26.33
N GLU B 272 6.23 17.48 26.80
CA GLU B 272 6.72 18.06 28.06
C GLU B 272 5.75 17.83 29.23
N ASN B 273 4.92 16.80 29.13
CA ASN B 273 4.53 15.98 30.27
C ASN B 273 5.33 14.68 30.18
N THR B 274 6.64 14.81 30.39
CA THR B 274 7.59 13.78 30.03
C THR B 274 8.31 13.21 31.26
N ILE B 275 8.82 12.00 31.08
CA ILE B 275 9.58 11.28 32.09
C ILE B 275 11.04 11.23 31.63
N THR B 276 11.96 11.01 32.57
CA THR B 276 13.36 10.97 32.21
C THR B 276 13.71 9.65 31.53
N ASN B 277 14.87 9.62 30.85
CA ASN B 277 15.38 8.36 30.31
C ASN B 277 15.65 7.36 31.43
N GLN B 278 16.21 7.84 32.55
CA GLN B 278 16.52 6.96 33.66
C GLN B 278 15.27 6.24 34.16
N GLU B 279 14.16 6.97 34.31
CA GLU B 279 12.92 6.37 34.79
C GLU B 279 12.28 5.45 33.75
N LEU B 280 12.37 5.86 32.47
CA LEU B 280 11.91 5.01 31.36
C LEU B 280 12.49 3.61 31.46
N LEU B 281 13.78 3.51 31.83
CA LEU B 281 14.48 2.23 31.85
C LEU B 281 14.13 1.36 33.04
N GLU B 282 13.61 1.96 34.13
CA GLU B 282 13.30 1.19 35.33
C GLU B 282 11.80 0.97 35.50
N LEU B 283 10.99 1.35 34.50
CA LEU B 283 9.57 1.07 34.53
C LEU B 283 9.31 -0.43 34.49
N ASP B 284 8.34 -0.88 35.29
CA ASP B 284 7.99 -2.29 35.36
C ASP B 284 7.27 -2.72 34.08
N CYS B 285 7.77 -3.80 33.48
CA CYS B 285 7.28 -4.21 32.17
C CYS B 285 7.72 -5.65 31.94
N ASP B 286 7.33 -6.20 30.78
CA ASP B 286 7.76 -7.54 30.39
C ASP B 286 8.98 -7.52 29.48
N ILE B 287 9.04 -6.57 28.55
CA ILE B 287 10.07 -6.56 27.52
C ILE B 287 10.65 -5.15 27.46
N LEU B 288 11.92 -5.02 27.83
CA LEU B 288 12.67 -3.79 27.67
C LEU B 288 13.55 -3.92 26.45
N VAL B 289 13.56 -2.90 25.60
CA VAL B 289 14.32 -2.91 24.35
C VAL B 289 15.14 -1.64 24.23
N PRO B 290 16.38 -1.63 24.73
CA PRO B 290 17.25 -0.49 24.44
C PRO B 290 17.65 -0.44 22.96
N ALA B 291 16.98 0.39 22.17
CA ALA B 291 17.34 0.62 20.77
C ALA B 291 17.91 2.02 20.59
N ALA B 292 18.72 2.45 21.56
CA ALA B 292 19.33 3.77 21.55
C ALA B 292 20.74 3.66 22.13
N ILE B 293 21.59 4.58 21.66
CA ILE B 293 23.03 4.71 21.94
C ILE B 293 23.66 3.48 22.60
N GLU B 294 24.30 3.68 23.74
CA GLU B 294 25.08 2.62 24.36
C GLU B 294 25.40 2.99 25.80
N ASN B 295 25.61 1.96 26.63
CA ASN B 295 25.87 2.10 28.07
C ASN B 295 24.66 2.66 28.80
N GLN B 296 23.47 2.30 28.35
CA GLN B 296 22.26 2.70 29.05
C GLN B 296 21.96 1.82 30.25
N ILE B 297 22.27 0.53 30.19
CA ILE B 297 22.08 -0.38 31.30
C ILE B 297 23.44 -0.66 31.92
N THR B 298 23.67 -0.17 33.14
CA THR B 298 24.98 -0.16 33.76
C THR B 298 24.88 -0.75 35.16
N ALA B 299 26.02 -0.78 35.87
CA ALA B 299 26.02 -1.25 37.25
C ALA B 299 25.05 -0.45 38.12
N GLU B 300 24.91 0.85 37.85
CA GLU B 300 23.97 1.64 38.65
C GLU B 300 22.53 1.37 38.25
N ASN B 301 22.31 1.03 36.98
CA ASN B 301 20.98 0.86 36.42
C ASN B 301 20.44 -0.55 36.71
N ALA B 302 21.27 -1.56 36.50
CA ALA B 302 20.80 -2.91 36.20
C ALA B 302 20.09 -3.57 37.38
N HIS B 303 20.45 -3.19 38.59
CA HIS B 303 19.73 -3.71 39.75
C HIS B 303 18.26 -3.25 39.78
N ASN B 304 17.93 -2.16 39.09
CA ASN B 304 16.60 -1.58 39.20
C ASN B 304 15.76 -1.75 37.94
N ILE B 305 16.30 -2.35 36.88
CA ILE B 305 15.45 -2.60 35.72
C ILE B 305 14.45 -3.70 36.10
N LYS B 306 13.21 -3.56 35.62
CA LYS B 306 12.13 -4.42 36.08
C LYS B 306 11.56 -5.31 34.98
N ALA B 307 12.22 -5.37 33.83
CA ALA B 307 11.70 -6.15 32.71
C ALA B 307 12.08 -7.63 32.86
N THR B 308 11.12 -8.51 32.49
CA THR B 308 11.39 -9.93 32.43
C THR B 308 12.47 -10.24 31.38
N ILE B 309 12.49 -9.45 30.30
CA ILE B 309 13.30 -9.73 29.12
C ILE B 309 13.93 -8.42 28.66
N VAL B 310 15.21 -8.45 28.32
CA VAL B 310 15.91 -7.30 27.76
C VAL B 310 16.52 -7.73 26.43
N VAL B 311 16.14 -7.05 25.36
CA VAL B 311 16.58 -7.39 24.01
C VAL B 311 17.38 -6.21 23.50
N GLU B 312 18.69 -6.40 23.33
CA GLU B 312 19.52 -5.31 22.84
C GLU B 312 19.27 -5.14 21.34
N ALA B 313 18.69 -4.00 20.99
CA ALA B 313 18.50 -3.61 19.59
C ALA B 313 19.45 -2.48 19.21
N ALA B 314 20.40 -2.15 20.07
CA ALA B 314 21.51 -1.30 19.71
C ALA B 314 22.77 -2.06 20.08
N ASN B 315 23.92 -1.57 19.62
CA ASN B 315 25.18 -2.20 20.01
C ASN B 315 25.62 -1.66 21.37
N GLY B 316 26.11 -2.56 22.20
CA GLY B 316 26.63 -2.24 23.51
C GLY B 316 25.81 -1.32 24.43
N PRO B 317 24.50 -1.53 24.57
CA PRO B 317 23.75 -0.72 25.56
C PRO B 317 23.84 -1.25 26.98
N THR B 318 24.29 -2.48 27.16
CA THR B 318 24.46 -3.11 28.47
C THR B 318 25.95 -3.31 28.69
N THR B 319 26.45 -2.91 29.85
CA THR B 319 27.86 -3.09 30.14
C THR B 319 28.12 -4.52 30.61
N SER B 320 29.40 -4.87 30.73
CA SER B 320 29.74 -6.20 31.23
C SER B 320 29.26 -6.38 32.67
N GLU B 321 29.58 -5.41 33.54
CA GLU B 321 29.07 -5.43 34.90
C GLU B 321 27.55 -5.60 34.93
N ALA B 322 26.83 -4.82 34.10
CA ALA B 322 25.38 -4.92 34.07
C ALA B 322 24.91 -6.29 33.57
N THR B 323 25.61 -6.84 32.56
CA THR B 323 25.25 -8.14 32.01
C THR B 323 25.31 -9.24 33.07
N LYS B 324 26.33 -9.21 33.93
CA LYS B 324 26.40 -10.18 35.01
C LYS B 324 25.18 -10.07 35.91
N ILE B 325 24.71 -8.84 36.17
CA ILE B 325 23.65 -8.60 37.14
C ILE B 325 22.31 -9.08 36.61
N LEU B 326 21.98 -8.74 35.34
CA LEU B 326 20.70 -9.17 34.78
C LEU B 326 20.64 -10.68 34.71
N THR B 327 21.79 -11.32 34.44
CA THR B 327 21.86 -12.78 34.43
C THR B 327 21.66 -13.32 35.84
N GLU B 328 22.24 -12.65 36.83
CA GLU B 328 22.07 -13.11 38.19
C GLU B 328 20.63 -12.91 38.67
N ARG B 329 19.96 -11.84 38.25
CA ARG B 329 18.57 -11.62 38.63
C ARG B 329 17.58 -12.47 37.84
N GLY B 330 18.05 -13.29 36.89
CA GLY B 330 17.15 -14.16 36.17
C GLY B 330 16.44 -13.52 35.01
N ILE B 331 16.92 -12.37 34.56
CA ILE B 331 16.38 -11.71 33.38
C ILE B 331 16.97 -12.38 32.14
N LEU B 332 16.12 -12.65 31.16
CA LEU B 332 16.56 -13.19 29.88
C LEU B 332 17.09 -12.06 29.02
N LEU B 333 18.40 -12.04 28.81
CA LEU B 333 19.03 -10.99 28.03
C LEU B 333 19.39 -11.56 26.67
N VAL B 334 18.91 -10.91 25.61
CA VAL B 334 19.30 -11.27 24.25
C VAL B 334 20.39 -10.31 23.80
N PRO B 335 21.63 -10.76 23.61
CA PRO B 335 22.71 -9.83 23.23
C PRO B 335 22.46 -9.23 21.86
N ASP B 336 23.11 -8.09 21.60
CA ASP B 336 22.89 -7.44 20.31
C ASP B 336 23.49 -8.25 19.17
N VAL B 337 24.59 -8.97 19.42
CA VAL B 337 25.22 -9.71 18.35
C VAL B 337 24.31 -10.81 17.80
N LEU B 338 23.34 -11.27 18.59
CA LEU B 338 22.36 -12.25 18.17
C LEU B 338 21.10 -11.62 17.62
N ALA B 339 20.54 -10.63 18.34
CA ALA B 339 19.29 -10.02 17.93
C ALA B 339 19.39 -9.31 16.58
N SER B 340 20.59 -8.95 16.15
CA SER B 340 20.81 -8.22 14.91
C SER B 340 21.34 -9.10 13.78
N ALA B 341 21.16 -10.41 13.88
CA ALA B 341 21.76 -11.30 12.89
C ALA B 341 20.92 -11.46 11.62
N GLY B 342 19.75 -10.84 11.54
CA GLY B 342 18.91 -11.00 10.37
C GLY B 342 19.50 -10.38 9.10
N GLY B 343 20.31 -9.34 9.25
CA GLY B 343 20.93 -8.74 8.07
C GLY B 343 21.93 -9.67 7.40
N ALA B 344 22.71 -10.39 8.20
CA ALA B 344 23.64 -11.37 7.67
C ALA B 344 22.89 -12.57 7.08
N THR B 345 21.87 -13.04 7.79
CA THR B 345 21.07 -14.15 7.30
C THR B 345 20.53 -13.89 5.91
N VAL B 346 19.99 -12.68 5.67
CA VAL B 346 19.38 -12.40 4.38
C VAL B 346 20.46 -12.14 3.33
N SER B 347 21.63 -11.65 3.76
CA SER B 347 22.82 -11.67 2.91
C SER B 347 23.08 -13.05 2.37
N TYR B 348 23.12 -14.03 3.27
CA TYR B 348 23.33 -15.44 2.94
C TYR B 348 22.27 -15.95 1.95
N PHE B 349 21.00 -15.69 2.24
CA PHE B 349 19.93 -16.08 1.31
C PHE B 349 20.16 -15.50 -0.08
N GLU B 350 20.67 -14.27 -0.18
CA GLU B 350 20.95 -13.72 -1.50
C GLU B 350 22.05 -14.51 -2.20
N TRP B 351 23.07 -14.94 -1.44
CA TRP B 351 24.13 -15.75 -2.01
C TRP B 351 23.63 -17.11 -2.47
N VAL B 352 22.79 -17.77 -1.67
CA VAL B 352 22.23 -19.06 -2.06
C VAL B 352 21.44 -18.93 -3.36
N GLN B 353 20.57 -17.92 -3.43
CA GLN B 353 19.78 -17.73 -4.64
C GLN B 353 20.68 -17.49 -5.84
N ASN B 354 21.78 -16.76 -5.63
CA ASN B 354 22.76 -16.60 -6.70
C ASN B 354 23.36 -17.94 -7.10
N ASN B 355 23.67 -18.80 -6.12
CA ASN B 355 24.23 -20.11 -6.45
C ASN B 355 23.27 -20.92 -7.32
N MET B 356 21.98 -20.89 -6.98
CA MET B 356 20.99 -21.66 -7.72
C MET B 356 20.54 -20.98 -9.01
N GLY B 357 20.67 -19.65 -9.10
CA GLY B 357 20.04 -18.92 -10.18
C GLY B 357 18.54 -18.89 -10.05
N TYR B 358 18.04 -19.04 -8.83
CA TYR B 358 16.61 -19.14 -8.56
C TYR B 358 16.31 -18.24 -7.38
N TYR B 359 15.18 -17.52 -7.44
CA TYR B 359 14.97 -16.38 -6.55
C TYR B 359 13.65 -16.51 -5.81
N TRP B 360 13.68 -16.16 -4.52
CA TRP B 360 12.59 -16.41 -3.59
C TRP B 360 11.70 -15.18 -3.48
N GLU B 361 10.41 -15.43 -3.28
CA GLU B 361 9.45 -14.39 -2.95
C GLU B 361 9.71 -13.82 -1.56
N GLU B 362 9.15 -12.63 -1.33
CA GLU B 362 9.26 -11.96 -0.03
C GLU B 362 8.81 -12.86 1.11
N GLU B 363 7.70 -13.57 0.92
CA GLU B 363 7.14 -14.43 1.96
C GLU B 363 8.08 -15.57 2.29
N GLU B 364 8.75 -16.13 1.28
CA GLU B 364 9.63 -17.26 1.51
C GLU B 364 10.90 -16.83 2.23
N VAL B 365 11.41 -15.66 1.88
CA VAL B 365 12.56 -15.11 2.58
C VAL B 365 12.22 -14.84 4.04
N GLN B 366 10.99 -14.37 4.29
CA GLN B 366 10.54 -14.15 5.67
C GLN B 366 10.43 -15.45 6.44
N GLU B 367 9.77 -16.48 5.87
CA GLU B 367 9.68 -17.78 6.53
C GLU B 367 11.04 -18.30 6.92
N LYS B 368 11.99 -18.29 5.97
CA LYS B 368 13.32 -18.82 6.25
C LYS B 368 14.07 -17.97 7.25
N LEU B 369 13.86 -16.65 7.23
CA LEU B 369 14.51 -15.79 8.20
C LEU B 369 14.05 -16.11 9.62
N TYR B 370 12.74 -16.37 9.79
CA TYR B 370 12.21 -16.66 11.12
C TYR B 370 12.83 -17.93 11.69
N LYS B 371 12.85 -19.00 10.87
CA LYS B 371 13.43 -20.27 11.30
C LYS B 371 14.92 -20.12 11.63
N LYS B 372 15.65 -19.32 10.86
CA LYS B 372 17.06 -19.11 11.17
C LYS B 372 17.22 -18.36 12.49
N MET B 373 16.39 -17.34 12.72
CA MET B 373 16.50 -16.54 13.95
C MET B 373 15.98 -17.31 15.16
N TYR B 374 14.89 -18.06 15.01
CA TYR B 374 14.45 -18.91 16.10
C TYR B 374 15.54 -19.92 16.49
N ASP B 375 16.10 -20.61 15.48
CA ASP B 375 17.10 -21.64 15.75
C ASP B 375 18.34 -21.06 16.42
N SER B 376 18.74 -19.85 16.03
CA SER B 376 19.87 -19.21 16.68
C SER B 376 19.54 -18.86 18.12
N PHE B 377 18.40 -18.21 18.34
CA PHE B 377 17.99 -17.90 19.70
C PHE B 377 17.97 -19.17 20.54
N GLU B 378 17.38 -20.23 20.01
CA GLU B 378 17.31 -21.50 20.74
C GLU B 378 18.71 -22.04 21.04
N ALA B 379 19.62 -21.97 20.07
CA ALA B 379 20.97 -22.47 20.27
C ALA B 379 21.72 -21.67 21.34
N VAL B 380 21.58 -20.35 21.33
CA VAL B 380 22.30 -19.56 22.34
C VAL B 380 21.67 -19.75 23.72
N TYR B 381 20.34 -19.82 23.77
CA TYR B 381 19.66 -20.04 25.03
C TYR B 381 20.07 -21.38 25.65
N THR B 382 20.26 -22.40 24.81
CA THR B 382 20.61 -23.73 25.34
C THR B 382 22.07 -23.76 25.79
N THR B 383 22.97 -23.07 25.09
CA THR B 383 24.34 -22.98 25.57
C THR B 383 24.39 -22.23 26.90
N ALA B 384 23.67 -21.12 27.01
CA ALA B 384 23.70 -20.32 28.25
C ALA B 384 23.07 -21.08 29.40
N THR B 385 21.97 -21.77 29.13
CA THR B 385 21.26 -22.47 30.18
C THR B 385 21.99 -23.74 30.59
N THR B 386 22.63 -24.42 29.63
CA THR B 386 23.29 -25.70 29.92
C THR B 386 24.60 -25.48 30.68
N ARG B 387 25.33 -24.43 30.35
CA ARG B 387 26.58 -24.14 31.01
C ARG B 387 26.43 -23.19 32.17
N ASN B 388 25.23 -22.63 32.38
CA ASN B 388 24.94 -21.67 33.43
C ASN B 388 25.87 -20.45 33.33
N ILE B 389 25.70 -19.73 32.21
CA ILE B 389 26.47 -18.54 31.88
C ILE B 389 25.51 -17.53 31.28
N ASP B 390 26.00 -16.31 31.10
CA ASP B 390 25.18 -15.27 30.51
C ASP B 390 25.07 -15.48 29.01
N MET B 391 23.98 -14.99 28.44
CA MET B 391 23.72 -15.20 27.03
C MET B 391 24.74 -14.50 26.12
N ARG B 392 25.41 -13.44 26.59
CA ARG B 392 26.39 -12.80 25.71
C ARG B 392 27.62 -13.68 25.53
N LEU B 393 28.07 -14.31 26.61
CA LEU B 393 29.18 -15.24 26.47
C LEU B 393 28.76 -16.47 25.69
N ALA B 394 27.51 -16.92 25.87
CA ALA B 394 27.01 -18.08 25.13
C ALA B 394 26.94 -17.76 23.64
N ALA B 395 26.45 -16.57 23.29
CA ALA B 395 26.41 -16.17 21.89
C ALA B 395 27.80 -16.23 21.27
N TYR B 396 28.79 -15.65 21.94
CA TYR B 396 30.17 -15.70 21.48
C TYR B 396 30.59 -17.13 21.22
N MET B 397 30.24 -18.03 22.15
CA MET B 397 30.67 -19.42 22.05
C MET B 397 30.04 -20.12 20.85
N VAL B 398 28.73 -19.97 20.65
CA VAL B 398 28.11 -20.49 19.43
C VAL B 398 28.78 -19.91 18.20
N GLY B 399 29.17 -18.64 18.27
CA GLY B 399 29.71 -17.99 17.09
C GLY B 399 31.10 -18.49 16.71
N VAL B 400 31.90 -18.87 17.70
CA VAL B 400 33.24 -19.37 17.41
C VAL B 400 33.27 -20.88 17.24
N ARG B 401 32.24 -21.59 17.70
CA ARG B 401 32.34 -23.04 17.87
C ARG B 401 32.58 -23.74 16.54
N ARG B 402 31.84 -23.37 15.50
CA ARG B 402 31.93 -24.04 14.20
C ARG B 402 33.30 -23.88 13.59
N THR B 403 33.87 -22.67 13.70
CA THR B 403 35.18 -22.45 13.11
C THR B 403 36.26 -23.24 13.84
N ALA B 404 36.16 -23.36 15.15
CA ALA B 404 37.14 -24.12 15.89
C ALA B 404 36.97 -25.62 15.65
N GLU B 405 35.72 -26.09 15.56
CA GLU B 405 35.50 -27.50 15.22
C GLU B 405 35.98 -27.81 13.79
N ALA B 406 35.76 -26.89 12.86
CA ALA B 406 36.23 -27.12 11.50
C ALA B 406 37.75 -27.02 11.40
N SER B 407 38.35 -26.10 12.15
CA SER B 407 39.80 -25.95 12.12
C SER B 407 40.49 -27.21 12.63
N ARG B 408 39.95 -27.82 13.68
CA ARG B 408 40.50 -29.08 14.17
C ARG B 408 40.30 -30.18 13.13
N PHE B 409 39.08 -30.28 12.58
CA PHE B 409 38.72 -31.38 11.69
C PHE B 409 39.58 -31.38 10.43
N ARG B 410 39.91 -30.22 9.89
CA ARG B 410 40.66 -30.14 8.64
C ARG B 410 42.16 -30.23 8.87
N GLY B 411 42.59 -30.36 10.12
CA GLY B 411 43.99 -30.56 10.45
C GLY B 411 44.77 -29.31 10.76
N TRP B 412 44.12 -28.13 10.82
CA TRP B 412 44.90 -26.90 10.94
C TRP B 412 45.48 -26.72 12.32
N VAL B 413 45.10 -27.55 13.27
CA VAL B 413 45.62 -27.42 14.60
C VAL B 413 45.77 -28.82 15.17
N LEU C 4 40.39 30.23 -9.59
CA LEU C 4 39.69 29.50 -8.53
C LEU C 4 40.17 29.88 -7.10
N ASN C 5 41.20 30.72 -7.00
CA ASN C 5 41.73 31.07 -5.68
C ASN C 5 40.67 31.80 -4.87
N LEU C 6 40.40 31.29 -3.67
CA LEU C 6 39.33 31.84 -2.85
C LEU C 6 39.62 33.28 -2.44
N PHE C 7 40.82 33.53 -1.91
CA PHE C 7 41.14 34.83 -1.32
C PHE C 7 41.04 35.97 -2.35
N THR C 8 41.69 35.82 -3.50
CA THR C 8 41.56 36.87 -4.51
C THR C 8 40.13 36.99 -5.02
N SER C 9 39.39 35.90 -5.02
CA SER C 9 37.98 35.96 -5.41
C SER C 9 37.17 36.71 -4.35
N THR C 10 37.48 36.46 -3.07
CA THR C 10 36.82 37.16 -1.98
C THR C 10 37.09 38.66 -2.06
N GLN C 11 38.33 39.04 -2.40
CA GLN C 11 38.65 40.47 -2.54
C GLN C 11 37.75 41.13 -3.57
N GLU C 12 37.50 40.44 -4.68
CA GLU C 12 36.64 40.99 -5.72
C GLU C 12 35.23 41.22 -5.21
N VAL C 13 34.78 40.37 -4.29
CA VAL C 13 33.45 40.56 -3.69
C VAL C 13 33.43 41.86 -2.90
N VAL C 14 34.44 42.07 -2.05
CA VAL C 14 34.52 43.29 -1.26
C VAL C 14 34.65 44.51 -2.16
N LYS C 15 35.41 44.40 -3.25
CA LYS C 15 35.68 45.56 -4.09
C LYS C 15 34.43 46.01 -4.82
N GLU C 16 33.68 45.05 -5.38
CA GLU C 16 32.44 45.39 -6.08
C GLU C 16 31.38 45.94 -5.14
N ALA C 17 31.39 45.51 -3.88
CA ALA C 17 30.38 46.01 -2.94
C ALA C 17 30.70 47.41 -2.42
N LEU C 18 31.97 47.64 -2.04
CA LEU C 18 32.38 48.99 -1.66
C LEU C 18 32.22 49.95 -2.81
N ASN C 19 32.51 49.49 -4.03
CA ASN C 19 32.40 50.35 -5.18
C ASN C 19 30.94 50.72 -5.48
N LYS C 20 30.02 49.76 -5.34
CA LYS C 20 28.62 50.11 -5.56
C LYS C 20 28.06 50.95 -4.43
N LEU C 21 28.57 50.76 -3.20
CA LEU C 21 28.14 51.60 -2.10
C LEU C 21 28.61 53.04 -2.24
N GLY C 22 29.57 53.30 -3.13
CA GLY C 22 30.10 54.64 -3.34
C GLY C 22 31.38 54.97 -2.60
N TYR C 23 31.93 54.03 -1.83
CA TYR C 23 33.18 54.31 -1.16
C TYR C 23 34.33 54.38 -2.15
N ASP C 24 35.45 54.93 -1.69
CA ASP C 24 36.58 55.29 -2.54
C ASP C 24 37.66 54.21 -2.49
N GLU C 25 38.67 54.37 -3.35
CA GLU C 25 39.75 53.40 -3.45
C GLU C 25 40.41 53.13 -2.10
N ALA C 26 40.61 54.20 -1.31
CA ALA C 26 41.24 54.04 -0.01
C ALA C 26 40.51 53.01 0.83
N MET C 27 39.18 53.00 0.76
CA MET C 27 38.39 52.08 1.58
C MET C 27 38.58 50.64 1.14
N TYR C 28 38.71 50.39 -0.18
CA TYR C 28 39.01 49.04 -0.62
C TYR C 28 40.37 48.60 -0.09
N GLU C 29 41.38 49.46 -0.23
CA GLU C 29 42.72 49.12 0.25
C GLU C 29 42.71 48.77 1.73
N LEU C 30 41.89 49.46 2.54
CA LEU C 30 41.80 49.14 3.96
C LEU C 30 41.17 47.78 4.18
N LEU C 31 40.19 47.42 3.35
CA LEU C 31 39.42 46.21 3.57
C LEU C 31 39.88 45.01 2.73
N LYS C 32 40.83 45.17 1.81
CA LYS C 32 41.19 44.07 0.91
C LYS C 32 42.06 43.00 1.58
N GLU C 33 42.54 43.24 2.81
CA GLU C 33 43.39 42.35 3.58
C GLU C 33 42.99 42.48 5.04
N PRO C 34 43.18 41.45 5.86
CA PRO C 34 42.95 41.61 7.31
C PRO C 34 43.90 42.61 7.92
N LEU C 35 43.40 43.31 8.94
CA LEU C 35 44.24 44.25 9.68
C LEU C 35 45.39 43.53 10.34
N ARG C 36 45.13 42.35 10.87
CA ARG C 36 46.07 41.54 11.61
C ARG C 36 45.94 40.13 11.08
N LEU C 37 47.07 39.49 10.82
CA LEU C 37 47.12 38.05 10.58
C LEU C 37 48.29 37.51 11.38
N LEU C 38 48.00 36.57 12.28
CA LEU C 38 48.99 35.95 13.15
C LEU C 38 49.23 34.50 12.74
N LYS C 39 50.47 34.19 12.34
CA LYS C 39 50.92 32.84 12.00
C LYS C 39 51.77 32.29 13.14
N VAL C 40 51.43 31.09 13.63
CA VAL C 40 52.10 30.57 14.81
C VAL C 40 52.56 29.14 14.57
N ARG C 41 53.53 28.73 15.39
CA ARG C 41 54.07 27.37 15.39
C ARG C 41 53.92 26.78 16.79
N ILE C 42 53.13 25.71 16.88
CA ILE C 42 52.67 25.13 18.14
C ILE C 42 53.35 23.78 18.31
N PRO C 43 54.30 23.63 19.23
CA PRO C 43 54.84 22.29 19.50
C PRO C 43 53.85 21.49 20.32
N VAL C 44 53.69 20.21 19.96
CA VAL C 44 52.78 19.34 20.70
C VAL C 44 53.53 18.05 21.04
N LYS C 45 53.39 17.59 22.28
CA LYS C 45 53.91 16.31 22.69
C LYS C 45 52.91 15.24 22.24
N MET C 46 53.33 14.38 21.32
CA MET C 46 52.42 13.39 20.77
C MET C 46 52.43 12.15 21.63
N ASP C 47 51.39 11.32 21.45
CA ASP C 47 51.22 10.17 22.34
C ASP C 47 52.41 9.22 22.32
N ASP C 48 53.23 9.24 21.28
CA ASP C 48 54.41 8.38 21.20
C ASP C 48 55.65 9.06 21.76
N GLY C 49 55.52 10.25 22.34
CA GLY C 49 56.64 10.93 22.94
C GLY C 49 57.45 11.79 21.99
N THR C 50 57.10 11.86 20.71
CA THR C 50 57.75 12.83 19.86
C THR C 50 57.01 14.15 19.88
N THR C 51 57.78 15.22 19.67
CA THR C 51 57.24 16.56 19.49
C THR C 51 56.97 16.77 18.00
N GLN C 52 55.73 17.06 17.67
CA GLN C 52 55.31 17.45 16.34
C GLN C 52 54.97 18.93 16.43
N VAL C 53 55.32 19.68 15.39
CA VAL C 53 55.15 21.13 15.40
C VAL C 53 54.15 21.48 14.31
N PHE C 54 53.10 22.21 14.69
CA PHE C 54 51.95 22.48 13.85
C PHE C 54 51.86 23.96 13.51
N THR C 55 51.49 24.25 12.27
CA THR C 55 51.29 25.62 11.83
C THR C 55 49.84 26.04 12.08
N GLY C 56 49.67 27.16 12.81
CA GLY C 56 48.38 27.74 13.08
C GLY C 56 48.23 29.15 12.54
N TYR C 57 46.97 29.60 12.33
CA TYR C 57 46.66 30.92 11.80
C TYR C 57 45.49 31.52 12.56
N ARG C 58 45.51 32.84 12.72
CA ARG C 58 44.35 33.56 13.22
C ARG C 58 44.29 34.88 12.47
N ALA C 59 43.24 35.07 11.68
CA ALA C 59 43.05 36.32 10.93
C ALA C 59 41.99 37.17 11.61
N GLN C 60 42.21 38.47 11.61
CA GLN C 60 41.23 39.45 12.08
C GLN C 60 41.10 40.51 10.99
N HIS C 61 39.93 40.54 10.34
CA HIS C 61 39.75 41.32 9.13
C HIS C 61 39.63 42.81 9.43
N SER C 62 38.57 43.18 10.14
CA SER C 62 38.36 44.56 10.54
C SER C 62 37.65 44.47 11.86
N ASP C 63 38.12 45.24 12.84
CA ASP C 63 37.41 45.37 14.12
C ASP C 63 36.79 46.75 14.28
N ALA C 64 36.55 47.45 13.16
CA ALA C 64 35.96 48.79 13.19
C ALA C 64 34.60 48.79 13.89
N VAL C 65 33.87 47.69 13.84
CA VAL C 65 32.48 47.66 14.26
C VAL C 65 32.39 47.03 15.64
N GLY C 66 33.36 46.17 15.97
CA GLY C 66 33.44 45.53 17.26
C GLY C 66 34.54 44.50 17.27
N PRO C 67 34.54 43.62 18.28
CA PRO C 67 35.50 42.51 18.28
C PRO C 67 35.28 41.60 17.07
N THR C 68 36.31 40.87 16.67
CA THR C 68 36.10 40.03 15.50
C THR C 68 35.58 38.66 15.92
N LYS C 69 34.95 37.98 14.95
CA LYS C 69 34.24 36.73 15.20
C LYS C 69 34.46 35.76 14.05
N GLY C 70 34.72 34.50 14.38
CA GLY C 70 34.89 33.48 13.37
C GLY C 70 35.54 32.22 13.93
N GLY C 71 35.19 31.07 13.37
CA GLY C 71 35.61 29.81 13.94
C GLY C 71 37.02 29.40 13.58
N VAL C 72 37.43 28.25 14.13
CA VAL C 72 38.72 27.62 13.88
C VAL C 72 38.47 26.25 13.27
N ARG C 73 39.24 25.92 12.23
CA ARG C 73 39.13 24.62 11.59
C ARG C 73 40.48 23.89 11.57
N PHE C 74 40.42 22.57 11.72
CA PHE C 74 41.60 21.70 11.72
C PHE C 74 41.52 20.85 10.46
N HIS C 75 42.21 21.26 9.41
CA HIS C 75 42.18 20.52 8.17
C HIS C 75 43.58 20.42 7.59
N PRO C 76 43.91 19.33 6.88
CA PRO C 76 45.24 19.22 6.25
C PRO C 76 45.49 20.23 5.16
N MET C 77 44.44 20.89 4.64
CA MET C 77 44.50 21.79 3.49
C MET C 77 44.28 23.24 3.89
N VAL C 78 44.19 23.53 5.19
CA VAL C 78 44.10 24.90 5.66
C VAL C 78 45.32 25.66 5.16
N SER C 79 45.10 26.87 4.67
CA SER C 79 46.21 27.70 4.22
C SER C 79 46.02 29.12 4.73
N GLU C 80 47.05 29.94 4.55
CA GLU C 80 46.93 31.34 4.95
C GLU C 80 45.84 32.04 4.15
N ASP C 81 45.85 31.89 2.83
CA ASP C 81 44.84 32.54 1.99
C ASP C 81 43.43 32.08 2.35
N GLU C 82 43.28 30.82 2.72
CA GLU C 82 41.96 30.34 3.15
C GLU C 82 41.49 31.10 4.38
N VAL C 83 42.33 31.19 5.41
CA VAL C 83 41.90 31.83 6.65
C VAL C 83 41.63 33.31 6.42
N LYS C 84 42.47 33.99 5.62
CA LYS C 84 42.25 35.41 5.35
C LYS C 84 40.93 35.65 4.66
N ALA C 85 40.63 34.84 3.63
CA ALA C 85 39.38 35.01 2.89
C ALA C 85 38.17 34.79 3.79
N LEU C 86 38.22 33.73 4.60
CA LEU C 86 37.04 33.38 5.39
C LEU C 86 36.81 34.37 6.52
N SER C 87 37.88 35.02 7.02
CA SER C 87 37.67 36.08 7.99
C SER C 87 36.90 37.23 7.35
N MET C 88 37.20 37.53 6.08
CA MET C 88 36.45 38.56 5.37
C MET C 88 34.99 38.14 5.17
N TRP C 89 34.77 36.88 4.75
CA TRP C 89 33.39 36.40 4.64
C TRP C 89 32.65 36.50 5.97
N MET C 90 33.37 36.25 7.08
CA MET C 90 32.75 36.40 8.40
C MET C 90 32.30 37.82 8.65
N THR C 91 33.12 38.81 8.25
CA THR C 91 32.70 40.21 8.31
C THR C 91 31.37 40.43 7.58
N LEU C 92 31.27 39.93 6.35
CA LEU C 92 30.03 40.08 5.60
C LEU C 92 28.88 39.35 6.27
N LYS C 93 29.12 38.15 6.79
CA LYS C 93 28.05 37.40 7.42
C LYS C 93 27.51 38.15 8.63
N CYS C 94 28.41 38.67 9.46
CA CYS C 94 28.00 39.39 10.66
C CYS C 94 27.18 40.64 10.31
N GLY C 95 27.61 41.39 9.30
CA GLY C 95 26.92 42.62 8.93
C GLY C 95 25.57 42.39 8.28
N ILE C 96 25.45 41.32 7.46
CA ILE C 96 24.15 41.01 6.86
C ILE C 96 23.10 40.83 7.94
N VAL C 97 23.48 40.30 9.08
CA VAL C 97 22.56 40.11 10.18
C VAL C 97 22.83 41.11 11.32
N ASP C 98 23.68 42.13 11.07
CA ASP C 98 23.72 43.37 11.86
C ASP C 98 24.28 43.15 13.26
N LEU C 99 25.40 42.44 13.33
CA LEU C 99 26.00 42.16 14.61
C LEU C 99 27.11 43.17 14.92
N PRO C 100 27.36 43.46 16.18
CA PRO C 100 28.47 44.36 16.51
C PRO C 100 29.84 43.69 16.35
N TYR C 101 30.03 42.97 15.23
CA TYR C 101 31.19 42.10 15.01
C TYR C 101 31.85 42.39 13.68
N GLY C 102 33.20 42.39 13.69
CA GLY C 102 33.97 42.18 12.49
C GLY C 102 34.30 40.70 12.32
N GLY C 103 34.89 40.37 11.17
CA GLY C 103 35.14 38.99 10.82
C GLY C 103 36.48 38.49 11.31
N GLY C 104 36.48 37.26 11.84
CA GLY C 104 37.70 36.58 12.23
C GLY C 104 37.68 35.15 11.73
N LYS C 105 38.83 34.48 11.87
CA LYS C 105 38.95 33.13 11.35
C LYS C 105 40.29 32.56 11.81
N GLY C 106 40.28 31.25 12.09
CA GLY C 106 41.50 30.56 12.46
C GLY C 106 41.56 29.18 11.83
N GLY C 107 42.79 28.68 11.72
CA GLY C 107 43.03 27.36 11.19
C GLY C 107 44.34 26.82 11.68
N ILE C 108 44.42 25.49 11.80
CA ILE C 108 45.62 24.73 12.09
C ILE C 108 45.83 23.72 10.96
N ILE C 109 47.06 23.60 10.46
CA ILE C 109 47.37 22.56 9.48
C ILE C 109 47.62 21.25 10.24
N CYS C 110 46.66 20.34 10.17
CA CYS C 110 46.76 19.04 10.81
C CYS C 110 45.70 18.12 10.22
N ASP C 111 45.79 16.84 10.53
CA ASP C 111 44.73 15.91 10.17
C ASP C 111 44.12 15.42 11.48
N PRO C 112 43.07 16.07 11.98
CA PRO C 112 42.53 15.69 13.30
C PRO C 112 42.06 14.26 13.38
N ARG C 113 41.53 13.71 12.27
CA ARG C 113 41.08 12.32 12.27
C ARG C 113 42.23 11.33 12.48
N GLN C 114 43.48 11.76 12.29
CA GLN C 114 44.65 10.94 12.57
C GLN C 114 45.27 11.24 13.93
N MET C 115 44.65 12.08 14.76
CA MET C 115 45.18 12.38 16.07
C MET C 115 44.25 11.87 17.16
N SER C 116 44.82 11.59 18.33
CA SER C 116 44.04 11.09 19.44
C SER C 116 43.38 12.24 20.22
N MET C 117 42.55 11.85 21.19
CA MET C 117 41.92 12.79 22.11
C MET C 117 42.97 13.67 22.77
N GLY C 118 43.94 13.04 23.45
CA GLY C 118 44.97 13.80 24.14
C GLY C 118 45.77 14.70 23.22
N GLU C 119 46.01 14.25 21.99
CA GLU C 119 46.77 15.10 21.08
C GLU C 119 45.95 16.31 20.66
N LEU C 120 44.65 16.12 20.36
CA LEU C 120 43.80 17.24 19.97
C LEU C 120 43.63 18.23 21.12
N GLU C 121 43.50 17.75 22.35
CA GLU C 121 43.41 18.67 23.48
C GLU C 121 44.69 19.47 23.63
N ARG C 122 45.84 18.79 23.67
CA ARG C 122 47.12 19.50 23.75
C ARG C 122 47.35 20.45 22.57
N LEU C 123 46.86 20.12 21.38
CA LEU C 123 46.96 21.06 20.27
C LEU C 123 45.97 22.21 20.43
N SER C 124 44.78 21.93 20.96
CA SER C 124 43.84 23.01 21.19
C SER C 124 44.39 24.00 22.20
N ARG C 125 44.95 23.47 23.29
CA ARG C 125 45.54 24.32 24.32
C ARG C 125 46.71 25.13 23.79
N GLY C 126 47.66 24.46 23.09
CA GLY C 126 48.79 25.17 22.52
C GLY C 126 48.39 26.22 21.49
N TYR C 127 47.28 26.00 20.80
CA TYR C 127 46.78 27.03 19.90
C TYR C 127 46.35 28.28 20.66
N VAL C 128 45.58 28.11 21.76
CA VAL C 128 45.14 29.26 22.54
C VAL C 128 46.33 29.97 23.17
N ARG C 129 47.28 29.21 23.75
CA ARG C 129 48.54 29.80 24.22
C ARG C 129 49.21 30.64 23.12
N ALA C 130 49.21 30.15 21.88
CA ALA C 130 50.01 30.79 20.86
C ALA C 130 49.40 32.12 20.44
N ILE C 131 48.08 32.25 20.47
CA ILE C 131 47.40 33.45 19.95
C ILE C 131 46.80 34.32 21.06
N SER C 132 46.87 33.89 22.31
CA SER C 132 46.12 34.54 23.39
C SER C 132 46.38 36.05 23.51
N GLN C 133 47.49 36.56 23.02
CA GLN C 133 47.78 37.98 23.18
C GLN C 133 46.87 38.86 22.34
N ILE C 134 46.23 38.33 21.31
CA ILE C 134 45.36 39.10 20.44
C ILE C 134 43.90 38.63 20.44
N VAL C 135 43.50 37.79 21.40
CA VAL C 135 42.15 37.25 21.42
C VAL C 135 41.57 37.41 22.81
N GLY C 136 40.27 37.15 22.90
CA GLY C 136 39.54 37.26 24.14
C GLY C 136 38.14 37.81 23.94
N PRO C 137 37.34 37.79 25.01
CA PRO C 137 35.95 38.22 24.92
C PRO C 137 35.73 39.60 24.30
N THR C 138 36.69 40.50 24.44
CA THR C 138 36.55 41.85 23.89
C THR C 138 37.35 42.06 22.62
N LYS C 139 38.07 41.06 22.12
CA LYS C 139 38.97 41.27 20.98
C LYS C 139 38.60 40.43 19.78
N ASP C 140 38.47 39.14 19.96
CA ASP C 140 38.34 38.19 18.87
C ASP C 140 37.85 36.87 19.43
N ILE C 141 36.67 36.45 18.99
CA ILE C 141 35.96 35.32 19.61
C ILE C 141 35.94 34.18 18.61
N PRO C 142 36.68 33.10 18.83
CA PRO C 142 36.60 31.96 17.92
C PRO C 142 35.33 31.18 18.16
N GLY C 143 35.19 30.08 17.42
CA GLY C 143 34.06 29.19 17.51
C GLY C 143 34.35 27.91 16.73
N PRO C 144 33.40 26.98 16.74
CA PRO C 144 33.62 25.73 16.02
C PRO C 144 33.61 25.93 14.50
N ASP C 145 34.26 25.00 13.81
CA ASP C 145 34.26 24.97 12.35
C ASP C 145 34.61 23.54 11.93
N MET C 146 35.24 23.40 10.76
CA MET C 146 35.55 22.08 10.23
C MET C 146 36.45 21.30 11.17
N PHE C 147 35.98 20.13 11.60
CA PHE C 147 36.70 19.22 12.47
C PHE C 147 37.03 19.83 13.83
N THR C 148 36.25 20.81 14.27
CA THR C 148 36.22 21.23 15.66
C THR C 148 34.77 21.28 16.12
N ASN C 149 34.58 21.04 17.42
CA ASN C 149 33.26 20.83 18.00
C ASN C 149 33.26 21.39 19.43
N ALA C 150 32.23 21.08 20.22
CA ALA C 150 32.08 21.72 21.52
C ALA C 150 33.19 21.31 22.49
N GLN C 151 33.68 20.07 22.36
CA GLN C 151 34.74 19.61 23.23
C GLN C 151 36.02 20.38 22.99
N ILE C 152 36.31 20.70 21.73
CA ILE C 152 37.50 21.50 21.44
C ILE C 152 37.32 22.93 21.95
N MET C 153 36.13 23.52 21.74
CA MET C 153 35.81 24.80 22.35
C MET C 153 35.98 24.75 23.86
N ALA C 154 35.63 23.60 24.48
CA ALA C 154 35.72 23.47 25.93
C ALA C 154 37.16 23.45 26.40
N TRP C 155 38.04 22.76 25.66
CA TRP C 155 39.45 22.76 25.99
C TRP C 155 40.05 24.15 25.77
N MET C 156 39.70 24.79 24.64
CA MET C 156 40.20 26.14 24.35
C MET C 156 39.74 27.15 25.40
N MET C 157 38.49 27.03 25.87
CA MET C 157 38.02 27.94 26.91
C MET C 157 38.78 27.73 28.20
N ASP C 158 38.92 26.48 28.63
CA ASP C 158 39.62 26.20 29.87
C ASP C 158 41.04 26.76 29.81
N GLU C 159 41.72 26.60 28.67
CA GLU C 159 43.08 27.13 28.57
C GLU C 159 43.08 28.66 28.69
N TYR C 160 42.20 29.33 27.95
CA TYR C 160 42.15 30.79 28.04
C TYR C 160 41.85 31.24 29.45
N SER C 161 40.95 30.54 30.15
CA SER C 161 40.53 30.97 31.48
C SER C 161 41.62 30.75 32.53
N ARG C 162 42.44 29.70 32.37
CA ARG C 162 43.58 29.49 33.27
C ARG C 162 44.62 30.59 33.09
N MET C 163 44.93 30.92 31.84
CA MET C 163 45.86 32.01 31.57
C MET C 163 45.40 33.30 32.25
N ASP C 164 44.08 33.57 32.18
CA ASP C 164 43.44 34.76 32.71
C ASP C 164 43.26 34.75 34.22
N GLU C 165 43.28 33.57 34.85
CA GLU C 165 43.02 33.37 36.28
C GLU C 165 41.56 33.62 36.67
N PHE C 166 40.65 33.61 35.69
CA PHE C 166 39.21 33.66 35.94
C PHE C 166 38.47 33.11 34.72
N ASN C 167 37.23 32.70 34.96
CA ASN C 167 36.37 32.20 33.90
C ASN C 167 36.07 33.28 32.87
N SER C 168 36.33 32.98 31.59
CA SER C 168 36.06 33.88 30.48
C SER C 168 35.26 33.13 29.43
N PRO C 169 34.02 32.73 29.74
CA PRO C 169 33.25 31.94 28.77
C PRO C 169 32.98 32.68 27.48
N GLY C 170 32.90 34.01 27.51
CA GLY C 170 32.74 34.74 26.29
C GLY C 170 33.92 34.74 25.35
N PHE C 171 35.03 34.09 25.70
CA PHE C 171 36.18 34.02 24.80
C PHE C 171 35.81 33.34 23.49
N ILE C 172 35.01 32.29 23.55
CA ILE C 172 34.80 31.39 22.43
C ILE C 172 33.35 30.92 22.51
N THR C 173 32.73 30.71 21.35
CA THR C 173 31.33 30.28 21.30
C THR C 173 31.25 28.81 20.88
N GLY C 174 30.05 28.28 20.91
CA GLY C 174 29.85 26.87 20.62
C GLY C 174 30.20 25.98 21.79
N LYS C 175 30.18 26.52 23.01
CA LYS C 175 30.55 25.77 24.19
C LYS C 175 29.44 24.80 24.55
N PRO C 176 29.77 23.75 25.30
CA PRO C 176 28.71 22.96 25.91
C PRO C 176 27.86 23.85 26.79
N LEU C 177 26.61 23.45 27.00
CA LEU C 177 25.72 24.22 27.87
C LEU C 177 26.35 24.51 29.24
N VAL C 178 26.93 23.50 29.90
CA VAL C 178 27.42 23.66 31.27
C VAL C 178 28.63 24.59 31.35
N LEU C 179 29.13 25.05 30.21
CA LEU C 179 30.23 25.99 30.20
C LEU C 179 29.81 27.37 29.71
N GLY C 180 28.51 27.61 29.59
CA GLY C 180 28.02 28.89 29.11
C GLY C 180 27.49 28.85 27.71
N GLY C 181 27.42 27.68 27.08
CA GLY C 181 26.83 27.58 25.76
C GLY C 181 25.38 28.04 25.75
N SER C 182 24.87 28.24 24.55
CA SER C 182 23.55 28.82 24.35
C SER C 182 22.55 27.74 23.92
N LYS C 183 21.38 27.74 24.55
CA LYS C 183 20.28 26.93 24.05
C LYS C 183 19.89 27.36 22.64
N GLY C 184 19.28 26.43 21.90
CA GLY C 184 18.87 26.68 20.54
C GLY C 184 20.01 26.87 19.56
N ARG C 185 21.16 26.25 19.81
CA ARG C 185 22.31 26.42 18.94
C ARG C 185 22.40 25.39 17.82
N ASP C 186 21.85 24.20 18.01
CA ASP C 186 22.09 23.13 17.04
C ASP C 186 21.28 23.32 15.78
N ARG C 187 20.05 23.81 15.91
CA ARG C 187 19.14 23.93 14.78
C ARG C 187 19.20 25.29 14.11
N ALA C 188 20.02 26.22 14.61
CA ALA C 188 19.85 27.63 14.31
C ALA C 188 20.06 27.96 12.84
N THR C 189 21.04 27.32 12.21
CA THR C 189 21.28 27.56 10.78
C THR C 189 20.10 27.09 9.94
N ALA C 190 19.65 25.85 10.17
CA ALA C 190 18.53 25.31 9.41
C ALA C 190 17.23 26.06 9.69
N GLU C 191 17.01 26.46 10.94
CA GLU C 191 15.82 27.26 11.22
C GLU C 191 15.85 28.57 10.45
N GLY C 192 17.03 29.16 10.29
CA GLY C 192 17.13 30.39 9.52
C GLY C 192 16.80 30.20 8.05
N VAL C 193 17.16 29.04 7.49
CA VAL C 193 16.75 28.72 6.11
C VAL C 193 15.24 28.61 6.04
N THR C 194 14.62 28.11 7.10
CA THR C 194 13.18 27.98 7.18
C THR C 194 12.50 29.35 7.17
N ILE C 195 13.08 30.33 7.87
CA ILE C 195 12.50 31.68 7.88
C ILE C 195 12.64 32.33 6.51
N VAL C 196 13.84 32.20 5.92
CA VAL C 196 14.13 32.80 4.63
C VAL C 196 13.28 32.17 3.53
N ILE C 197 13.02 30.86 3.64
CA ILE C 197 12.11 30.19 2.70
C ILE C 197 10.71 30.79 2.82
N GLN C 198 10.21 30.91 4.05
CA GLN C 198 8.86 31.41 4.22
C GLN C 198 8.78 32.90 3.88
N GLU C 199 9.86 33.64 4.11
CA GLU C 199 9.86 35.08 3.78
C GLU C 199 10.01 35.31 2.27
N ALA C 200 10.78 34.47 1.59
CA ALA C 200 10.83 34.55 0.13
C ALA C 200 9.45 34.22 -0.46
N ALA C 201 8.76 33.23 0.12
CA ALA C 201 7.47 32.83 -0.38
C ALA C 201 6.47 33.98 -0.34
N LYS C 202 6.44 34.76 0.74
CA LYS C 202 5.52 35.88 0.81
C LYS C 202 5.83 36.92 -0.28
N LYS C 203 7.11 37.18 -0.54
CA LYS C 203 7.49 38.18 -1.52
C LYS C 203 6.93 37.86 -2.89
N ARG C 204 6.82 36.58 -3.23
CA ARG C 204 6.18 36.14 -4.47
C ARG C 204 4.75 35.64 -4.25
N ASN C 205 4.17 35.90 -3.08
CA ASN C 205 2.77 35.56 -2.76
C ASN C 205 2.48 34.09 -3.08
N ILE C 206 3.40 33.22 -2.70
CA ILE C 206 3.33 31.79 -2.95
C ILE C 206 3.00 31.10 -1.64
N ASP C 207 1.82 30.50 -1.54
CA ASP C 207 1.43 29.80 -0.34
C ASP C 207 2.16 28.47 -0.29
N ILE C 208 2.82 28.19 0.83
CA ILE C 208 3.60 26.96 0.96
C ILE C 208 2.70 25.75 0.75
N LYS C 209 1.55 25.73 1.42
CA LYS C 209 0.63 24.61 1.32
C LYS C 209 0.19 24.42 -0.13
N GLY C 210 0.51 23.26 -0.69
CA GLY C 210 0.23 22.95 -2.08
C GLY C 210 1.27 23.42 -3.08
N ALA C 211 2.26 24.20 -2.65
CA ALA C 211 3.30 24.66 -3.56
C ALA C 211 4.26 23.53 -3.91
N ARG C 212 4.77 23.57 -5.13
CA ARG C 212 5.66 22.54 -5.65
C ARG C 212 7.10 22.92 -5.34
N VAL C 213 7.78 22.09 -4.57
CA VAL C 213 9.12 22.41 -4.09
C VAL C 213 10.03 21.21 -4.33
N VAL C 214 11.23 21.46 -4.87
CA VAL C 214 12.21 20.40 -5.05
C VAL C 214 13.51 20.79 -4.35
N ILE C 215 14.08 19.83 -3.64
CA ILE C 215 15.28 20.09 -2.85
C ILE C 215 16.37 19.10 -3.26
N GLN C 216 17.59 19.60 -3.39
CA GLN C 216 18.71 18.78 -3.84
C GLN C 216 19.55 18.36 -2.64
N GLY C 217 19.70 17.07 -2.44
CA GLY C 217 20.40 16.57 -1.27
C GLY C 217 19.43 16.00 -0.25
N PHE C 218 19.92 15.02 0.51
CA PHE C 218 19.10 14.34 1.50
C PHE C 218 19.91 13.96 2.72
N GLY C 219 20.95 14.74 3.03
CA GLY C 219 21.64 14.61 4.29
C GLY C 219 21.04 15.47 5.40
N ASN C 220 21.90 16.02 6.24
CA ASN C 220 21.43 16.79 7.39
C ASN C 220 20.57 17.97 6.96
N ALA C 221 21.08 18.78 6.03
CA ALA C 221 20.32 19.92 5.55
C ALA C 221 19.09 19.49 4.76
N GLY C 222 19.24 18.51 3.88
CA GLY C 222 18.15 18.11 3.00
C GLY C 222 17.03 17.30 3.62
N SER C 223 17.37 16.33 4.48
CA SER C 223 16.35 15.63 5.26
C SER C 223 15.44 16.63 5.93
N PHE C 224 16.03 17.59 6.64
CA PHE C 224 15.27 18.46 7.51
C PHE C 224 14.42 19.43 6.70
N LEU C 225 14.93 19.86 5.54
CA LEU C 225 14.17 20.77 4.69
C LEU C 225 13.06 20.06 3.93
N ALA C 226 13.26 18.79 3.58
CA ALA C 226 12.17 18.07 2.93
C ALA C 226 11.05 17.77 3.93
N LYS C 227 11.42 17.46 5.18
CA LYS C 227 10.42 17.22 6.21
C LYS C 227 9.72 18.52 6.61
N PHE C 228 10.46 19.62 6.64
CA PHE C 228 9.88 20.88 7.09
C PHE C 228 8.83 21.41 6.12
N MET C 229 9.06 21.25 4.82
CA MET C 229 8.07 21.72 3.86
C MET C 229 6.94 20.72 3.66
N SER C 230 7.20 19.44 3.86
CA SER C 230 6.12 18.45 3.75
C SER C 230 5.08 18.65 4.84
N ASP C 231 5.51 19.08 6.03
CA ASP C 231 4.57 19.33 7.11
C ASP C 231 3.87 20.68 6.99
N LEU C 232 4.44 21.61 6.21
CA LEU C 232 3.75 22.82 5.81
C LEU C 232 2.69 22.58 4.74
N GLY C 233 2.39 21.32 4.44
CA GLY C 233 1.46 21.00 3.38
C GLY C 233 2.00 21.15 1.98
N ALA C 234 3.25 21.60 1.82
CA ALA C 234 3.81 21.75 0.49
C ALA C 234 4.04 20.41 -0.17
N LYS C 235 4.00 20.40 -1.49
CA LYS C 235 4.26 19.19 -2.28
C LYS C 235 5.74 19.19 -2.65
N VAL C 236 6.46 18.21 -2.15
CA VAL C 236 7.90 18.06 -2.38
C VAL C 236 8.04 17.11 -3.57
N ILE C 237 7.97 17.66 -4.79
CA ILE C 237 7.91 16.82 -5.97
C ILE C 237 9.25 16.22 -6.35
N GLY C 238 10.34 16.73 -5.79
CA GLY C 238 11.65 16.18 -6.07
C GLY C 238 12.59 16.23 -4.89
N ILE C 239 13.38 15.16 -4.72
CA ILE C 239 14.55 15.16 -3.85
C ILE C 239 15.61 14.34 -4.55
N SER C 240 16.85 14.47 -4.08
CA SER C 240 17.96 13.88 -4.80
C SER C 240 19.09 13.51 -3.86
N ASP C 241 20.06 12.81 -4.44
CA ASP C 241 21.16 12.10 -3.81
C ASP C 241 22.43 12.40 -4.59
N ALA C 242 23.57 11.96 -4.06
CA ALA C 242 24.77 11.90 -4.91
C ALA C 242 24.60 10.88 -6.05
N TYR C 243 23.68 9.93 -5.90
CA TYR C 243 23.53 8.85 -6.87
C TYR C 243 22.38 9.05 -7.86
N GLY C 244 21.41 9.90 -7.54
CA GLY C 244 20.29 10.14 -8.42
C GLY C 244 19.23 11.00 -7.75
N ALA C 245 18.04 10.99 -8.34
CA ALA C 245 16.96 11.85 -7.89
C ALA C 245 15.61 11.13 -8.03
N LEU C 246 14.62 11.65 -7.31
CA LEU C 246 13.26 11.13 -7.29
C LEU C 246 12.30 12.24 -7.69
N HIS C 247 11.25 11.88 -8.44
CA HIS C 247 10.29 12.85 -8.95
C HIS C 247 8.87 12.29 -8.85
N ASP C 248 8.00 13.01 -8.15
CA ASP C 248 6.58 12.66 -8.10
C ASP C 248 5.75 13.92 -8.31
N PRO C 249 5.10 14.09 -9.47
CA PRO C 249 4.33 15.31 -9.71
C PRO C 249 3.27 15.57 -8.65
N ASN C 250 2.83 14.54 -7.95
CA ASN C 250 1.87 14.65 -6.87
C ASN C 250 2.51 14.87 -5.51
N GLY C 251 3.84 15.00 -5.46
CA GLY C 251 4.56 15.13 -4.20
C GLY C 251 5.09 13.81 -3.68
N LEU C 252 6.37 13.78 -3.30
CA LEU C 252 6.96 12.56 -2.77
C LEU C 252 6.44 12.31 -1.36
N ASP C 253 6.39 11.02 -0.99
CA ASP C 253 6.10 10.61 0.38
C ASP C 253 7.38 10.78 1.21
N ILE C 254 7.57 12.00 1.72
CA ILE C 254 8.82 12.34 2.39
C ILE C 254 9.04 11.46 3.61
N ASP C 255 7.96 11.11 4.31
CA ASP C 255 8.08 10.28 5.50
C ASP C 255 8.56 8.87 5.15
N TYR C 256 8.24 8.40 3.94
CA TYR C 256 8.74 7.09 3.49
C TYR C 256 10.24 7.15 3.19
N LEU C 257 10.65 8.07 2.32
CA LEU C 257 12.07 8.30 2.04
C LEU C 257 12.87 8.52 3.33
N LEU C 258 12.37 9.42 4.18
CA LEU C 258 12.99 9.68 5.47
C LEU C 258 13.22 8.38 6.24
N ASP C 259 12.23 7.49 6.20
CA ASP C 259 12.30 6.25 6.96
C ASP C 259 13.34 5.29 6.39
N ARG C 260 13.42 5.22 5.06
CA ARG C 260 14.27 4.28 4.34
C ARG C 260 15.66 4.81 4.01
N ARG C 261 15.99 6.02 4.42
CA ARG C 261 17.31 6.54 4.14
C ARG C 261 18.32 5.91 5.07
N ASP C 262 19.56 5.79 4.59
CA ASP C 262 20.61 5.27 5.44
C ASP C 262 21.42 6.43 6.01
N SER C 263 22.26 6.12 6.99
CA SER C 263 22.91 7.10 7.86
C SER C 263 23.87 7.95 7.15
N PHE C 264 23.96 7.87 5.83
CA PHE C 264 24.93 8.65 5.10
C PHE C 264 24.28 9.51 4.02
N GLY C 265 22.99 9.78 4.16
CA GLY C 265 22.27 10.67 3.26
C GLY C 265 22.09 10.13 1.87
N THR C 266 21.88 8.82 1.73
CA THR C 266 21.60 8.16 0.46
C THR C 266 20.24 7.48 0.58
N VAL C 267 19.47 7.48 -0.51
CA VAL C 267 18.16 6.83 -0.53
C VAL C 267 17.70 6.54 -1.96
N THR C 268 18.30 7.23 -2.93
CA THR C 268 18.06 6.96 -4.36
C THR C 268 18.37 5.52 -4.71
N THR C 269 19.35 4.93 -4.02
CA THR C 269 19.91 3.65 -4.36
C THR C 269 18.90 2.52 -4.25
N LEU C 270 17.95 2.62 -3.33
CA LEU C 270 16.89 1.63 -3.14
C LEU C 270 15.95 1.50 -4.34
N PHE C 271 15.97 2.44 -5.29
CA PHE C 271 14.89 2.62 -6.24
C PHE C 271 15.34 2.34 -7.66
N GLU C 272 14.41 1.85 -8.48
CA GLU C 272 14.69 1.57 -9.88
C GLU C 272 14.38 2.79 -10.75
N ASN C 273 13.12 3.21 -10.77
CA ASN C 273 12.80 4.41 -11.52
C ASN C 273 13.44 5.60 -10.85
N THR C 274 14.32 6.28 -11.58
CA THR C 274 15.18 7.30 -11.01
C THR C 274 15.50 8.31 -12.09
N ILE C 275 15.54 9.58 -11.71
CA ILE C 275 15.82 10.66 -12.64
C ILE C 275 17.18 11.25 -12.26
N THR C 276 17.77 12.05 -13.14
CA THR C 276 19.07 12.59 -12.85
C THR C 276 19.00 13.85 -11.99
N ASN C 277 20.09 14.11 -11.26
CA ASN C 277 20.22 15.39 -10.57
C ASN C 277 20.03 16.56 -11.53
N GLN C 278 20.63 16.49 -12.71
CA GLN C 278 20.52 17.60 -13.65
C GLN C 278 19.08 17.82 -14.06
N GLU C 279 18.30 16.74 -14.19
CA GLU C 279 16.89 16.89 -14.49
C GLU C 279 16.11 17.37 -13.27
N LEU C 280 16.52 16.97 -12.06
CA LEU C 280 15.85 17.43 -10.84
C LEU C 280 15.90 18.96 -10.71
N LEU C 281 17.09 19.55 -10.95
CA LEU C 281 17.25 21.00 -10.90
C LEU C 281 16.40 21.74 -11.93
N GLU C 282 16.07 21.09 -13.05
CA GLU C 282 15.34 21.73 -14.12
C GLU C 282 13.85 21.47 -14.02
N LEU C 283 13.40 20.82 -12.96
CA LEU C 283 11.97 20.58 -12.79
C LEU C 283 11.22 21.90 -12.64
N ASP C 284 10.01 21.93 -13.17
CA ASP C 284 9.08 23.02 -12.91
C ASP C 284 8.59 22.93 -11.47
N CYS C 285 8.68 24.03 -10.74
CA CYS C 285 8.34 24.04 -9.32
C CYS C 285 8.27 25.49 -8.88
N ASP C 286 7.80 25.69 -7.66
CA ASP C 286 7.72 27.01 -7.05
C ASP C 286 9.01 27.40 -6.36
N ILE C 287 9.59 26.47 -5.58
CA ILE C 287 10.77 26.70 -4.75
C ILE C 287 11.78 25.61 -5.06
N LEU C 288 12.93 25.98 -5.63
CA LEU C 288 14.08 25.09 -5.71
C LEU C 288 15.02 25.43 -4.55
N VAL C 289 15.38 24.40 -3.78
CA VAL C 289 16.29 24.56 -2.65
C VAL C 289 17.52 23.68 -2.83
N PRO C 290 18.59 24.17 -3.46
CA PRO C 290 19.84 23.41 -3.52
C PRO C 290 20.42 23.20 -2.13
N ALA C 291 20.51 21.95 -1.69
CA ALA C 291 21.08 21.66 -0.37
C ALA C 291 22.12 20.55 -0.46
N ALA C 292 22.85 20.47 -1.57
CA ALA C 292 23.82 19.42 -1.78
C ALA C 292 25.25 19.95 -1.75
N ILE C 293 25.65 20.70 -2.76
CA ILE C 293 27.06 20.92 -3.04
C ILE C 293 27.17 22.13 -3.96
N GLU C 294 28.38 22.60 -4.22
CA GLU C 294 28.59 23.85 -4.94
C GLU C 294 28.43 23.69 -6.46
N ASN C 295 28.38 24.82 -7.15
CA ASN C 295 28.42 24.88 -8.62
C ASN C 295 27.44 23.90 -9.26
N GLN C 296 26.21 23.93 -8.75
CA GLN C 296 25.11 23.10 -9.22
C GLN C 296 24.21 23.80 -10.22
N ILE C 297 24.02 25.11 -10.07
CA ILE C 297 23.39 25.96 -11.07
C ILE C 297 24.51 26.79 -11.69
N THR C 298 24.72 26.63 -12.99
CA THR C 298 25.82 27.25 -13.70
C THR C 298 25.29 27.92 -14.96
N ALA C 299 26.18 28.57 -15.70
CA ALA C 299 25.83 29.09 -17.02
C ALA C 299 25.27 28.02 -17.95
N GLU C 300 25.41 26.74 -17.61
CA GLU C 300 24.89 25.67 -18.47
C GLU C 300 23.39 25.45 -18.29
N ASN C 301 22.88 25.49 -17.07
CA ASN C 301 21.47 25.21 -16.81
C ASN C 301 20.71 26.40 -16.22
N ALA C 302 21.33 27.59 -16.13
CA ALA C 302 20.68 28.72 -15.49
C ALA C 302 19.43 29.17 -16.23
N HIS C 303 19.41 29.05 -17.56
CA HIS C 303 18.20 29.35 -18.32
C HIS C 303 17.19 28.22 -18.27
N ASN C 304 17.58 27.04 -17.79
CA ASN C 304 16.68 25.91 -17.77
C ASN C 304 15.91 25.78 -16.47
N ILE C 305 16.47 26.23 -15.35
CA ILE C 305 15.73 26.08 -14.10
C ILE C 305 14.49 26.95 -14.16
N LYS C 306 13.34 26.37 -13.83
CA LYS C 306 12.09 27.10 -13.89
C LYS C 306 11.45 27.12 -12.50
N ALA C 307 12.16 27.69 -11.54
CA ALA C 307 11.63 27.94 -10.21
C ALA C 307 11.40 29.43 -10.02
N THR C 308 10.36 29.76 -9.26
CA THR C 308 10.14 31.16 -8.92
C THR C 308 11.16 31.62 -7.87
N ILE C 309 11.46 30.74 -6.92
CA ILE C 309 12.32 31.04 -5.78
C ILE C 309 13.40 29.98 -5.67
N VAL C 310 14.63 30.44 -5.45
CA VAL C 310 15.79 29.59 -5.26
C VAL C 310 16.45 30.07 -3.98
N VAL C 311 16.37 29.25 -2.93
CA VAL C 311 17.01 29.52 -1.66
C VAL C 311 18.20 28.58 -1.55
N GLU C 312 19.40 29.14 -1.34
CA GLU C 312 20.62 28.35 -1.30
C GLU C 312 20.84 27.82 0.11
N ALA C 313 20.67 26.52 0.30
CA ALA C 313 21.04 25.89 1.57
C ALA C 313 22.48 25.36 1.55
N ALA C 314 22.94 24.85 0.42
CA ALA C 314 24.35 24.52 0.28
C ALA C 314 25.15 25.80 0.20
N ASN C 315 26.46 25.69 0.42
CA ASN C 315 27.32 26.85 0.17
C ASN C 315 27.80 26.85 -1.27
N GLY C 316 27.61 27.97 -1.95
CA GLY C 316 28.13 28.22 -3.27
C GLY C 316 27.55 27.39 -4.39
N PRO C 317 26.25 27.05 -4.36
CA PRO C 317 25.71 26.17 -5.40
C PRO C 317 25.44 26.87 -6.72
N THR C 318 25.39 28.20 -6.75
CA THR C 318 25.13 28.97 -7.97
C THR C 318 26.38 29.74 -8.36
N THR C 319 26.78 29.64 -9.62
CA THR C 319 27.98 30.35 -10.07
C THR C 319 27.66 31.81 -10.36
N SER C 320 28.72 32.63 -10.44
CA SER C 320 28.58 34.06 -10.71
C SER C 320 27.71 34.33 -11.94
N GLU C 321 28.09 33.80 -13.10
CA GLU C 321 27.30 34.07 -14.30
C GLU C 321 25.89 33.48 -14.17
N ALA C 322 25.73 32.37 -13.45
CA ALA C 322 24.39 31.83 -13.27
C ALA C 322 23.52 32.72 -12.38
N THR C 323 24.13 33.41 -11.41
CA THR C 323 23.37 34.29 -10.55
C THR C 323 22.78 35.46 -11.35
N LYS C 324 23.56 36.01 -12.28
CA LYS C 324 23.05 37.11 -13.08
C LYS C 324 21.97 36.63 -14.04
N ILE C 325 22.10 35.41 -14.56
CA ILE C 325 21.07 34.86 -15.44
C ILE C 325 19.77 34.65 -14.68
N LEU C 326 19.86 34.26 -13.40
CA LEU C 326 18.67 33.99 -12.64
C LEU C 326 17.90 35.26 -12.29
N THR C 327 18.63 36.34 -11.98
CA THR C 327 17.97 37.55 -11.54
C THR C 327 17.22 38.21 -12.69
N GLU C 328 17.81 38.17 -13.90
CA GLU C 328 17.17 38.79 -15.05
C GLU C 328 16.18 37.84 -15.74
N ARG C 329 15.93 36.69 -15.15
CA ARG C 329 14.75 35.88 -15.46
C ARG C 329 13.66 36.07 -14.41
N GLY C 330 13.81 37.07 -13.54
CA GLY C 330 12.84 37.39 -12.52
C GLY C 330 12.88 36.53 -11.28
N ILE C 331 13.80 35.58 -11.19
CA ILE C 331 13.76 34.59 -10.12
C ILE C 331 14.33 35.21 -8.86
N LEU C 332 13.65 34.99 -7.73
CA LEU C 332 14.11 35.48 -6.44
C LEU C 332 15.13 34.50 -5.87
N LEU C 333 16.41 34.89 -5.91
CA LEU C 333 17.51 34.09 -5.39
C LEU C 333 17.92 34.60 -4.01
N VAL C 334 17.78 33.75 -3.00
CA VAL C 334 18.27 34.06 -1.66
C VAL C 334 19.68 33.48 -1.53
N PRO C 335 20.71 34.30 -1.37
CA PRO C 335 22.08 33.79 -1.31
C PRO C 335 22.36 33.03 -0.03
N ASP C 336 23.30 32.07 -0.12
CA ASP C 336 23.72 31.26 1.02
C ASP C 336 24.17 32.12 2.20
N VAL C 337 24.89 33.21 1.91
CA VAL C 337 25.45 34.02 2.97
C VAL C 337 24.37 34.74 3.78
N LEU C 338 23.15 34.86 3.25
CA LEU C 338 22.00 35.30 4.03
C LEU C 338 21.23 34.11 4.60
N ALA C 339 21.01 33.07 3.78
CA ALA C 339 20.19 31.93 4.19
C ALA C 339 20.74 31.21 5.41
N SER C 340 22.07 31.16 5.55
CA SER C 340 22.73 30.39 6.61
C SER C 340 23.24 31.28 7.75
N ALA C 341 22.75 32.51 7.85
CA ALA C 341 23.20 33.43 8.87
C ALA C 341 22.63 33.14 10.25
N GLY C 342 21.82 32.08 10.38
CA GLY C 342 21.30 31.70 11.69
C GLY C 342 22.39 31.22 12.64
N GLY C 343 23.42 30.57 12.10
CA GLY C 343 24.50 30.08 12.96
C GLY C 343 25.32 31.21 13.55
N ALA C 344 25.65 32.23 12.75
CA ALA C 344 26.38 33.36 13.30
C ALA C 344 25.52 34.14 14.29
N THR C 345 24.22 34.26 14.01
CA THR C 345 23.35 35.00 14.91
C THR C 345 23.31 34.35 16.29
N VAL C 346 23.26 33.01 16.34
CA VAL C 346 23.16 32.37 17.63
C VAL C 346 24.52 32.31 18.30
N SER C 347 25.60 32.33 17.53
CA SER C 347 26.92 32.54 18.13
C SER C 347 26.94 33.86 18.90
N TYR C 348 26.45 34.92 18.26
CA TYR C 348 26.33 36.22 18.89
C TYR C 348 25.47 36.16 20.15
N PHE C 349 24.32 35.48 20.09
CA PHE C 349 23.49 35.35 21.28
C PHE C 349 24.25 34.68 22.41
N GLU C 350 25.07 33.67 22.10
CA GLU C 350 25.85 33.02 23.14
C GLU C 350 26.79 34.01 23.82
N TRP C 351 27.49 34.81 23.01
CA TRP C 351 28.41 35.79 23.56
C TRP C 351 27.70 36.84 24.40
N VAL C 352 26.49 37.26 23.99
CA VAL C 352 25.75 38.21 24.80
C VAL C 352 25.40 37.61 26.16
N GLN C 353 24.88 36.39 26.16
CA GLN C 353 24.63 35.68 27.43
C GLN C 353 25.88 35.60 28.30
N ASN C 354 27.04 35.32 27.70
CA ASN C 354 28.25 35.30 28.52
C ASN C 354 28.57 36.69 29.09
N ASN C 355 28.26 37.77 28.35
CA ASN C 355 28.53 39.12 28.85
C ASN C 355 27.66 39.46 30.05
N MET C 356 26.38 39.13 30.00
CA MET C 356 25.51 39.40 31.14
C MET C 356 25.73 38.41 32.27
N GLY C 357 26.05 37.16 31.94
CA GLY C 357 26.01 36.10 32.91
C GLY C 357 24.64 35.54 33.15
N TYR C 358 23.74 35.68 32.18
CA TYR C 358 22.34 35.27 32.29
C TYR C 358 21.96 34.56 31.00
N TYR C 359 21.17 33.50 31.09
CA TYR C 359 21.01 32.59 29.95
C TYR C 359 19.54 32.41 29.60
N TRP C 360 19.25 32.57 28.33
CA TRP C 360 17.91 32.55 27.78
C TRP C 360 17.40 31.13 27.65
N GLU C 361 16.07 31.00 27.71
CA GLU C 361 15.39 29.76 27.35
C GLU C 361 15.35 29.61 25.82
N GLU C 362 15.20 28.37 25.38
CA GLU C 362 15.16 28.08 23.95
C GLU C 362 14.09 28.89 23.22
N GLU C 363 12.88 28.97 23.79
CA GLU C 363 11.82 29.77 23.17
C GLU C 363 12.24 31.23 22.98
N GLU C 364 13.10 31.74 23.86
CA GLU C 364 13.56 33.12 23.77
C GLU C 364 14.63 33.29 22.70
N VAL C 365 15.54 32.33 22.58
CA VAL C 365 16.55 32.38 21.53
C VAL C 365 15.87 32.30 20.17
N GLN C 366 14.89 31.41 20.02
CA GLN C 366 14.16 31.30 18.76
C GLN C 366 13.49 32.61 18.41
N GLU C 367 12.69 33.17 19.33
CA GLU C 367 12.10 34.48 19.13
C GLU C 367 13.14 35.49 18.68
N LYS C 368 14.23 35.60 19.43
CA LYS C 368 15.30 36.53 19.04
C LYS C 368 15.94 36.13 17.71
N LEU C 369 16.03 34.83 17.41
CA LEU C 369 16.63 34.41 16.14
C LEU C 369 15.72 34.74 14.97
N TYR C 370 14.40 34.56 15.14
CA TYR C 370 13.47 34.79 14.05
C TYR C 370 13.50 36.23 13.57
N LYS C 371 13.44 37.18 14.49
CA LYS C 371 13.40 38.58 14.09
C LYS C 371 14.67 38.95 13.33
N LYS C 372 15.83 38.51 13.79
CA LYS C 372 17.07 38.81 13.09
C LYS C 372 17.02 38.36 11.63
N MET C 373 16.58 37.11 11.38
CA MET C 373 16.47 36.62 10.01
C MET C 373 15.41 37.41 9.24
N TYR C 374 14.21 37.55 9.81
CA TYR C 374 13.15 38.35 9.20
C TYR C 374 13.64 39.75 8.85
N ASP C 375 14.42 40.36 9.75
CA ASP C 375 14.94 41.70 9.51
C ASP C 375 16.05 41.70 8.46
N SER C 376 17.00 40.75 8.52
CA SER C 376 18.09 40.72 7.54
C SER C 376 17.56 40.46 6.12
N PHE C 377 16.68 39.46 5.99
CA PHE C 377 16.07 39.20 4.69
C PHE C 377 15.49 40.48 4.10
N GLU C 378 14.76 41.24 4.92
CA GLU C 378 14.14 42.47 4.43
C GLU C 378 15.19 43.53 4.07
N ALA C 379 16.29 43.61 4.82
CA ALA C 379 17.34 44.56 4.48
C ALA C 379 17.96 44.23 3.13
N VAL C 380 18.28 42.95 2.91
CA VAL C 380 18.87 42.56 1.64
C VAL C 380 17.86 42.69 0.51
N TYR C 381 16.63 42.20 0.74
CA TYR C 381 15.60 42.28 -0.29
C TYR C 381 15.37 43.72 -0.71
N THR C 382 15.31 44.64 0.27
CA THR C 382 15.06 46.04 -0.04
C THR C 382 16.23 46.66 -0.81
N THR C 383 17.48 46.36 -0.39
CA THR C 383 18.64 46.83 -1.13
C THR C 383 18.67 46.26 -2.55
N ALA C 384 18.38 44.96 -2.69
CA ALA C 384 18.32 44.36 -4.02
C ALA C 384 17.33 45.10 -4.91
N THR C 385 16.14 45.38 -4.38
CA THR C 385 15.10 45.93 -5.24
C THR C 385 15.25 47.44 -5.41
N THR C 386 15.69 48.15 -4.38
CA THR C 386 15.89 49.59 -4.52
C THR C 386 16.95 49.89 -5.57
N ARG C 387 18.04 49.14 -5.57
CA ARG C 387 19.17 49.42 -6.45
C ARG C 387 19.16 48.58 -7.73
N ASN C 388 18.13 47.75 -7.94
CA ASN C 388 18.00 46.90 -9.13
C ASN C 388 19.24 46.03 -9.35
N ILE C 389 19.65 45.33 -8.29
CA ILE C 389 20.77 44.39 -8.32
C ILE C 389 20.27 43.03 -7.89
N ASP C 390 21.07 42.00 -8.18
CA ASP C 390 20.80 40.69 -7.63
C ASP C 390 21.00 40.68 -6.11
N MET C 391 20.33 39.73 -5.45
CA MET C 391 20.35 39.70 -4.00
C MET C 391 21.71 39.32 -3.44
N ARG C 392 22.57 38.69 -4.22
CA ARG C 392 23.90 38.35 -3.72
C ARG C 392 24.73 39.60 -3.52
N LEU C 393 24.86 40.43 -4.57
CA LEU C 393 25.59 41.68 -4.44
C LEU C 393 24.95 42.57 -3.39
N ALA C 394 23.61 42.62 -3.36
CA ALA C 394 22.90 43.39 -2.33
C ALA C 394 23.25 42.88 -0.94
N ALA C 395 23.34 41.54 -0.78
CA ALA C 395 23.77 40.97 0.49
C ALA C 395 25.20 41.38 0.84
N TYR C 396 26.13 41.30 -0.13
CA TYR C 396 27.49 41.79 0.09
C TYR C 396 27.47 43.26 0.51
N MET C 397 26.68 44.09 -0.19
CA MET C 397 26.59 45.50 0.16
C MET C 397 26.11 45.71 1.59
N VAL C 398 24.98 45.08 1.96
CA VAL C 398 24.53 45.09 3.36
C VAL C 398 25.61 44.49 4.26
N GLY C 399 26.39 43.54 3.74
CA GLY C 399 27.40 42.92 4.57
C GLY C 399 28.60 43.78 4.88
N VAL C 400 28.97 44.69 3.98
CA VAL C 400 30.21 45.44 4.14
C VAL C 400 29.99 46.85 4.64
N ARG C 401 28.77 47.39 4.53
CA ARG C 401 28.59 48.84 4.68
C ARG C 401 28.82 49.29 6.12
N ARG C 402 28.51 48.45 7.11
CA ARG C 402 28.78 48.85 8.50
C ARG C 402 30.27 49.02 8.75
N THR C 403 31.09 48.13 8.18
CA THR C 403 32.54 48.21 8.39
C THR C 403 33.13 49.42 7.68
N ALA C 404 32.59 49.74 6.51
CA ALA C 404 33.02 50.95 5.79
C ALA C 404 32.59 52.21 6.53
N GLU C 405 31.34 52.26 6.97
CA GLU C 405 30.88 53.40 7.74
C GLU C 405 31.68 53.56 9.03
N ALA C 406 31.91 52.47 9.77
CA ALA C 406 32.68 52.58 11.00
C ALA C 406 34.13 52.99 10.74
N SER C 407 34.77 52.40 9.71
CA SER C 407 36.15 52.78 9.39
C SER C 407 36.28 54.28 9.12
N ARG C 408 35.30 54.85 8.42
CA ARG C 408 35.34 56.28 8.13
C ARG C 408 35.15 57.12 9.39
N PHE C 409 34.12 56.80 10.19
CA PHE C 409 33.84 57.55 11.42
C PHE C 409 35.03 57.56 12.35
N ARG C 410 35.72 56.43 12.49
CA ARG C 410 36.83 56.31 13.41
C ARG C 410 38.11 56.93 12.89
N GLY C 411 38.09 57.47 11.67
CA GLY C 411 39.25 58.16 11.16
C GLY C 411 40.22 57.32 10.37
N TRP C 412 39.92 56.04 10.11
CA TRP C 412 40.86 55.16 9.41
C TRP C 412 40.97 55.45 7.92
N VAL C 413 39.93 55.99 7.31
CA VAL C 413 40.02 56.59 5.97
C VAL C 413 39.58 58.07 5.98
N LEU D 4 8.74 -5.02 -42.83
CA LEU D 4 8.99 -6.33 -43.42
C LEU D 4 10.15 -7.06 -42.75
N ASN D 5 11.38 -6.54 -42.94
CA ASN D 5 12.55 -7.17 -42.34
C ASN D 5 12.37 -7.27 -40.84
N LEU D 6 12.42 -8.51 -40.34
CA LEU D 6 12.17 -8.76 -38.93
C LEU D 6 13.04 -7.90 -38.03
N PHE D 7 14.32 -7.73 -38.39
CA PHE D 7 15.27 -7.05 -37.52
C PHE D 7 14.90 -5.57 -37.30
N THR D 8 14.76 -4.77 -38.37
CA THR D 8 14.38 -3.39 -38.17
C THR D 8 13.02 -3.30 -37.49
N SER D 9 12.11 -4.21 -37.83
CA SER D 9 10.83 -4.27 -37.15
C SER D 9 11.01 -4.42 -35.65
N THR D 10 11.90 -5.33 -35.24
CA THR D 10 12.17 -5.56 -33.82
C THR D 10 12.89 -4.38 -33.18
N GLN D 11 13.77 -3.71 -33.91
CA GLN D 11 14.45 -2.53 -33.38
C GLN D 11 13.44 -1.43 -33.04
N GLU D 12 12.39 -1.29 -33.84
CA GLU D 12 11.39 -0.27 -33.56
C GLU D 12 10.54 -0.67 -32.37
N VAL D 13 10.31 -1.97 -32.19
CA VAL D 13 9.65 -2.46 -31.00
C VAL D 13 10.43 -2.06 -29.76
N VAL D 14 11.73 -2.37 -29.71
CA VAL D 14 12.58 -1.95 -28.60
C VAL D 14 12.54 -0.44 -28.44
N LYS D 15 12.68 0.28 -29.55
CA LYS D 15 12.69 1.74 -29.52
C LYS D 15 11.42 2.32 -28.90
N GLU D 16 10.25 1.82 -29.29
CA GLU D 16 9.03 2.37 -28.72
C GLU D 16 8.93 2.08 -27.22
N ALA D 17 9.18 0.83 -26.82
CA ALA D 17 9.11 0.45 -25.42
C ALA D 17 10.09 1.24 -24.56
N LEU D 18 11.35 1.33 -25.01
CA LEU D 18 12.33 2.12 -24.26
C LEU D 18 11.88 3.57 -24.11
N ASN D 19 11.34 4.16 -25.18
CA ASN D 19 10.96 5.56 -25.11
C ASN D 19 9.77 5.78 -24.19
N LYS D 20 8.83 4.83 -24.15
CA LYS D 20 7.70 5.00 -23.26
C LYS D 20 8.09 4.75 -21.81
N LEU D 21 9.12 3.96 -21.57
CA LEU D 21 9.60 3.77 -20.21
C LEU D 21 10.43 4.95 -19.73
N GLY D 22 10.88 5.83 -20.63
CA GLY D 22 11.54 7.04 -20.24
C GLY D 22 13.06 7.09 -20.36
N TYR D 23 13.70 6.07 -20.92
CA TYR D 23 15.14 6.17 -21.10
C TYR D 23 15.44 7.06 -22.30
N ASP D 24 16.70 7.42 -22.48
CA ASP D 24 16.97 8.25 -23.64
C ASP D 24 17.73 7.42 -24.68
N GLU D 25 18.13 8.10 -25.75
CA GLU D 25 18.61 7.43 -26.95
C GLU D 25 19.75 6.46 -26.65
N ALA D 26 20.61 6.79 -25.69
CA ALA D 26 21.81 5.99 -25.43
C ALA D 26 21.45 4.58 -24.99
N MET D 27 20.34 4.39 -24.27
CA MET D 27 19.90 3.05 -23.91
C MET D 27 19.45 2.26 -25.14
N TYR D 28 18.73 2.93 -26.07
CA TYR D 28 18.41 2.27 -27.33
C TYR D 28 19.67 1.95 -28.13
N GLU D 29 20.64 2.88 -28.16
CA GLU D 29 21.90 2.61 -28.86
C GLU D 29 22.59 1.37 -28.32
N LEU D 30 22.51 1.15 -27.00
CA LEU D 30 23.11 -0.05 -26.43
C LEU D 30 22.29 -1.30 -26.73
N LEU D 31 20.96 -1.17 -26.85
CA LEU D 31 20.07 -2.31 -26.89
C LEU D 31 19.53 -2.62 -28.26
N LYS D 32 19.85 -1.81 -29.28
CA LYS D 32 19.31 -2.00 -30.63
C LYS D 32 20.06 -3.06 -31.46
N GLU D 33 21.29 -3.39 -31.11
CA GLU D 33 22.05 -4.49 -31.69
C GLU D 33 22.61 -5.32 -30.56
N PRO D 34 22.92 -6.59 -30.79
CA PRO D 34 23.48 -7.43 -29.72
C PRO D 34 24.88 -7.00 -29.33
N LEU D 35 25.19 -7.18 -28.04
CA LEU D 35 26.53 -6.86 -27.56
C LEU D 35 27.59 -7.64 -28.31
N ARG D 36 27.36 -8.95 -28.53
CA ARG D 36 28.25 -9.82 -29.29
C ARG D 36 27.46 -10.58 -30.33
N LEU D 37 28.02 -10.68 -31.53
CA LEU D 37 27.52 -11.59 -32.55
C LEU D 37 28.71 -12.34 -33.13
N LEU D 38 28.64 -13.68 -33.09
CA LEU D 38 29.75 -14.51 -33.54
C LEU D 38 29.31 -15.31 -34.76
N LYS D 39 30.02 -15.12 -35.87
CA LYS D 39 29.77 -15.85 -37.12
C LYS D 39 30.91 -16.83 -37.32
N VAL D 40 30.58 -18.10 -37.63
CA VAL D 40 31.59 -19.14 -37.71
C VAL D 40 31.44 -19.94 -39.00
N ARG D 41 32.53 -20.63 -39.34
CA ARG D 41 32.53 -21.56 -40.46
C ARG D 41 32.94 -22.95 -39.97
N ILE D 42 32.08 -23.92 -40.21
CA ILE D 42 32.14 -25.24 -39.58
C ILE D 42 32.43 -26.26 -40.68
N PRO D 43 33.63 -26.85 -40.73
CA PRO D 43 33.87 -27.93 -41.70
C PRO D 43 33.34 -29.26 -41.14
N VAL D 44 32.58 -29.98 -41.97
CA VAL D 44 31.94 -31.22 -41.57
C VAL D 44 32.23 -32.28 -42.62
N LYS D 45 32.62 -33.48 -42.17
CA LYS D 45 32.86 -34.59 -43.08
C LYS D 45 31.53 -35.27 -43.37
N MET D 46 31.13 -35.29 -44.65
CA MET D 46 29.89 -35.91 -45.05
C MET D 46 30.07 -37.40 -45.31
N ASP D 47 28.95 -38.07 -45.58
CA ASP D 47 28.98 -39.54 -45.66
C ASP D 47 29.78 -40.02 -46.87
N ASP D 48 29.85 -39.24 -47.95
CA ASP D 48 30.60 -39.61 -49.15
C ASP D 48 32.07 -39.20 -49.06
N GLY D 49 32.57 -38.91 -47.86
CA GLY D 49 33.98 -38.62 -47.68
C GLY D 49 34.39 -37.20 -48.01
N THR D 50 33.47 -36.36 -48.50
CA THR D 50 33.74 -34.96 -48.81
C THR D 50 33.60 -34.05 -47.59
N THR D 51 34.16 -32.86 -47.71
CA THR D 51 34.08 -31.82 -46.69
C THR D 51 33.14 -30.73 -47.19
N GLN D 52 32.10 -30.46 -46.42
CA GLN D 52 31.20 -29.35 -46.61
C GLN D 52 31.48 -28.36 -45.50
N VAL D 53 31.38 -27.07 -45.79
CA VAL D 53 31.65 -26.05 -44.78
C VAL D 53 30.39 -25.22 -44.59
N PHE D 54 29.97 -25.10 -43.33
CA PHE D 54 28.70 -24.49 -42.95
C PHE D 54 28.92 -23.16 -42.24
N THR D 55 27.94 -22.26 -42.36
CA THR D 55 27.93 -21.01 -41.65
C THR D 55 27.07 -21.11 -40.40
N GLY D 56 27.62 -20.66 -39.28
CA GLY D 56 26.88 -20.64 -38.03
C GLY D 56 26.96 -19.28 -37.36
N TYR D 57 25.89 -18.95 -36.64
CA TYR D 57 25.83 -17.71 -35.87
C TYR D 57 25.47 -18.01 -34.43
N ARG D 58 25.93 -17.13 -33.54
CA ARG D 58 25.42 -17.06 -32.18
C ARG D 58 25.32 -15.58 -31.83
N ALA D 59 24.13 -15.17 -31.41
CA ALA D 59 23.86 -13.79 -31.03
C ALA D 59 23.58 -13.76 -29.55
N GLN D 60 24.26 -12.87 -28.84
CA GLN D 60 24.09 -12.66 -27.40
C GLN D 60 23.65 -11.21 -27.25
N HIS D 61 22.33 -11.01 -27.16
CA HIS D 61 21.78 -9.65 -27.22
C HIS D 61 22.30 -8.79 -26.08
N SER D 62 21.99 -9.17 -24.85
CA SER D 62 22.51 -8.45 -23.69
C SER D 62 22.59 -9.39 -22.48
N ASP D 63 23.74 -9.36 -21.80
CA ASP D 63 23.90 -10.14 -20.58
C ASP D 63 23.91 -9.24 -19.35
N ALA D 64 23.24 -8.09 -19.41
CA ALA D 64 23.19 -7.22 -18.24
C ALA D 64 22.46 -7.88 -17.07
N VAL D 65 21.50 -8.75 -17.39
CA VAL D 65 20.64 -9.35 -16.38
C VAL D 65 21.17 -10.71 -15.92
N GLY D 66 22.04 -11.33 -16.72
CA GLY D 66 22.50 -12.68 -16.48
C GLY D 66 23.04 -13.28 -17.76
N PRO D 67 23.30 -14.57 -17.78
CA PRO D 67 23.72 -15.21 -19.04
C PRO D 67 22.57 -15.18 -20.04
N THR D 68 22.92 -15.27 -21.31
CA THR D 68 21.91 -15.19 -22.36
C THR D 68 21.34 -16.56 -22.65
N LYS D 69 20.19 -16.58 -23.31
CA LYS D 69 19.42 -17.81 -23.45
C LYS D 69 18.60 -17.76 -24.73
N GLY D 70 18.78 -18.74 -25.62
CA GLY D 70 17.90 -18.87 -26.77
C GLY D 70 18.30 -20.05 -27.64
N GLY D 71 17.38 -20.43 -28.51
CA GLY D 71 17.52 -21.68 -29.24
C GLY D 71 18.40 -21.57 -30.48
N VAL D 72 18.64 -22.74 -31.07
CA VAL D 72 19.47 -22.90 -32.27
C VAL D 72 18.62 -23.54 -33.34
N ARG D 73 18.56 -22.92 -34.50
CA ARG D 73 17.77 -23.47 -35.59
C ARG D 73 18.67 -23.87 -36.75
N PHE D 74 18.31 -24.97 -37.39
CA PHE D 74 18.99 -25.45 -38.58
C PHE D 74 18.02 -25.21 -39.73
N HIS D 75 18.34 -24.24 -40.59
CA HIS D 75 17.40 -23.97 -41.67
C HIS D 75 18.12 -23.39 -42.90
N PRO D 76 17.68 -23.73 -44.12
CA PRO D 76 18.30 -23.12 -45.30
C PRO D 76 18.19 -21.59 -45.34
N MET D 77 17.18 -21.02 -44.68
CA MET D 77 16.98 -19.58 -44.71
C MET D 77 17.39 -18.88 -43.42
N VAL D 78 18.22 -19.53 -42.60
CA VAL D 78 18.83 -18.85 -41.46
C VAL D 78 19.63 -17.66 -41.96
N SER D 79 19.57 -16.55 -41.23
CA SER D 79 20.32 -15.37 -41.64
C SER D 79 20.80 -14.62 -40.41
N GLU D 80 21.83 -13.78 -40.61
CA GLU D 80 22.37 -12.98 -39.52
C GLU D 80 21.30 -12.08 -38.90
N ASP D 81 20.50 -11.41 -39.75
CA ASP D 81 19.48 -10.51 -39.23
C ASP D 81 18.39 -11.28 -38.47
N GLU D 82 17.96 -12.41 -39.01
CA GLU D 82 17.00 -13.26 -38.30
C GLU D 82 17.52 -13.63 -36.92
N VAL D 83 18.80 -14.04 -36.83
CA VAL D 83 19.36 -14.47 -35.55
C VAL D 83 19.48 -13.28 -34.59
N LYS D 84 19.97 -12.14 -35.07
CA LYS D 84 20.01 -10.93 -34.25
C LYS D 84 18.64 -10.60 -33.70
N ALA D 85 17.65 -10.48 -34.59
CA ALA D 85 16.30 -10.11 -34.19
C ALA D 85 15.72 -11.08 -33.17
N LEU D 86 15.91 -12.39 -33.38
CA LEU D 86 15.29 -13.39 -32.50
C LEU D 86 15.97 -13.44 -31.13
N SER D 87 17.25 -13.09 -31.04
CA SER D 87 17.84 -12.99 -29.70
C SER D 87 17.24 -11.81 -28.92
N MET D 88 16.84 -10.74 -29.62
CA MET D 88 16.21 -9.62 -28.95
C MET D 88 14.79 -9.96 -28.50
N TRP D 89 14.07 -10.76 -29.29
CA TRP D 89 12.80 -11.27 -28.78
C TRP D 89 13.01 -12.14 -27.55
N MET D 90 14.13 -12.86 -27.47
CA MET D 90 14.41 -13.64 -26.26
C MET D 90 14.59 -12.75 -25.05
N THR D 91 15.31 -11.63 -25.22
CA THR D 91 15.46 -10.69 -24.11
C THR D 91 14.09 -10.35 -23.56
N LEU D 92 13.16 -10.05 -24.48
CA LEU D 92 11.81 -9.65 -24.13
C LEU D 92 11.01 -10.81 -23.52
N LYS D 93 11.07 -12.00 -24.12
CA LYS D 93 10.36 -13.13 -23.52
C LYS D 93 10.85 -13.41 -22.11
N CYS D 94 12.17 -13.32 -21.90
CA CYS D 94 12.72 -13.53 -20.56
C CYS D 94 12.30 -12.41 -19.61
N GLY D 95 12.34 -11.16 -20.08
CA GLY D 95 11.90 -10.06 -19.25
C GLY D 95 10.48 -10.21 -18.75
N ILE D 96 9.58 -10.73 -19.60
CA ILE D 96 8.17 -10.81 -19.26
C ILE D 96 7.93 -11.82 -18.14
N VAL D 97 8.53 -13.01 -18.27
CA VAL D 97 8.50 -14.01 -17.21
C VAL D 97 9.53 -13.74 -16.12
N ASP D 98 10.30 -12.67 -16.24
CA ASP D 98 11.11 -12.18 -15.13
C ASP D 98 12.19 -13.20 -14.76
N LEU D 99 12.93 -13.66 -15.78
CA LEU D 99 13.97 -14.67 -15.69
C LEU D 99 15.35 -14.00 -15.56
N PRO D 100 16.29 -14.64 -14.87
CA PRO D 100 17.63 -14.04 -14.74
C PRO D 100 18.50 -14.23 -15.97
N TYR D 101 17.91 -13.98 -17.14
CA TYR D 101 18.53 -14.23 -18.44
C TYR D 101 18.49 -12.97 -19.29
N GLY D 102 19.54 -12.79 -20.09
CA GLY D 102 19.44 -11.98 -21.28
C GLY D 102 19.03 -12.84 -22.47
N GLY D 103 18.87 -12.19 -23.63
CA GLY D 103 18.44 -12.89 -24.84
C GLY D 103 19.61 -13.37 -25.68
N GLY D 104 19.48 -14.58 -26.24
CA GLY D 104 20.47 -15.14 -27.13
C GLY D 104 19.80 -15.96 -28.21
N LYS D 105 20.55 -16.27 -29.26
CA LYS D 105 20.00 -17.04 -30.37
C LYS D 105 21.15 -17.53 -31.24
N GLY D 106 20.92 -18.65 -31.95
CA GLY D 106 21.92 -19.18 -32.86
C GLY D 106 21.28 -19.88 -34.04
N GLY D 107 22.05 -20.03 -35.11
CA GLY D 107 21.56 -20.68 -36.30
C GLY D 107 22.67 -21.16 -37.22
N ILE D 108 22.40 -22.26 -37.92
CA ILE D 108 23.30 -22.77 -38.95
C ILE D 108 22.53 -22.81 -40.27
N ILE D 109 23.16 -22.31 -41.32
CA ILE D 109 22.51 -22.32 -42.63
C ILE D 109 22.71 -23.71 -43.23
N CYS D 110 21.70 -24.56 -43.11
CA CYS D 110 21.77 -25.93 -43.57
C CYS D 110 20.37 -26.48 -43.77
N ASP D 111 20.30 -27.59 -44.50
CA ASP D 111 19.04 -28.27 -44.73
C ASP D 111 19.09 -29.57 -43.96
N PRO D 112 18.60 -29.61 -42.73
CA PRO D 112 18.71 -30.86 -41.93
C PRO D 112 18.00 -32.06 -42.57
N ARG D 113 16.92 -31.84 -43.32
CA ARG D 113 16.20 -32.94 -43.93
C ARG D 113 16.98 -33.59 -45.07
N GLN D 114 17.87 -32.83 -45.72
CA GLN D 114 18.75 -33.43 -46.71
C GLN D 114 20.08 -33.89 -46.09
N MET D 115 20.13 -34.11 -44.78
CA MET D 115 21.33 -34.61 -44.10
C MET D 115 21.02 -35.89 -43.31
N SER D 116 22.04 -36.74 -43.17
CA SER D 116 21.88 -37.94 -42.37
C SER D 116 22.10 -37.66 -40.87
N MET D 117 21.73 -38.65 -40.06
CA MET D 117 21.92 -38.56 -38.60
C MET D 117 23.38 -38.35 -38.25
N GLY D 118 24.28 -39.16 -38.84
CA GLY D 118 25.72 -38.97 -38.64
C GLY D 118 26.18 -37.58 -39.02
N GLU D 119 25.74 -37.10 -40.19
CA GLU D 119 26.11 -35.75 -40.62
C GLU D 119 25.61 -34.70 -39.65
N LEU D 120 24.36 -34.83 -39.19
CA LEU D 120 23.81 -33.83 -38.27
C LEU D 120 24.58 -33.80 -36.96
N GLU D 121 25.01 -34.97 -36.47
CA GLU D 121 25.78 -34.99 -35.25
C GLU D 121 27.12 -34.31 -35.44
N ARG D 122 27.80 -34.58 -36.57
CA ARG D 122 29.10 -33.94 -36.80
C ARG D 122 28.97 -32.44 -36.99
N LEU D 123 27.84 -31.98 -37.54
CA LEU D 123 27.55 -30.55 -37.59
C LEU D 123 27.30 -29.98 -36.20
N SER D 124 26.40 -30.62 -35.44
CA SER D 124 26.10 -30.16 -34.08
C SER D 124 27.37 -30.02 -33.25
N ARG D 125 28.27 -31.01 -33.32
CA ARG D 125 29.53 -30.95 -32.57
C ARG D 125 30.41 -29.81 -33.04
N GLY D 126 30.61 -29.69 -34.36
CA GLY D 126 31.41 -28.59 -34.89
C GLY D 126 30.88 -27.22 -34.51
N TYR D 127 29.55 -27.10 -34.33
CA TYR D 127 28.96 -25.85 -33.90
C TYR D 127 29.42 -25.50 -32.48
N VAL D 128 29.33 -26.46 -31.55
CA VAL D 128 29.78 -26.23 -30.18
C VAL D 128 31.28 -25.92 -30.13
N ARG D 129 32.08 -26.66 -30.90
CA ARG D 129 33.51 -26.36 -30.96
C ARG D 129 33.78 -24.99 -31.54
N ALA D 130 33.01 -24.59 -32.57
CA ALA D 130 33.19 -23.27 -33.17
C ALA D 130 32.91 -22.15 -32.18
N ILE D 131 31.84 -22.27 -31.38
CA ILE D 131 31.40 -21.15 -30.56
C ILE D 131 31.77 -21.31 -29.09
N SER D 132 32.43 -22.42 -28.71
CA SER D 132 32.57 -22.77 -27.30
C SER D 132 33.15 -21.65 -26.45
N GLN D 133 34.09 -20.89 -27.01
CA GLN D 133 34.77 -19.86 -26.22
C GLN D 133 33.82 -18.83 -25.65
N ILE D 134 32.60 -18.69 -26.19
CA ILE D 134 31.69 -17.66 -25.70
C ILE D 134 30.37 -18.26 -25.19
N VAL D 135 30.29 -19.57 -25.01
CA VAL D 135 29.06 -20.18 -24.51
C VAL D 135 29.39 -21.02 -23.28
N GLY D 136 28.35 -21.35 -22.53
CA GLY D 136 28.46 -22.26 -21.42
C GLY D 136 27.46 -21.97 -20.33
N PRO D 137 27.39 -22.84 -19.34
CA PRO D 137 26.31 -22.71 -18.34
C PRO D 137 26.28 -21.40 -17.60
N THR D 138 27.36 -20.62 -17.62
CA THR D 138 27.35 -19.32 -16.95
C THR D 138 27.33 -18.15 -17.92
N LYS D 139 27.41 -18.36 -19.22
CA LYS D 139 27.50 -17.26 -20.19
C LYS D 139 26.33 -17.21 -21.17
N ASP D 140 25.97 -18.36 -21.75
CA ASP D 140 25.05 -18.41 -22.89
C ASP D 140 24.57 -19.85 -23.00
N ILE D 141 23.27 -20.04 -22.88
CA ILE D 141 22.66 -21.36 -22.72
C ILE D 141 21.74 -21.62 -23.92
N PRO D 142 22.19 -22.39 -24.92
CA PRO D 142 21.35 -22.60 -26.10
C PRO D 142 20.19 -23.55 -25.84
N GLY D 143 19.53 -24.03 -26.89
CA GLY D 143 18.41 -24.92 -26.74
C GLY D 143 17.85 -25.28 -28.09
N PRO D 144 16.77 -26.04 -28.11
CA PRO D 144 16.19 -26.45 -29.40
C PRO D 144 15.36 -25.35 -30.03
N ASP D 145 15.20 -25.49 -31.35
CA ASP D 145 14.40 -24.55 -32.11
C ASP D 145 14.00 -25.25 -33.42
N MET D 146 13.87 -24.48 -34.49
CA MET D 146 13.52 -25.05 -35.80
C MET D 146 14.46 -26.19 -36.18
N PHE D 147 13.90 -27.40 -36.30
CA PHE D 147 14.64 -28.57 -36.76
C PHE D 147 15.85 -28.86 -35.87
N THR D 148 15.72 -28.58 -34.59
CA THR D 148 16.61 -29.16 -33.60
C THR D 148 15.78 -29.68 -32.46
N ASN D 149 16.31 -30.68 -31.76
CA ASN D 149 15.50 -31.45 -30.82
C ASN D 149 16.40 -31.95 -29.71
N ALA D 150 15.85 -32.83 -28.86
CA ALA D 150 16.58 -33.39 -27.73
C ALA D 150 17.88 -34.09 -28.18
N GLN D 151 17.81 -34.89 -29.25
CA GLN D 151 18.99 -35.59 -29.72
C GLN D 151 20.08 -34.61 -30.15
N ILE D 152 19.71 -33.53 -30.83
CA ILE D 152 20.68 -32.50 -31.17
C ILE D 152 21.28 -31.92 -29.89
N MET D 153 20.44 -31.68 -28.87
CA MET D 153 20.90 -31.11 -27.61
C MET D 153 21.84 -32.06 -26.90
N ALA D 154 21.52 -33.36 -26.91
CA ALA D 154 22.43 -34.33 -26.30
C ALA D 154 23.81 -34.32 -26.96
N TRP D 155 23.85 -34.26 -28.30
CA TRP D 155 25.14 -34.24 -28.98
C TRP D 155 25.92 -32.96 -28.68
N MET D 156 25.24 -31.83 -28.60
CA MET D 156 25.94 -30.58 -28.27
C MET D 156 26.37 -30.57 -26.82
N MET D 157 25.56 -31.16 -25.94
CA MET D 157 25.95 -31.26 -24.54
C MET D 157 27.15 -32.16 -24.38
N ASP D 158 27.17 -33.28 -25.09
CA ASP D 158 28.30 -34.19 -24.99
C ASP D 158 29.56 -33.53 -25.52
N GLU D 159 29.46 -32.79 -26.63
CA GLU D 159 30.65 -32.16 -27.17
C GLU D 159 31.18 -31.10 -26.22
N TYR D 160 30.29 -30.30 -25.62
CA TYR D 160 30.74 -29.29 -24.66
C TYR D 160 31.43 -29.94 -23.47
N SER D 161 30.80 -30.97 -22.89
CA SER D 161 31.35 -31.63 -21.72
C SER D 161 32.74 -32.20 -22.00
N ARG D 162 32.88 -32.92 -23.11
CA ARG D 162 34.18 -33.44 -23.53
C ARG D 162 35.23 -32.34 -23.54
N MET D 163 34.93 -31.22 -24.21
CA MET D 163 35.81 -30.05 -24.19
C MET D 163 36.12 -29.57 -22.77
N ASP D 164 35.13 -29.63 -21.87
CA ASP D 164 35.30 -29.20 -20.48
C ASP D 164 36.10 -30.19 -19.63
N GLU D 165 36.10 -31.46 -19.99
CA GLU D 165 36.56 -32.59 -19.18
C GLU D 165 35.65 -32.87 -17.98
N PHE D 166 34.37 -32.47 -18.04
CA PHE D 166 33.38 -32.83 -17.04
C PHE D 166 31.99 -32.51 -17.57
N ASN D 167 30.99 -33.23 -17.05
CA ASN D 167 29.61 -33.05 -17.46
C ASN D 167 29.11 -31.64 -17.10
N SER D 168 28.64 -30.89 -18.11
CA SER D 168 28.06 -29.56 -17.94
C SER D 168 26.65 -29.58 -18.51
N PRO D 169 25.71 -30.26 -17.84
CA PRO D 169 24.34 -30.30 -18.37
C PRO D 169 23.74 -28.92 -18.52
N GLY D 170 24.08 -28.00 -17.61
CA GLY D 170 23.60 -26.64 -17.62
C GLY D 170 24.01 -25.86 -18.83
N PHE D 171 24.75 -26.48 -19.74
CA PHE D 171 25.14 -25.79 -20.95
C PHE D 171 23.93 -25.53 -21.83
N ILE D 172 23.03 -26.50 -21.93
CA ILE D 172 22.06 -26.48 -23.02
C ILE D 172 20.78 -27.15 -22.54
N THR D 173 19.63 -26.52 -22.79
CA THR D 173 18.34 -27.07 -22.36
C THR D 173 17.66 -27.84 -23.48
N GLY D 174 16.54 -28.47 -23.13
CA GLY D 174 15.91 -29.44 -24.00
C GLY D 174 16.60 -30.78 -24.04
N LYS D 175 17.52 -31.04 -23.11
CA LYS D 175 18.18 -32.32 -23.04
C LYS D 175 17.18 -33.42 -22.72
N PRO D 176 17.48 -34.66 -23.09
CA PRO D 176 16.74 -35.81 -22.57
C PRO D 176 16.74 -35.82 -21.05
N LEU D 177 15.74 -36.49 -20.48
CA LEU D 177 15.64 -36.62 -19.02
C LEU D 177 16.88 -37.24 -18.42
N VAL D 178 17.39 -38.30 -19.04
CA VAL D 178 18.54 -39.01 -18.49
C VAL D 178 19.82 -38.20 -18.63
N LEU D 179 19.77 -37.08 -19.33
CA LEU D 179 20.93 -36.19 -19.42
C LEU D 179 20.72 -34.90 -18.64
N GLY D 180 19.71 -34.84 -17.78
CA GLY D 180 19.44 -33.64 -17.02
C GLY D 180 18.37 -32.71 -17.57
N GLY D 181 17.48 -33.21 -18.44
CA GLY D 181 16.34 -32.44 -18.87
C GLY D 181 15.27 -32.32 -17.80
N SER D 182 14.28 -31.48 -18.06
CA SER D 182 13.23 -31.22 -17.10
C SER D 182 11.94 -31.97 -17.44
N LYS D 183 11.32 -32.53 -16.41
CA LYS D 183 9.92 -32.93 -16.51
C LYS D 183 9.04 -31.71 -16.76
N GLY D 184 7.88 -31.94 -17.35
CA GLY D 184 6.97 -30.87 -17.68
C GLY D 184 7.35 -30.04 -18.89
N ARG D 185 8.26 -30.51 -19.75
CA ARG D 185 8.75 -29.66 -20.85
C ARG D 185 7.87 -29.72 -22.11
N ASP D 186 7.46 -30.91 -22.56
CA ASP D 186 6.73 -31.00 -23.82
C ASP D 186 5.42 -30.23 -23.77
N ARG D 187 4.75 -30.25 -22.62
CA ARG D 187 3.51 -29.52 -22.43
C ARG D 187 3.70 -28.01 -22.31
N ALA D 188 4.94 -27.55 -22.07
CA ALA D 188 5.16 -26.25 -21.42
C ALA D 188 4.49 -25.10 -22.17
N THR D 189 4.86 -24.92 -23.44
CA THR D 189 4.38 -23.75 -24.17
C THR D 189 2.86 -23.75 -24.29
N ALA D 190 2.27 -24.93 -24.50
CA ALA D 190 0.81 -25.06 -24.54
C ALA D 190 0.19 -24.67 -23.21
N GLU D 191 0.71 -25.21 -22.10
CA GLU D 191 0.21 -24.82 -20.79
C GLU D 191 0.30 -23.32 -20.57
N GLY D 192 1.34 -22.68 -21.12
CA GLY D 192 1.45 -21.23 -21.01
C GLY D 192 0.23 -20.52 -21.54
N VAL D 193 -0.24 -20.92 -22.73
CA VAL D 193 -1.44 -20.33 -23.30
C VAL D 193 -2.66 -20.66 -22.43
N THR D 194 -2.76 -21.93 -21.99
CA THR D 194 -3.84 -22.39 -21.13
C THR D 194 -3.95 -21.55 -19.86
N ILE D 195 -2.85 -20.97 -19.39
CA ILE D 195 -2.87 -20.21 -18.16
C ILE D 195 -3.21 -18.74 -18.40
N VAL D 196 -2.71 -18.13 -19.50
CA VAL D 196 -3.09 -16.75 -19.78
C VAL D 196 -4.56 -16.68 -20.18
N ILE D 197 -5.11 -17.77 -20.70
CA ILE D 197 -6.54 -17.82 -20.94
C ILE D 197 -7.30 -17.70 -19.62
N GLN D 198 -6.85 -18.44 -18.60
CA GLN D 198 -7.61 -18.54 -17.36
C GLN D 198 -7.58 -17.25 -16.57
N GLU D 199 -6.42 -16.58 -16.54
CA GLU D 199 -6.38 -15.26 -15.90
C GLU D 199 -7.04 -14.19 -16.75
N ALA D 200 -7.18 -14.42 -18.06
CA ALA D 200 -7.90 -13.47 -18.89
C ALA D 200 -9.36 -13.33 -18.45
N ALA D 201 -9.90 -14.34 -17.76
CA ALA D 201 -11.24 -14.28 -17.20
C ALA D 201 -11.48 -13.03 -16.37
N LYS D 202 -10.78 -12.91 -15.24
CA LYS D 202 -11.02 -11.85 -14.27
C LYS D 202 -10.43 -10.52 -14.71
N ILE D 309 -12.06 -10.91 -25.08
CA ILE D 309 -10.86 -11.63 -24.63
C ILE D 309 -10.23 -12.43 -25.77
N VAL D 310 -9.04 -12.02 -26.22
CA VAL D 310 -8.36 -12.65 -27.34
C VAL D 310 -6.92 -12.98 -26.94
N VAL D 311 -6.53 -14.24 -27.15
CA VAL D 311 -5.22 -14.78 -26.78
C VAL D 311 -4.51 -15.26 -28.05
N GLU D 312 -3.30 -14.77 -28.29
CA GLU D 312 -2.65 -14.98 -29.57
C GLU D 312 -2.01 -16.38 -29.67
N ALA D 313 -1.60 -16.72 -30.89
CA ALA D 313 -1.18 -18.07 -31.25
C ALA D 313 0.32 -18.18 -31.47
N ALA D 314 1.08 -17.16 -31.06
CA ALA D 314 2.54 -17.13 -30.83
C ALA D 314 3.34 -16.87 -32.10
N ASN D 315 2.74 -16.97 -33.28
CA ASN D 315 3.51 -16.69 -34.49
C ASN D 315 3.56 -15.19 -34.76
N GLY D 316 2.45 -14.49 -34.54
CA GLY D 316 2.33 -13.09 -34.91
C GLY D 316 1.17 -12.93 -35.86
N PRO D 317 -0.06 -13.04 -35.33
CA PRO D 317 -1.25 -13.12 -36.20
C PRO D 317 -2.06 -11.84 -36.30
N THR D 318 -1.73 -10.84 -35.49
CA THR D 318 -2.46 -9.58 -35.44
C THR D 318 -1.59 -8.45 -36.00
N THR D 319 -2.20 -7.59 -36.80
CA THR D 319 -1.48 -6.45 -37.35
C THR D 319 -1.55 -5.27 -36.39
N SER D 320 -0.72 -4.27 -36.66
CA SER D 320 -0.65 -3.09 -35.79
C SER D 320 -2.02 -2.44 -35.63
N GLU D 321 -2.75 -2.26 -36.74
CA GLU D 321 -4.03 -1.58 -36.70
C GLU D 321 -5.12 -2.42 -36.07
N ALA D 322 -5.07 -3.75 -36.22
CA ALA D 322 -6.08 -4.60 -35.61
C ALA D 322 -5.96 -4.57 -34.08
N THR D 323 -4.72 -4.54 -33.56
CA THR D 323 -4.54 -4.36 -32.12
C THR D 323 -5.04 -2.99 -31.68
N LYS D 324 -4.96 -1.99 -32.55
CA LYS D 324 -5.49 -0.68 -32.21
C LYS D 324 -7.02 -0.71 -32.14
N ILE D 325 -7.66 -1.41 -33.08
CA ILE D 325 -9.13 -1.46 -33.10
C ILE D 325 -9.67 -2.29 -31.96
N LEU D 326 -9.01 -3.42 -31.66
CA LEU D 326 -9.52 -4.31 -30.62
C LEU D 326 -9.41 -3.68 -29.24
N THR D 327 -8.31 -2.96 -28.99
CA THR D 327 -8.11 -2.32 -27.69
C THR D 327 -9.05 -1.12 -27.51
N GLU D 328 -9.18 -0.31 -28.56
CA GLU D 328 -10.11 0.82 -28.53
C GLU D 328 -11.55 0.35 -28.36
N ARG D 329 -11.86 -0.91 -28.68
CA ARG D 329 -13.17 -1.48 -28.44
C ARG D 329 -13.28 -2.14 -27.07
N GLY D 330 -12.34 -1.86 -26.17
CA GLY D 330 -12.37 -2.44 -24.84
C GLY D 330 -12.33 -3.96 -24.82
N ILE D 331 -11.71 -4.59 -25.80
CA ILE D 331 -11.52 -6.03 -25.85
C ILE D 331 -10.08 -6.35 -25.44
N LEU D 332 -9.94 -7.18 -24.41
CA LEU D 332 -8.62 -7.53 -23.88
C LEU D 332 -7.86 -8.43 -24.84
N LEU D 333 -6.58 -8.13 -25.04
CA LEU D 333 -5.73 -8.88 -25.95
C LEU D 333 -4.50 -9.39 -25.20
N VAL D 334 -4.10 -10.64 -25.48
CA VAL D 334 -2.94 -11.25 -24.86
C VAL D 334 -1.89 -11.51 -25.95
N PRO D 335 -0.78 -10.77 -25.96
CA PRO D 335 0.17 -10.88 -27.08
C PRO D 335 0.85 -12.23 -27.13
N ASP D 336 1.45 -12.50 -28.29
CA ASP D 336 2.21 -13.72 -28.48
C ASP D 336 3.38 -13.80 -27.50
N VAL D 337 4.10 -12.69 -27.35
CA VAL D 337 5.33 -12.68 -26.58
C VAL D 337 5.08 -12.97 -25.10
N LEU D 338 3.84 -12.82 -24.65
CA LEU D 338 3.47 -13.20 -23.28
C LEU D 338 2.90 -14.62 -23.22
N ALA D 339 1.96 -14.94 -24.11
CA ALA D 339 1.22 -16.19 -24.01
C ALA D 339 2.10 -17.40 -24.34
N SER D 340 3.11 -17.22 -25.18
CA SER D 340 3.97 -18.35 -25.54
C SER D 340 5.07 -18.64 -24.53
N ALA D 341 5.19 -17.82 -23.48
CA ALA D 341 6.37 -17.79 -22.64
C ALA D 341 6.53 -19.01 -21.74
N GLY D 342 5.69 -20.04 -21.88
CA GLY D 342 5.89 -21.25 -21.09
C GLY D 342 7.15 -22.02 -21.46
N GLY D 343 7.48 -22.05 -22.75
CA GLY D 343 8.70 -22.72 -23.17
C GLY D 343 9.94 -22.11 -22.55
N ALA D 344 10.03 -20.78 -22.53
CA ALA D 344 11.21 -20.17 -21.93
C ALA D 344 11.26 -20.43 -20.44
N THR D 345 10.09 -20.55 -19.81
CA THR D 345 10.01 -20.75 -18.38
C THR D 345 10.51 -22.12 -17.98
N VAL D 346 10.07 -23.16 -18.68
CA VAL D 346 10.52 -24.49 -18.32
C VAL D 346 11.98 -24.67 -18.71
N SER D 347 12.41 -24.02 -19.79
CA SER D 347 13.83 -23.97 -20.11
C SER D 347 14.66 -23.51 -18.91
N TYR D 348 14.30 -22.35 -18.35
CA TYR D 348 14.90 -21.86 -17.12
C TYR D 348 14.85 -22.90 -15.99
N PHE D 349 13.74 -23.61 -15.85
CA PHE D 349 13.67 -24.59 -14.77
C PHE D 349 14.66 -25.73 -14.97
N GLU D 350 14.89 -26.16 -16.22
CA GLU D 350 15.92 -27.16 -16.50
C GLU D 350 17.30 -26.67 -16.08
N TRP D 351 17.65 -25.43 -16.42
CA TRP D 351 18.90 -24.82 -16.01
C TRP D 351 19.05 -24.78 -14.48
N VAL D 352 18.01 -24.34 -13.77
CA VAL D 352 18.13 -24.22 -12.32
C VAL D 352 18.33 -25.61 -11.71
N GLN D 353 17.61 -26.59 -12.23
CA GLN D 353 17.80 -27.97 -11.79
C GLN D 353 19.22 -28.46 -12.09
N ASN D 354 19.76 -28.07 -13.25
CA ASN D 354 21.14 -28.40 -13.56
C ASN D 354 22.11 -27.71 -12.60
N ASN D 355 21.81 -26.45 -12.25
CA ASN D 355 22.69 -25.76 -11.30
C ASN D 355 22.71 -26.47 -9.96
N MET D 356 21.55 -26.96 -9.52
CA MET D 356 21.50 -27.64 -8.24
C MET D 356 22.01 -29.06 -8.32
N GLY D 357 21.88 -29.72 -9.47
CA GLY D 357 22.00 -31.16 -9.52
C GLY D 357 20.84 -31.85 -8.84
N TYR D 358 19.66 -31.25 -8.89
CA TYR D 358 18.49 -31.72 -8.17
C TYR D 358 17.29 -31.51 -9.09
N TYR D 359 16.42 -32.51 -9.18
CA TYR D 359 15.47 -32.56 -10.30
C TYR D 359 14.05 -32.74 -9.79
N TRP D 360 13.14 -31.95 -10.37
CA TRP D 360 11.78 -31.81 -9.89
C TRP D 360 10.84 -32.75 -10.64
N GLU D 361 9.73 -33.09 -9.98
CA GLU D 361 8.63 -33.84 -10.56
C GLU D 361 7.77 -32.95 -11.46
N GLU D 362 7.01 -33.59 -12.35
CA GLU D 362 6.13 -32.83 -13.22
C GLU D 362 5.21 -31.95 -12.40
N GLU D 363 4.73 -32.47 -11.28
CA GLU D 363 3.83 -31.75 -10.39
C GLU D 363 4.41 -30.41 -9.96
N GLU D 364 5.69 -30.39 -9.58
CA GLU D 364 6.30 -29.17 -9.08
C GLU D 364 6.65 -28.22 -10.22
N VAL D 365 7.13 -28.75 -11.34
CA VAL D 365 7.36 -27.95 -12.54
C VAL D 365 6.06 -27.28 -12.97
N GLN D 366 4.93 -27.95 -12.73
CA GLN D 366 3.65 -27.38 -13.12
C GLN D 366 3.22 -26.29 -12.15
N GLU D 367 3.40 -26.49 -10.84
CA GLU D 367 3.02 -25.46 -9.89
C GLU D 367 3.80 -24.18 -10.13
N LYS D 368 5.09 -24.32 -10.48
CA LYS D 368 5.95 -23.15 -10.64
C LYS D 368 5.72 -22.45 -11.98
N LEU D 369 5.28 -23.20 -13.00
CA LEU D 369 4.96 -22.59 -14.27
C LEU D 369 3.70 -21.74 -14.19
N TYR D 370 2.67 -22.23 -13.50
CA TYR D 370 1.45 -21.47 -13.31
C TYR D 370 1.71 -20.18 -12.54
N LYS D 371 2.49 -20.27 -11.46
CA LYS D 371 2.83 -19.09 -10.69
C LYS D 371 3.54 -18.05 -11.56
N LYS D 372 4.47 -18.50 -12.43
CA LYS D 372 5.21 -17.57 -13.26
C LYS D 372 4.32 -16.94 -14.32
N MET D 373 3.55 -17.75 -15.05
CA MET D 373 2.63 -17.20 -16.03
C MET D 373 1.59 -16.31 -15.36
N TYR D 374 1.25 -16.61 -14.10
CA TYR D 374 0.31 -15.77 -13.35
C TYR D 374 0.88 -14.36 -13.18
N ASP D 375 2.03 -14.24 -12.53
CA ASP D 375 2.65 -12.95 -12.28
C ASP D 375 2.94 -12.21 -13.59
N SER D 376 3.27 -12.95 -14.65
CA SER D 376 3.60 -12.30 -15.92
C SER D 376 2.36 -11.75 -16.59
N PHE D 377 1.20 -12.31 -16.30
CA PHE D 377 -0.02 -11.73 -16.85
C PHE D 377 -0.45 -10.50 -16.07
N GLU D 378 -0.30 -10.51 -14.74
CA GLU D 378 -0.67 -9.37 -13.92
C GLU D 378 0.34 -8.24 -13.99
N ALA D 379 1.50 -8.46 -14.58
CA ALA D 379 2.45 -7.38 -14.84
C ALA D 379 2.15 -6.69 -16.16
N VAL D 380 1.90 -7.46 -17.22
CA VAL D 380 1.52 -6.86 -18.49
C VAL D 380 0.12 -6.24 -18.39
N TYR D 381 -0.78 -6.88 -17.64
CA TYR D 381 -2.13 -6.32 -17.49
C TYR D 381 -2.10 -4.98 -16.76
N THR D 382 -1.46 -4.95 -15.58
CA THR D 382 -1.24 -3.70 -14.88
C THR D 382 -0.63 -2.63 -15.79
N THR D 383 0.41 -2.98 -16.54
CA THR D 383 1.10 -1.97 -17.35
C THR D 383 0.20 -1.42 -18.46
N ALA D 384 -0.71 -2.24 -18.99
CA ALA D 384 -1.63 -1.72 -20.00
C ALA D 384 -2.77 -0.93 -19.38
N THR D 385 -3.21 -1.30 -18.18
CA THR D 385 -4.34 -0.58 -17.59
C THR D 385 -3.88 0.74 -16.98
N THR D 386 -2.71 0.79 -16.33
CA THR D 386 -2.29 2.02 -15.68
C THR D 386 -1.72 3.05 -16.66
N ARG D 387 -1.33 2.64 -17.86
CA ARG D 387 -0.81 3.55 -18.87
C ARG D 387 -1.73 3.70 -20.07
N ASN D 388 -2.87 3.01 -20.07
CA ASN D 388 -3.85 3.10 -21.15
C ASN D 388 -3.21 2.87 -22.52
N ILE D 389 -2.51 1.73 -22.64
CA ILE D 389 -1.91 1.29 -23.90
C ILE D 389 -2.40 -0.12 -24.17
N ASP D 390 -2.21 -0.56 -25.41
CA ASP D 390 -2.45 -1.96 -25.75
C ASP D 390 -1.51 -2.88 -24.97
N MET D 391 -1.92 -4.15 -24.81
CA MET D 391 -1.14 -5.09 -24.03
C MET D 391 0.16 -5.48 -24.72
N ARG D 392 0.19 -5.43 -26.05
CA ARG D 392 1.41 -5.80 -26.76
C ARG D 392 2.54 -4.83 -26.44
N LEU D 393 2.27 -3.54 -26.50
CA LEU D 393 3.27 -2.55 -26.11
C LEU D 393 3.59 -2.64 -24.63
N ALA D 394 2.58 -2.90 -23.79
CA ALA D 394 2.84 -3.12 -22.37
C ALA D 394 3.72 -4.34 -22.15
N ALA D 395 3.66 -5.32 -23.06
CA ALA D 395 4.49 -6.51 -22.96
C ALA D 395 5.93 -6.24 -23.35
N TYR D 396 6.14 -5.49 -24.44
CA TYR D 396 7.49 -5.11 -24.82
C TYR D 396 8.17 -4.34 -23.69
N MET D 397 7.42 -3.50 -22.99
CA MET D 397 7.98 -2.73 -21.89
C MET D 397 8.42 -3.63 -20.75
N VAL D 398 7.52 -4.49 -20.28
CA VAL D 398 7.87 -5.42 -19.20
C VAL D 398 9.04 -6.31 -19.61
N GLY D 399 9.16 -6.58 -20.92
CA GLY D 399 10.25 -7.40 -21.42
C GLY D 399 11.60 -6.71 -21.41
N VAL D 400 11.65 -5.44 -21.82
CA VAL D 400 12.90 -4.69 -21.91
C VAL D 400 13.24 -3.95 -20.63
N ARG D 401 12.28 -3.77 -19.71
CA ARG D 401 12.51 -3.00 -18.49
C ARG D 401 13.72 -3.50 -17.71
N ARG D 402 13.73 -4.78 -17.36
CA ARG D 402 14.77 -5.27 -16.48
C ARG D 402 16.17 -5.12 -17.10
N THR D 403 16.29 -5.38 -18.41
CA THR D 403 17.59 -5.21 -19.07
C THR D 403 18.01 -3.75 -19.10
N ALA D 404 17.07 -2.84 -19.31
CA ALA D 404 17.41 -1.43 -19.29
C ALA D 404 17.96 -1.04 -17.92
N GLU D 405 17.22 -1.34 -16.85
CA GLU D 405 17.65 -0.92 -15.53
C GLU D 405 18.99 -1.54 -15.16
N ALA D 406 19.22 -2.80 -15.56
CA ALA D 406 20.49 -3.46 -15.29
C ALA D 406 21.64 -2.76 -16.00
N SER D 407 21.49 -2.48 -17.29
CA SER D 407 22.52 -1.74 -18.02
C SER D 407 22.85 -0.42 -17.35
N ARG D 408 21.87 0.18 -16.69
CA ARG D 408 22.05 1.48 -16.03
C ARG D 408 22.78 1.33 -14.69
N PHE D 409 22.37 0.35 -13.88
CA PHE D 409 23.04 0.10 -12.60
C PHE D 409 24.49 -0.32 -12.78
N ARG D 410 24.77 -1.16 -13.76
CA ARG D 410 26.11 -1.68 -13.97
C ARG D 410 27.06 -0.66 -14.58
N GLY D 411 26.56 0.52 -14.98
CA GLY D 411 27.43 1.54 -15.55
C GLY D 411 27.57 1.51 -17.06
N TRP D 412 26.77 0.72 -17.77
CA TRP D 412 26.96 0.58 -19.20
C TRP D 412 26.47 1.78 -19.98
N VAL D 413 25.50 2.51 -19.47
CA VAL D 413 25.08 3.77 -20.09
C VAL D 413 24.81 4.80 -18.99
N ALA E 1 32.53 -74.26 -11.61
CA ALA E 1 31.89 -74.67 -10.35
C ALA E 1 31.39 -73.44 -9.62
N GLU E 2 32.02 -73.14 -8.49
CA GLU E 2 31.59 -72.03 -7.63
C GLU E 2 31.57 -70.71 -8.38
N ASN E 3 32.73 -70.20 -8.77
CA ASN E 3 32.85 -68.90 -9.42
C ASN E 3 32.46 -67.79 -8.44
N LEU E 4 33.33 -67.51 -7.47
CA LEU E 4 33.14 -66.43 -6.53
C LEU E 4 33.97 -65.20 -6.87
N ASN E 5 34.34 -65.00 -8.14
CA ASN E 5 35.04 -63.78 -8.51
C ASN E 5 34.06 -62.60 -8.58
N LEU E 6 34.35 -61.56 -7.82
CA LEU E 6 33.44 -60.42 -7.71
C LEU E 6 33.29 -59.69 -9.04
N PHE E 7 34.37 -59.52 -9.78
CA PHE E 7 34.32 -58.73 -11.01
C PHE E 7 33.61 -59.46 -12.15
N THR E 8 33.92 -60.74 -12.39
CA THR E 8 33.32 -61.41 -13.54
C THR E 8 31.84 -61.74 -13.31
N SER E 9 31.43 -62.05 -12.06
CA SER E 9 30.01 -62.31 -11.80
C SER E 9 29.16 -61.07 -12.04
N THR E 10 29.69 -59.90 -11.68
CA THR E 10 29.00 -58.65 -11.93
C THR E 10 28.85 -58.42 -13.43
N GLN E 11 29.97 -58.51 -14.16
CA GLN E 11 29.92 -58.39 -15.63
C GLN E 11 28.86 -59.31 -16.20
N GLU E 12 28.76 -60.52 -15.66
CA GLU E 12 27.83 -61.50 -16.21
C GLU E 12 26.37 -61.06 -16.04
N VAL E 13 26.04 -60.40 -14.93
CA VAL E 13 24.66 -59.96 -14.78
C VAL E 13 24.40 -58.65 -15.54
N VAL E 14 25.40 -57.77 -15.62
CA VAL E 14 25.26 -56.59 -16.48
C VAL E 14 25.02 -57.03 -17.92
N LYS E 15 25.76 -58.06 -18.36
CA LYS E 15 25.58 -58.59 -19.71
C LYS E 15 24.14 -59.03 -19.94
N GLU E 16 23.59 -59.83 -19.04
CA GLU E 16 22.23 -60.29 -19.19
C GLU E 16 21.21 -59.15 -18.97
N ALA E 17 21.54 -58.17 -18.11
CA ALA E 17 20.66 -57.02 -17.97
C ALA E 17 20.51 -56.29 -19.28
N LEU E 18 21.64 -55.94 -19.91
CA LEU E 18 21.61 -55.18 -21.14
C LEU E 18 20.89 -55.94 -22.24
N ASN E 19 21.12 -57.25 -22.31
CA ASN E 19 20.41 -58.13 -23.22
C ASN E 19 18.90 -58.01 -23.06
N LYS E 20 18.41 -58.20 -21.84
CA LYS E 20 16.98 -58.10 -21.58
C LYS E 20 16.42 -56.70 -21.87
N LEU E 21 17.28 -55.68 -21.87
CA LEU E 21 16.83 -54.33 -22.16
C LEU E 21 16.86 -53.99 -23.66
N GLY E 22 17.32 -54.90 -24.51
CA GLY E 22 17.28 -54.70 -25.94
C GLY E 22 18.53 -54.14 -26.60
N TYR E 23 19.61 -53.96 -25.85
CA TYR E 23 20.86 -53.44 -26.40
C TYR E 23 21.68 -54.54 -27.07
N ASP E 24 22.56 -54.13 -27.98
CA ASP E 24 23.39 -55.10 -28.68
C ASP E 24 24.75 -55.22 -27.98
N GLU E 25 25.67 -55.94 -28.61
CA GLU E 25 26.92 -56.30 -27.95
C GLU E 25 27.78 -55.08 -27.63
N ALA E 26 27.67 -54.01 -28.42
CA ALA E 26 28.58 -52.88 -28.25
C ALA E 26 28.31 -52.13 -26.95
N MET E 27 27.05 -52.10 -26.50
CA MET E 27 26.75 -51.44 -25.22
C MET E 27 27.41 -52.18 -24.07
N TYR E 28 27.35 -53.52 -24.05
CA TYR E 28 28.04 -54.27 -23.02
C TYR E 28 29.56 -54.11 -23.10
N GLU E 29 30.11 -53.95 -24.32
CA GLU E 29 31.55 -53.73 -24.44
C GLU E 29 31.93 -52.36 -23.91
N LEU E 30 31.00 -51.40 -23.98
CA LEU E 30 31.23 -50.09 -23.39
C LEU E 30 31.17 -50.12 -21.85
N LEU E 31 30.36 -51.01 -21.26
CA LEU E 31 30.12 -50.95 -19.82
C LEU E 31 30.76 -52.06 -19.02
N LYS E 32 31.45 -53.02 -19.66
CA LYS E 32 31.96 -54.16 -18.90
C LYS E 32 33.15 -53.77 -18.00
N GLU E 33 33.94 -52.77 -18.43
CA GLU E 33 35.08 -52.15 -17.79
C GLU E 33 34.81 -50.66 -17.59
N PRO E 34 35.42 -50.04 -16.58
CA PRO E 34 35.32 -48.58 -16.42
C PRO E 34 35.96 -47.83 -17.59
N LEU E 35 35.42 -46.63 -17.88
CA LEU E 35 36.02 -45.76 -18.89
C LEU E 35 37.41 -45.29 -18.45
N ARG E 36 37.58 -44.97 -17.18
CA ARG E 36 38.84 -44.51 -16.60
C ARG E 36 39.17 -45.40 -15.41
N LEU E 37 40.42 -45.87 -15.35
CA LEU E 37 40.93 -46.52 -14.15
C LEU E 37 42.35 -46.00 -13.93
N LEU E 38 42.54 -45.33 -12.80
CA LEU E 38 43.84 -44.74 -12.49
C LEU E 38 44.42 -45.50 -11.30
N LYS E 39 45.62 -46.05 -11.49
CA LYS E 39 46.36 -46.70 -10.41
C LYS E 39 47.52 -45.78 -10.05
N VAL E 40 47.66 -45.42 -8.78
CA VAL E 40 48.62 -44.43 -8.36
C VAL E 40 49.58 -45.01 -7.32
N ARG E 41 50.76 -44.40 -7.25
CA ARG E 41 51.75 -44.73 -6.22
C ARG E 41 52.03 -43.51 -5.35
N ILE E 42 51.76 -43.65 -4.06
CA ILE E 42 51.66 -42.53 -3.11
C ILE E 42 52.73 -42.66 -2.04
N PRO E 43 53.75 -41.78 -2.01
CA PRO E 43 54.74 -41.86 -0.93
C PRO E 43 54.26 -41.11 0.31
N VAL E 44 54.45 -41.73 1.46
CA VAL E 44 53.99 -41.17 2.73
C VAL E 44 55.15 -41.21 3.73
N LYS E 45 55.54 -40.03 4.23
CA LYS E 45 56.47 -39.94 5.34
C LYS E 45 55.84 -40.59 6.57
N MET E 46 56.57 -41.51 7.20
CA MET E 46 56.04 -42.25 8.33
C MET E 46 56.51 -41.61 9.63
N ASP E 47 55.79 -41.92 10.72
CA ASP E 47 56.15 -41.33 12.01
C ASP E 47 57.62 -41.52 12.32
N ASP E 48 58.18 -42.67 11.99
CA ASP E 48 59.57 -42.98 12.29
C ASP E 48 60.56 -42.35 11.31
N GLY E 49 60.14 -41.42 10.44
CA GLY E 49 61.04 -40.81 9.50
C GLY E 49 61.31 -41.58 8.21
N THR E 50 61.01 -42.87 8.16
CA THR E 50 61.18 -43.61 6.91
C THR E 50 60.07 -43.23 5.93
N THR E 51 60.23 -43.67 4.68
CA THR E 51 59.24 -43.43 3.62
C THR E 51 58.67 -44.75 3.16
N GLN E 52 57.36 -44.78 3.02
CA GLN E 52 56.60 -45.94 2.57
C GLN E 52 55.72 -45.49 1.42
N VAL E 53 55.55 -46.35 0.41
CA VAL E 53 54.86 -46.01 -0.85
C VAL E 53 53.66 -46.95 -1.04
N PHE E 54 52.47 -46.39 -1.15
CA PHE E 54 51.23 -47.15 -1.20
C PHE E 54 50.65 -47.18 -2.61
N THR E 55 49.94 -48.27 -2.93
CA THR E 55 49.21 -48.38 -4.17
C THR E 55 47.77 -47.89 -3.97
N GLY E 56 47.32 -47.02 -4.85
CA GLY E 56 45.97 -46.51 -4.79
C GLY E 56 45.28 -46.65 -6.13
N TYR E 57 43.96 -46.78 -6.06
CA TYR E 57 43.12 -46.90 -7.24
C TYR E 57 42.01 -45.86 -7.18
N ARG E 58 41.61 -45.39 -8.36
CA ARG E 58 40.36 -44.69 -8.53
C ARG E 58 39.79 -45.17 -9.86
N ALA E 59 38.66 -45.85 -9.80
CA ALA E 59 37.96 -46.34 -10.98
C ALA E 59 36.77 -45.45 -11.22
N GLN E 60 36.50 -45.16 -12.51
CA GLN E 60 35.39 -44.30 -12.92
C GLN E 60 34.64 -45.04 -14.01
N HIS E 61 33.52 -45.68 -13.63
CA HIS E 61 32.85 -46.62 -14.54
C HIS E 61 32.25 -45.90 -15.75
N SER E 62 31.36 -44.94 -15.53
CA SER E 62 30.68 -44.22 -16.60
C SER E 62 30.17 -42.89 -16.09
N ASP E 63 30.45 -41.82 -16.84
CA ASP E 63 29.92 -40.50 -16.51
C ASP E 63 28.88 -40.04 -17.55
N ALA E 64 28.25 -40.99 -18.23
CA ALA E 64 27.20 -40.66 -19.19
C ALA E 64 26.05 -39.91 -18.52
N VAL E 65 25.68 -40.30 -17.31
CA VAL E 65 24.52 -39.70 -16.65
C VAL E 65 24.91 -38.48 -15.81
N GLY E 66 26.18 -38.32 -15.47
CA GLY E 66 26.61 -37.26 -14.60
C GLY E 66 27.94 -37.61 -14.01
N PRO E 67 28.44 -36.82 -13.07
CA PRO E 67 29.72 -37.17 -12.43
C PRO E 67 29.63 -38.52 -11.74
N THR E 68 30.76 -39.18 -11.58
CA THR E 68 30.77 -40.49 -10.93
C THR E 68 30.78 -40.30 -9.41
N LYS E 69 30.26 -41.30 -8.70
CA LYS E 69 30.11 -41.24 -7.26
C LYS E 69 30.48 -42.59 -6.66
N GLY E 70 31.32 -42.57 -5.61
CA GLY E 70 31.71 -43.78 -4.94
C GLY E 70 32.78 -43.58 -3.86
N GLY E 71 32.76 -44.42 -2.82
CA GLY E 71 33.68 -44.26 -1.71
C GLY E 71 35.08 -44.83 -1.93
N VAL E 72 35.96 -44.52 -0.98
CA VAL E 72 37.34 -44.99 -0.94
C VAL E 72 37.48 -45.90 0.26
N ARG E 73 38.09 -47.07 0.07
CA ARG E 73 38.33 -47.94 1.20
C ARG E 73 39.82 -48.16 1.43
N PHE E 74 40.17 -48.25 2.71
CA PHE E 74 41.52 -48.56 3.16
C PHE E 74 41.48 -49.98 3.72
N HIS E 75 42.14 -50.90 3.03
CA HIS E 75 42.19 -52.26 3.53
C HIS E 75 43.40 -52.94 2.90
N PRO E 76 44.02 -53.89 3.59
CA PRO E 76 45.17 -54.58 3.00
C PRO E 76 44.80 -55.43 1.80
N MET E 77 43.52 -55.79 1.62
CA MET E 77 43.12 -56.69 0.54
C MET E 77 42.47 -55.97 -0.63
N VAL E 78 42.52 -54.63 -0.65
CA VAL E 78 42.04 -53.90 -1.81
C VAL E 78 42.71 -54.44 -3.07
N SER E 79 41.96 -54.51 -4.17
CA SER E 79 42.49 -55.00 -5.43
C SER E 79 41.83 -54.27 -6.57
N GLU E 80 42.52 -54.26 -7.71
CA GLU E 80 42.02 -53.58 -8.89
C GLU E 80 40.65 -54.15 -9.29
N ASP E 81 40.53 -55.48 -9.32
CA ASP E 81 39.27 -56.07 -9.74
C ASP E 81 38.12 -55.70 -8.81
N GLU E 82 38.40 -55.57 -7.52
CA GLU E 82 37.35 -55.18 -6.59
C GLU E 82 36.94 -53.71 -6.78
N VAL E 83 37.91 -52.84 -7.00
CA VAL E 83 37.57 -51.43 -7.17
C VAL E 83 36.83 -51.21 -8.49
N LYS E 84 37.18 -51.97 -9.54
CA LYS E 84 36.42 -51.97 -10.79
C LYS E 84 34.98 -52.44 -10.58
N ALA E 85 34.81 -53.58 -9.91
CA ALA E 85 33.47 -54.11 -9.71
C ALA E 85 32.59 -53.13 -8.96
N LEU E 86 33.09 -52.64 -7.81
CA LEU E 86 32.27 -51.78 -6.96
C LEU E 86 31.96 -50.44 -7.60
N SER E 87 32.80 -49.94 -8.52
CA SER E 87 32.37 -48.76 -9.28
C SER E 87 31.15 -49.11 -10.11
N MET E 88 31.11 -50.32 -10.66
CA MET E 88 29.95 -50.79 -11.43
C MET E 88 28.73 -50.94 -10.53
N TRP E 89 28.91 -51.49 -9.31
CA TRP E 89 27.81 -51.50 -8.35
C TRP E 89 27.34 -50.09 -8.04
N MET E 90 28.25 -49.11 -8.06
CA MET E 90 27.82 -47.73 -7.79
C MET E 90 27.01 -47.17 -8.95
N THR E 91 27.31 -47.57 -10.19
CA THR E 91 26.42 -47.16 -11.28
C THR E 91 25.03 -47.73 -11.09
N LEU E 92 24.93 -48.98 -10.65
CA LEU E 92 23.63 -49.60 -10.46
C LEU E 92 22.91 -49.05 -9.24
N LYS E 93 23.63 -48.88 -8.11
CA LYS E 93 23.01 -48.27 -6.94
C LYS E 93 22.40 -46.92 -7.28
N CYS E 94 23.20 -46.03 -7.88
CA CYS E 94 22.70 -44.70 -8.25
C CYS E 94 21.60 -44.80 -9.30
N GLY E 95 21.67 -45.77 -10.20
CA GLY E 95 20.62 -45.91 -11.21
C GLY E 95 19.31 -46.34 -10.59
N ILE E 96 19.37 -47.26 -9.61
CA ILE E 96 18.16 -47.76 -8.96
C ILE E 96 17.42 -46.62 -8.25
N VAL E 97 18.14 -45.77 -7.51
CA VAL E 97 17.48 -44.66 -6.84
C VAL E 97 17.51 -43.40 -7.71
N ASP E 98 17.92 -43.56 -8.97
CA ASP E 98 17.71 -42.54 -10.00
C ASP E 98 18.49 -41.25 -9.73
N LEU E 99 19.70 -41.38 -9.35
CA LEU E 99 20.60 -40.26 -9.11
C LEU E 99 21.25 -39.80 -10.40
N PRO E 100 21.58 -38.52 -10.51
CA PRO E 100 22.33 -38.02 -11.67
C PRO E 100 23.82 -38.37 -11.60
N TYR E 101 24.10 -39.65 -11.37
CA TYR E 101 25.42 -40.12 -11.02
C TYR E 101 25.78 -41.34 -11.83
N GLY E 102 27.05 -41.42 -12.23
CA GLY E 102 27.67 -42.67 -12.62
C GLY E 102 28.46 -43.28 -11.47
N GLY E 103 29.04 -44.45 -11.75
CA GLY E 103 29.78 -45.19 -10.75
C GLY E 103 31.24 -44.78 -10.62
N GLY E 104 31.65 -44.52 -9.37
CA GLY E 104 33.06 -44.39 -9.04
C GLY E 104 33.40 -45.27 -7.84
N LYS E 105 34.70 -45.42 -7.60
CA LYS E 105 35.15 -46.18 -6.43
C LYS E 105 36.67 -46.02 -6.29
N GLY E 106 37.13 -45.96 -5.04
CA GLY E 106 38.55 -45.87 -4.78
C GLY E 106 38.98 -46.88 -3.73
N GLY E 107 40.27 -47.13 -3.69
CA GLY E 107 40.85 -48.01 -2.69
C GLY E 107 42.33 -47.77 -2.54
N ILE E 108 42.84 -48.01 -1.33
CA ILE E 108 44.28 -47.91 -1.05
C ILE E 108 44.73 -49.20 -0.38
N ILE E 109 45.79 -49.82 -0.89
CA ILE E 109 46.30 -51.02 -0.24
C ILE E 109 47.15 -50.59 0.96
N CYS E 110 46.58 -50.75 2.15
CA CYS E 110 47.19 -50.32 3.39
C CYS E 110 46.36 -50.90 4.53
N ASP E 111 46.98 -51.03 5.70
CA ASP E 111 46.23 -51.40 6.89
C ASP E 111 46.09 -50.18 7.77
N PRO E 112 44.95 -49.49 7.78
CA PRO E 112 44.84 -48.29 8.61
C PRO E 112 44.85 -48.57 10.11
N ARG E 113 44.67 -49.83 10.53
CA ARG E 113 44.76 -50.19 11.94
C ARG E 113 46.20 -50.21 12.44
N GLN E 114 47.19 -50.24 11.54
CA GLN E 114 48.59 -50.20 11.92
C GLN E 114 49.21 -48.81 11.76
N MET E 115 48.41 -47.80 11.46
CA MET E 115 48.94 -46.48 11.16
C MET E 115 48.47 -45.45 12.17
N SER E 116 49.28 -44.41 12.34
CA SER E 116 48.93 -43.36 13.27
C SER E 116 47.99 -42.37 12.61
N MET E 117 47.31 -41.57 13.46
CA MET E 117 46.45 -40.50 12.98
C MET E 117 47.17 -39.62 11.97
N GLY E 118 48.43 -39.31 12.25
CA GLY E 118 49.20 -38.48 11.32
C GLY E 118 49.49 -39.20 10.02
N GLU E 119 49.93 -40.46 10.10
CA GLU E 119 50.20 -41.22 8.88
C GLU E 119 48.96 -41.34 8.02
N LEU E 120 47.81 -41.58 8.66
CA LEU E 120 46.56 -41.62 7.91
C LEU E 120 46.28 -40.29 7.23
N GLU E 121 46.53 -39.16 7.92
CA GLU E 121 46.22 -37.88 7.31
C GLU E 121 47.12 -37.64 6.10
N ARG E 122 48.42 -37.91 6.23
CA ARG E 122 49.33 -37.70 5.11
C ARG E 122 49.06 -38.66 3.96
N LEU E 123 48.53 -39.84 4.26
CA LEU E 123 48.15 -40.77 3.20
C LEU E 123 46.86 -40.33 2.53
N SER E 124 45.94 -39.76 3.31
CA SER E 124 44.69 -39.28 2.73
C SER E 124 44.95 -38.07 1.84
N ARG E 125 45.84 -37.19 2.25
CA ARG E 125 46.17 -36.05 1.41
C ARG E 125 46.94 -36.49 0.18
N GLY E 126 47.88 -37.41 0.36
CA GLY E 126 48.65 -37.88 -0.78
C GLY E 126 47.79 -38.58 -1.81
N TYR E 127 46.77 -39.30 -1.36
CA TYR E 127 45.83 -39.89 -2.30
C TYR E 127 45.06 -38.82 -3.08
N VAL E 128 44.66 -37.72 -2.42
CA VAL E 128 43.96 -36.66 -3.15
C VAL E 128 44.89 -36.01 -4.17
N ARG E 129 46.11 -35.67 -3.75
CA ARG E 129 47.11 -35.15 -4.67
C ARG E 129 47.30 -36.05 -5.90
N ALA E 130 47.44 -37.36 -5.68
CA ALA E 130 47.75 -38.28 -6.79
C ALA E 130 46.59 -38.39 -7.80
N ILE E 131 45.34 -38.31 -7.35
CA ILE E 131 44.21 -38.52 -8.23
C ILE E 131 43.50 -37.21 -8.59
N SER E 132 44.02 -36.07 -8.13
CA SER E 132 43.29 -34.81 -8.21
C SER E 132 42.94 -34.43 -9.65
N GLN E 133 43.83 -34.68 -10.60
CA GLN E 133 43.56 -34.32 -11.99
C GLN E 133 42.29 -34.94 -12.57
N ILE E 134 41.68 -35.94 -11.94
CA ILE E 134 40.50 -36.55 -12.56
C ILE E 134 39.29 -36.59 -11.61
N VAL E 135 39.35 -35.90 -10.47
CA VAL E 135 38.28 -35.89 -9.48
C VAL E 135 37.84 -34.44 -9.19
N GLY E 136 36.63 -34.29 -8.63
CA GLY E 136 36.10 -32.99 -8.25
C GLY E 136 34.60 -32.95 -8.06
N PRO E 137 34.07 -31.84 -7.54
CA PRO E 137 32.61 -31.74 -7.37
C PRO E 137 31.85 -31.92 -8.66
N THR E 138 32.44 -31.60 -9.81
CA THR E 138 31.79 -31.81 -11.08
C THR E 138 32.27 -33.06 -11.81
N LYS E 139 33.32 -33.73 -11.31
CA LYS E 139 33.94 -34.85 -12.02
C LYS E 139 33.65 -36.20 -11.38
N ASP E 140 33.93 -36.33 -10.08
CA ASP E 140 34.01 -37.62 -9.39
C ASP E 140 34.05 -37.32 -7.91
N ILE E 141 33.10 -37.84 -7.14
CA ILE E 141 32.86 -37.43 -5.77
C ILE E 141 33.07 -38.64 -4.85
N PRO E 142 34.17 -38.68 -4.10
CA PRO E 142 34.44 -39.82 -3.21
C PRO E 142 33.61 -39.78 -1.92
N GLY E 143 33.91 -40.73 -1.03
CA GLY E 143 33.21 -40.82 0.23
C GLY E 143 33.75 -41.91 1.12
N PRO E 144 33.00 -42.23 2.18
CA PRO E 144 33.46 -43.24 3.15
C PRO E 144 33.20 -44.67 2.69
N ASP E 145 34.02 -45.56 3.20
CA ASP E 145 33.91 -46.99 2.95
C ASP E 145 34.57 -47.73 4.11
N MET E 146 35.02 -48.96 3.86
CA MET E 146 35.73 -49.72 4.87
C MET E 146 36.93 -48.93 5.37
N PHE E 147 36.93 -48.63 6.67
CA PHE E 147 38.03 -47.99 7.39
C PHE E 147 38.24 -46.53 7.00
N THR E 148 37.25 -45.90 6.38
CA THR E 148 37.28 -44.46 6.16
C THR E 148 36.02 -43.87 6.80
N ASN E 149 36.15 -42.63 7.25
CA ASN E 149 35.13 -42.01 8.10
C ASN E 149 35.17 -40.50 7.89
N ALA E 150 34.39 -39.78 8.71
CA ALA E 150 34.26 -38.34 8.55
C ALA E 150 35.61 -37.65 8.62
N GLN E 151 36.49 -38.10 9.52
CA GLN E 151 37.77 -37.41 9.73
C GLN E 151 38.68 -37.54 8.50
N ILE E 152 38.65 -38.70 7.86
CA ILE E 152 39.39 -38.87 6.62
C ILE E 152 38.72 -38.07 5.51
N MET E 153 37.39 -38.02 5.50
CA MET E 153 36.73 -37.15 4.54
C MET E 153 37.10 -35.69 4.79
N ALA E 154 37.20 -35.28 6.06
CA ALA E 154 37.65 -33.92 6.35
C ALA E 154 39.03 -33.64 5.78
N TRP E 155 39.98 -34.58 5.97
CA TRP E 155 41.33 -34.39 5.44
C TRP E 155 41.36 -34.36 3.93
N MET E 156 40.60 -35.25 3.27
CA MET E 156 40.61 -35.25 1.81
C MET E 156 39.97 -34.00 1.25
N MET E 157 38.98 -33.47 1.96
CA MET E 157 38.36 -32.25 1.51
C MET E 157 39.30 -31.06 1.69
N ASP E 158 40.01 -31.01 2.81
CA ASP E 158 40.91 -29.90 3.03
C ASP E 158 42.00 -29.87 1.97
N GLU E 159 42.60 -31.03 1.67
CA GLU E 159 43.63 -31.12 0.64
C GLU E 159 43.12 -30.61 -0.71
N TYR E 160 41.93 -31.07 -1.12
CA TYR E 160 41.37 -30.60 -2.38
C TYR E 160 41.11 -29.09 -2.35
N SER E 161 40.53 -28.59 -1.26
CA SER E 161 40.26 -27.16 -1.16
C SER E 161 41.54 -26.34 -1.21
N ARG E 162 42.62 -26.84 -0.64
CA ARG E 162 43.91 -26.17 -0.78
C ARG E 162 44.38 -26.14 -2.23
N MET E 163 44.37 -27.28 -2.90
CA MET E 163 44.78 -27.30 -4.29
C MET E 163 43.90 -26.39 -5.15
N ASP E 164 42.60 -26.35 -4.86
CA ASP E 164 41.70 -25.48 -5.60
C ASP E 164 41.85 -24.02 -5.22
N GLU E 165 42.35 -23.74 -4.01
CA GLU E 165 42.44 -22.40 -3.42
C GLU E 165 41.08 -21.85 -3.01
N PHE E 166 40.10 -22.72 -2.80
CA PHE E 166 38.80 -22.32 -2.29
C PHE E 166 38.05 -23.56 -1.83
N ASN E 167 37.07 -23.36 -0.95
CA ASN E 167 36.35 -24.48 -0.37
C ASN E 167 35.58 -25.22 -1.44
N SER E 168 35.79 -26.53 -1.51
CA SER E 168 35.01 -27.42 -2.37
C SER E 168 34.44 -28.53 -1.50
N PRO E 169 33.44 -28.22 -0.67
CA PRO E 169 32.77 -29.31 0.07
C PRO E 169 32.11 -30.33 -0.85
N GLY E 170 31.71 -29.93 -2.06
CA GLY E 170 31.08 -30.86 -2.98
C GLY E 170 32.02 -31.89 -3.59
N PHE E 171 33.33 -31.78 -3.35
CA PHE E 171 34.27 -32.77 -3.84
C PHE E 171 33.98 -34.16 -3.25
N ILE E 172 33.55 -34.22 -2.00
CA ILE E 172 33.53 -35.46 -1.25
C ILE E 172 32.39 -35.38 -0.24
N THR E 173 31.79 -36.53 0.07
CA THR E 173 30.67 -36.61 0.99
C THR E 173 31.05 -37.46 2.20
N GLY E 174 30.09 -37.63 3.10
CA GLY E 174 30.42 -38.21 4.39
C GLY E 174 31.17 -37.27 5.31
N LYS E 175 31.17 -35.97 4.99
CA LYS E 175 31.90 -34.99 5.77
C LYS E 175 31.24 -34.78 7.14
N PRO E 176 31.96 -34.17 8.07
CA PRO E 176 31.30 -33.65 9.29
C PRO E 176 30.35 -32.49 8.98
N LEU E 177 29.38 -32.30 9.86
CA LEU E 177 28.37 -31.27 9.66
C LEU E 177 29.00 -29.87 9.56
N VAL E 178 30.04 -29.58 10.36
CA VAL E 178 30.67 -28.26 10.33
C VAL E 178 31.30 -27.95 8.98
N LEU E 179 31.54 -28.98 8.16
CA LEU E 179 32.20 -28.85 6.87
C LEU E 179 31.24 -29.03 5.71
N GLY E 180 29.94 -29.05 5.97
CA GLY E 180 28.97 -29.25 4.93
C GLY E 180 28.47 -30.66 4.76
N GLY E 181 28.64 -31.52 5.77
CA GLY E 181 27.97 -32.81 5.77
C GLY E 181 26.46 -32.62 5.80
N SER E 182 25.75 -33.72 5.60
CA SER E 182 24.30 -33.69 5.62
C SER E 182 23.80 -34.38 6.88
N LYS E 183 22.81 -33.76 7.53
CA LYS E 183 22.05 -34.47 8.54
C LYS E 183 21.47 -35.77 7.96
N GLY E 184 21.31 -36.76 8.84
CA GLY E 184 20.84 -38.06 8.40
C GLY E 184 21.88 -38.95 7.76
N ARG E 185 23.16 -38.58 7.73
CA ARG E 185 24.15 -39.41 7.06
C ARG E 185 24.44 -40.71 7.81
N ASP E 186 24.45 -40.67 9.16
CA ASP E 186 24.90 -41.83 9.94
C ASP E 186 23.99 -43.01 9.74
N ARG E 187 22.69 -42.78 9.77
CA ARG E 187 21.72 -43.86 9.78
C ARG E 187 21.17 -44.16 8.39
N ALA E 188 21.70 -43.52 7.35
CA ALA E 188 21.07 -43.56 6.03
C ALA E 188 21.00 -44.98 5.49
N THR E 189 22.15 -45.64 5.37
CA THR E 189 22.18 -46.99 4.82
C THR E 189 21.31 -47.95 5.63
N ALA E 190 21.47 -47.95 6.95
CA ALA E 190 20.68 -48.86 7.78
C ALA E 190 19.19 -48.54 7.68
N GLU E 191 18.84 -47.26 7.63
CA GLU E 191 17.45 -46.89 7.42
C GLU E 191 16.94 -47.37 6.06
N GLY E 192 17.75 -47.21 5.02
CA GLY E 192 17.35 -47.73 3.73
C GLY E 192 17.11 -49.23 3.76
N VAL E 193 18.03 -49.98 4.37
CA VAL E 193 17.84 -51.41 4.54
C VAL E 193 16.54 -51.69 5.27
N THR E 194 16.17 -50.86 6.24
CA THR E 194 14.95 -51.21 6.97
C THR E 194 13.69 -50.82 6.20
N ILE E 195 13.74 -49.76 5.37
CA ILE E 195 12.59 -49.50 4.49
C ILE E 195 12.34 -50.72 3.62
N VAL E 196 13.39 -51.23 3.00
CA VAL E 196 13.21 -52.28 2.03
C VAL E 196 12.82 -53.58 2.72
N ILE E 197 13.15 -53.75 4.01
CA ILE E 197 12.63 -54.88 4.77
C ILE E 197 11.13 -54.74 4.99
N GLN E 198 10.69 -53.58 5.48
CA GLN E 198 9.26 -53.31 5.63
C GLN E 198 8.54 -53.47 4.30
N GLU E 199 9.12 -52.92 3.23
CA GLU E 199 8.48 -52.97 1.94
C GLU E 199 8.35 -54.42 1.45
N ALA E 200 9.40 -55.23 1.65
CA ALA E 200 9.35 -56.62 1.21
C ALA E 200 8.41 -57.44 2.07
N ALA E 201 8.37 -57.15 3.38
CA ALA E 201 7.46 -57.86 4.26
C ALA E 201 6.01 -57.62 3.88
N LYS E 202 5.66 -56.41 3.44
CA LYS E 202 4.26 -56.23 3.10
C LYS E 202 3.93 -56.82 1.74
N LYS E 203 4.92 -57.07 0.90
CA LYS E 203 4.64 -57.86 -0.30
C LYS E 203 4.30 -59.31 0.05
N ARG E 204 4.72 -59.79 1.22
CA ARG E 204 4.44 -61.15 1.66
C ARG E 204 3.45 -61.22 2.82
N ASN E 205 2.71 -60.14 3.05
CA ASN E 205 1.75 -60.00 4.15
C ASN E 205 2.28 -60.61 5.44
N ILE E 206 3.45 -60.11 5.82
CA ILE E 206 4.08 -60.39 7.11
C ILE E 206 4.02 -59.11 7.93
N ASP E 207 3.34 -59.18 9.08
CA ASP E 207 3.39 -58.06 10.03
C ASP E 207 4.82 -57.95 10.56
N ILE E 208 5.38 -56.75 10.55
CA ILE E 208 6.72 -56.60 11.10
C ILE E 208 6.71 -56.89 12.60
N LYS E 209 5.67 -56.48 13.31
CA LYS E 209 5.58 -56.80 14.74
C LYS E 209 5.35 -58.29 14.88
N GLY E 210 6.27 -58.96 15.57
CA GLY E 210 6.23 -60.40 15.67
C GLY E 210 6.96 -61.14 14.57
N ALA E 211 7.40 -60.45 13.53
CA ALA E 211 8.15 -61.12 12.47
C ALA E 211 9.51 -61.56 12.99
N ARG E 212 9.91 -62.78 12.63
CA ARG E 212 11.16 -63.34 13.10
C ARG E 212 12.27 -62.99 12.13
N VAL E 213 13.28 -62.29 12.63
CA VAL E 213 14.38 -61.77 11.85
C VAL E 213 15.66 -62.44 12.35
N VAL E 214 16.51 -62.89 11.42
CA VAL E 214 17.85 -63.34 11.75
C VAL E 214 18.85 -62.45 11.03
N ILE E 215 19.93 -62.09 11.73
CA ILE E 215 20.89 -61.10 11.25
C ILE E 215 22.29 -61.66 11.40
N GLN E 216 22.98 -61.84 10.28
CA GLN E 216 24.38 -62.26 10.29
C GLN E 216 25.26 -61.02 10.32
N GLY E 217 26.09 -60.91 11.33
CA GLY E 217 26.92 -59.71 11.43
C GLY E 217 26.47 -58.83 12.57
N PHE E 218 27.44 -58.25 13.27
CA PHE E 218 27.11 -57.41 14.41
C PHE E 218 28.09 -56.23 14.53
N GLY E 219 28.72 -55.86 13.42
CA GLY E 219 29.39 -54.59 13.29
C GLY E 219 28.37 -53.48 13.07
N ASN E 220 28.80 -52.39 12.43
CA ASN E 220 27.94 -51.22 12.32
C ASN E 220 26.65 -51.52 11.57
N ALA E 221 26.73 -52.26 10.47
CA ALA E 221 25.54 -52.56 9.67
C ALA E 221 24.56 -53.41 10.46
N GLY E 222 25.04 -54.53 11.02
CA GLY E 222 24.16 -55.45 11.72
C GLY E 222 23.72 -54.95 13.08
N SER E 223 24.59 -54.24 13.78
CA SER E 223 24.24 -53.62 15.05
C SER E 223 23.03 -52.69 14.89
N PHE E 224 23.15 -51.70 13.99
CA PHE E 224 22.03 -50.82 13.70
C PHE E 224 20.78 -51.60 13.30
N LEU E 225 20.93 -52.54 12.35
CA LEU E 225 19.77 -53.27 11.85
C LEU E 225 19.01 -53.96 12.98
N ALA E 226 19.74 -54.55 13.92
CA ALA E 226 19.08 -55.24 15.03
C ALA E 226 18.27 -54.25 15.87
N LYS E 227 18.84 -53.08 16.14
CA LYS E 227 18.11 -52.08 16.92
C LYS E 227 16.86 -51.63 16.20
N PHE E 228 16.98 -51.33 14.89
CA PHE E 228 15.83 -50.92 14.10
C PHE E 228 14.72 -51.96 14.15
N MET E 229 15.03 -53.21 13.78
CA MET E 229 14.02 -54.26 13.79
C MET E 229 13.44 -54.47 15.18
N SER E 230 14.32 -54.53 16.20
CA SER E 230 13.84 -54.73 17.56
C SER E 230 12.91 -53.60 17.98
N ASP E 231 13.21 -52.37 17.57
CA ASP E 231 12.36 -51.25 17.93
C ASP E 231 11.04 -51.27 17.19
N LEU E 232 10.96 -51.94 16.05
CA LEU E 232 9.68 -52.00 15.34
C LEU E 232 8.80 -53.14 15.82
N GLY E 233 9.19 -53.86 16.89
CA GLY E 233 8.43 -54.99 17.37
C GLY E 233 8.82 -56.33 16.79
N ALA E 234 9.79 -56.36 15.88
CA ALA E 234 10.23 -57.63 15.30
C ALA E 234 10.95 -58.48 16.34
N LYS E 235 10.85 -59.79 16.19
CA LYS E 235 11.60 -60.73 17.02
C LYS E 235 12.89 -61.04 16.28
N VAL E 236 14.00 -60.42 16.69
CA VAL E 236 15.27 -60.79 16.09
C VAL E 236 15.76 -62.03 16.84
N ILE E 237 15.75 -63.18 16.14
CA ILE E 237 15.92 -64.49 16.75
C ILE E 237 17.33 -65.04 16.58
N GLY E 238 18.19 -64.35 15.83
CA GLY E 238 19.56 -64.79 15.65
C GLY E 238 20.45 -63.65 15.27
N ILE E 239 21.49 -63.40 16.05
CA ILE E 239 22.52 -62.45 15.71
C ILE E 239 23.83 -63.20 15.64
N SER E 240 24.82 -62.57 15.01
CA SER E 240 25.98 -63.33 14.57
C SER E 240 27.23 -62.47 14.61
N ASP E 241 28.35 -63.19 14.58
CA ASP E 241 29.67 -62.69 14.89
C ASP E 241 30.62 -63.37 13.91
N ALA E 242 31.83 -62.83 13.78
CA ALA E 242 32.88 -63.62 13.13
C ALA E 242 33.16 -64.92 13.88
N TYR E 243 32.65 -65.06 15.11
CA TYR E 243 32.99 -66.20 15.95
C TYR E 243 31.82 -67.14 16.20
N GLY E 244 30.58 -66.69 16.00
CA GLY E 244 29.45 -67.58 16.17
C GLY E 244 28.14 -66.81 16.18
N ALA E 245 27.13 -67.43 16.78
CA ALA E 245 25.78 -66.92 16.66
C ALA E 245 24.98 -67.27 17.91
N LEU E 246 24.04 -66.39 18.24
CA LEU E 246 23.12 -66.55 19.36
C LEU E 246 21.72 -66.79 18.82
N HIS E 247 20.93 -67.60 19.51
CA HIS E 247 19.63 -68.02 19.01
C HIS E 247 18.62 -68.10 20.14
N ASP E 248 17.46 -67.48 19.94
CA ASP E 248 16.28 -67.74 20.78
C ASP E 248 15.05 -67.68 19.87
N PRO E 249 14.22 -68.72 19.86
CA PRO E 249 13.02 -68.70 19.02
C PRO E 249 12.06 -67.56 19.32
N ASN E 250 12.09 -67.01 20.52
CA ASN E 250 11.19 -65.96 20.93
C ASN E 250 11.79 -64.57 20.73
N GLY E 251 13.08 -64.49 20.44
CA GLY E 251 13.71 -63.20 20.21
C GLY E 251 14.77 -62.96 21.28
N LEU E 252 15.94 -62.51 20.84
CA LEU E 252 16.99 -62.11 21.76
C LEU E 252 16.70 -60.70 22.28
N ASP E 253 17.42 -60.31 23.35
CA ASP E 253 17.32 -58.96 23.90
C ASP E 253 18.38 -58.10 23.23
N ILE E 254 17.97 -57.35 22.20
CA ILE E 254 18.92 -56.59 21.38
C ILE E 254 19.57 -55.48 22.19
N ASP E 255 18.80 -54.78 23.03
CA ASP E 255 19.37 -53.71 23.86
C ASP E 255 20.46 -54.24 24.79
N TYR E 256 20.28 -55.44 25.34
CA TYR E 256 21.29 -56.01 26.22
C TYR E 256 22.54 -56.44 25.45
N LEU E 257 22.34 -57.02 24.27
CA LEU E 257 23.47 -57.48 23.46
C LEU E 257 24.30 -56.33 22.91
N LEU E 258 23.70 -55.14 22.78
CA LEU E 258 24.46 -53.98 22.31
C LEU E 258 25.34 -53.40 23.42
N ASP E 259 24.84 -53.40 24.66
CA ASP E 259 25.66 -52.94 25.78
C ASP E 259 26.91 -53.80 25.93
N ARG E 260 26.83 -55.08 25.59
CA ARG E 260 27.95 -55.99 25.72
C ARG E 260 28.73 -56.13 24.42
N ARG E 261 28.61 -55.15 23.52
CA ARG E 261 29.18 -55.26 22.19
C ARG E 261 30.65 -54.82 22.18
N ASP E 262 31.40 -55.41 21.26
CA ASP E 262 32.75 -54.94 20.95
C ASP E 262 32.69 -53.88 19.86
N SER E 263 33.73 -53.03 19.84
CA SER E 263 33.81 -51.99 18.82
C SER E 263 34.02 -52.57 17.43
N PHE E 264 34.45 -53.83 17.34
CA PHE E 264 34.59 -54.54 16.08
C PHE E 264 33.40 -55.47 15.82
N GLY E 265 32.37 -55.40 16.65
CA GLY E 265 31.17 -56.17 16.45
C GLY E 265 31.21 -57.59 16.98
N THR E 266 31.77 -57.78 18.17
CA THR E 266 32.00 -59.11 18.73
C THR E 266 31.24 -59.24 20.04
N VAL E 267 30.24 -60.12 20.07
CA VAL E 267 29.51 -60.43 21.30
C VAL E 267 29.44 -61.94 21.57
N THR E 268 29.72 -62.78 20.58
CA THR E 268 29.53 -64.21 20.75
C THR E 268 30.57 -64.80 21.68
N THR E 269 31.81 -64.29 21.64
CA THR E 269 32.94 -64.95 22.29
C THR E 269 32.77 -65.04 23.78
N LEU E 270 31.99 -64.14 24.38
CA LEU E 270 31.88 -64.15 25.83
C LEU E 270 30.87 -65.20 26.31
N PHE E 271 29.87 -65.54 25.51
CA PHE E 271 28.91 -66.56 25.86
C PHE E 271 29.48 -67.96 25.60
N GLU E 272 29.11 -68.91 26.47
CA GLU E 272 29.62 -70.28 26.34
C GLU E 272 28.76 -71.14 25.44
N ASN E 273 27.45 -70.94 25.45
CA ASN E 273 26.55 -71.73 24.61
C ASN E 273 26.35 -71.00 23.29
N THR E 274 26.92 -71.52 22.23
CA THR E 274 26.95 -70.85 20.95
C THR E 274 26.41 -71.78 19.88
N ILE E 275 26.03 -71.18 18.75
CA ILE E 275 25.69 -71.91 17.53
C ILE E 275 26.52 -71.27 16.42
N THR E 276 26.70 -72.00 15.32
CA THR E 276 27.58 -71.53 14.25
C THR E 276 26.82 -70.64 13.27
N ASN E 277 27.59 -69.87 12.49
CA ASN E 277 27.01 -69.12 11.38
C ASN E 277 26.37 -70.04 10.36
N GLN E 278 26.91 -71.24 10.17
CA GLN E 278 26.31 -72.16 9.21
C GLN E 278 24.90 -72.51 9.62
N GLU E 279 24.68 -72.70 10.92
CA GLU E 279 23.33 -72.97 11.39
C GLU E 279 22.51 -71.69 11.51
N LEU E 280 23.13 -70.57 11.89
CA LEU E 280 22.40 -69.31 11.98
C LEU E 280 21.73 -68.97 10.64
N LEU E 281 22.43 -69.25 9.54
CA LEU E 281 21.92 -68.95 8.21
C LEU E 281 20.70 -69.80 7.86
N GLU E 282 20.61 -71.02 8.40
CA GLU E 282 19.56 -71.96 8.03
C GLU E 282 18.39 -71.98 9.01
N LEU E 283 18.38 -71.14 10.05
CA LEU E 283 17.27 -71.11 11.01
C LEU E 283 15.96 -70.84 10.29
N ASP E 284 14.89 -71.45 10.80
CA ASP E 284 13.56 -71.05 10.34
C ASP E 284 13.26 -69.64 10.85
N CYS E 285 12.82 -68.77 9.94
CA CYS E 285 12.59 -67.37 10.26
C CYS E 285 11.82 -66.77 9.09
N ASP E 286 11.22 -65.60 9.33
CA ASP E 286 10.57 -64.88 8.26
C ASP E 286 11.57 -64.17 7.36
N ILE E 287 12.57 -63.52 7.96
CA ILE E 287 13.46 -62.61 7.26
C ILE E 287 14.89 -62.92 7.66
N LEU E 288 15.75 -63.14 6.66
CA LEU E 288 17.17 -63.36 6.86
C LEU E 288 17.94 -62.20 6.25
N VAL E 289 18.73 -61.51 7.07
CA VAL E 289 19.52 -60.38 6.61
C VAL E 289 20.99 -60.70 6.81
N PRO E 290 21.70 -61.11 5.75
CA PRO E 290 23.17 -61.23 5.86
C PRO E 290 23.82 -59.86 5.87
N ALA E 291 24.45 -59.51 7.00
CA ALA E 291 25.10 -58.22 7.17
C ALA E 291 26.56 -58.40 7.56
N ALA E 292 27.14 -59.57 7.27
CA ALA E 292 28.53 -59.85 7.59
C ALA E 292 29.38 -59.68 6.33
N ILE E 293 30.05 -60.75 5.89
CA ILE E 293 30.90 -60.68 4.71
C ILE E 293 30.24 -61.42 3.56
N GLU E 294 31.02 -61.66 2.50
CA GLU E 294 30.46 -62.13 1.24
C GLU E 294 30.42 -63.66 1.14
N ASN E 295 29.69 -64.14 0.14
CA ASN E 295 29.59 -65.55 -0.21
C ASN E 295 29.24 -66.41 1.00
N GLN E 296 28.20 -65.99 1.71
CA GLN E 296 27.68 -66.76 2.84
C GLN E 296 26.52 -67.66 2.46
N ILE E 297 25.85 -67.37 1.35
CA ILE E 297 24.81 -68.20 0.78
C ILE E 297 25.36 -68.70 -0.55
N THR E 298 25.57 -70.00 -0.65
CA THR E 298 26.30 -70.62 -1.75
C THR E 298 25.50 -71.81 -2.28
N ALA E 299 26.02 -72.44 -3.33
CA ALA E 299 25.32 -73.56 -3.95
C ALA E 299 25.11 -74.70 -2.97
N GLU E 300 26.02 -74.87 -2.01
CA GLU E 300 25.85 -75.93 -1.03
C GLU E 300 24.92 -75.51 0.09
N ASN E 301 24.62 -74.23 0.18
CA ASN E 301 23.86 -73.64 1.27
C ASN E 301 22.42 -73.32 0.88
N ALA E 302 22.21 -72.92 -0.37
CA ALA E 302 20.99 -72.19 -0.75
C ALA E 302 19.73 -73.01 -0.54
N HIS E 303 19.79 -74.32 -0.76
CA HIS E 303 18.61 -75.15 -0.58
C HIS E 303 18.19 -75.24 0.89
N ASN E 304 19.10 -74.96 1.84
CA ASN E 304 18.83 -75.16 3.25
C ASN E 304 18.25 -73.92 3.95
N ILE E 305 17.83 -72.91 3.21
CA ILE E 305 17.47 -71.60 3.78
C ILE E 305 15.96 -71.53 3.96
N LYS E 306 15.53 -71.34 5.20
CA LYS E 306 14.13 -71.39 5.56
C LYS E 306 13.47 -70.02 5.59
N ALA E 307 14.16 -68.97 5.16
CA ALA E 307 13.62 -67.62 5.24
C ALA E 307 12.68 -67.30 4.07
N THR E 308 11.55 -66.69 4.38
CA THR E 308 10.65 -66.24 3.33
C THR E 308 11.28 -65.16 2.47
N ILE E 309 12.03 -64.26 3.11
CA ILE E 309 12.61 -63.09 2.47
C ILE E 309 14.06 -62.99 2.90
N VAL E 310 14.97 -62.83 1.93
CA VAL E 310 16.38 -62.59 2.18
C VAL E 310 16.71 -61.19 1.70
N VAL E 311 17.16 -60.34 2.61
CA VAL E 311 17.58 -58.97 2.30
C VAL E 311 19.07 -58.89 2.54
N GLU E 312 19.86 -58.59 1.51
CA GLU E 312 21.29 -58.53 1.72
C GLU E 312 21.68 -57.10 2.06
N ALA E 313 22.12 -56.92 3.32
CA ALA E 313 22.67 -55.64 3.78
C ALA E 313 24.13 -55.51 3.40
N ALA E 314 24.87 -56.61 3.42
CA ALA E 314 26.28 -56.64 3.07
C ALA E 314 26.48 -56.83 1.57
N ASN E 315 27.71 -56.61 1.13
CA ASN E 315 28.01 -56.73 -0.29
C ASN E 315 28.25 -58.19 -0.66
N GLY E 316 27.50 -58.67 -1.64
CA GLY E 316 27.67 -59.98 -2.23
C GLY E 316 27.61 -61.19 -1.33
N PRO E 317 26.63 -61.29 -0.42
CA PRO E 317 26.57 -62.49 0.43
C PRO E 317 25.91 -63.71 -0.22
N THR E 318 25.32 -63.60 -1.40
CA THR E 318 24.75 -64.76 -2.09
C THR E 318 25.38 -64.87 -3.46
N THR E 319 25.88 -66.06 -3.78
CA THR E 319 26.54 -66.31 -5.05
C THR E 319 25.51 -66.37 -6.18
N SER E 320 26.01 -66.38 -7.43
CA SER E 320 25.11 -66.50 -8.58
C SER E 320 24.28 -67.77 -8.48
N GLU E 321 24.94 -68.92 -8.31
CA GLU E 321 24.24 -70.18 -8.21
C GLU E 321 23.21 -70.16 -7.08
N ALA E 322 23.64 -69.75 -5.89
CA ALA E 322 22.72 -69.67 -4.76
C ALA E 322 21.53 -68.77 -5.09
N THR E 323 21.76 -67.70 -5.85
CA THR E 323 20.70 -66.72 -6.08
C THR E 323 19.58 -67.31 -6.93
N LYS E 324 19.93 -68.00 -8.01
CA LYS E 324 18.90 -68.65 -8.82
C LYS E 324 18.25 -69.81 -8.09
N ILE E 325 18.94 -70.41 -7.10
CA ILE E 325 18.32 -71.44 -6.28
C ILE E 325 17.27 -70.83 -5.36
N LEU E 326 17.62 -69.74 -4.67
CA LEU E 326 16.67 -69.09 -3.75
C LEU E 326 15.41 -68.62 -4.48
N THR E 327 15.57 -68.05 -5.69
CA THR E 327 14.38 -67.58 -6.38
C THR E 327 13.58 -68.76 -6.92
N GLU E 328 14.25 -69.89 -7.20
CA GLU E 328 13.54 -71.10 -7.62
C GLU E 328 12.71 -71.67 -6.48
N ARG E 329 13.16 -71.47 -5.25
CA ARG E 329 12.40 -71.94 -4.10
C ARG E 329 11.39 -70.91 -3.64
N GLY E 330 11.16 -69.85 -4.42
CA GLY E 330 10.15 -68.87 -4.10
C GLY E 330 10.53 -67.84 -3.06
N ILE E 331 11.80 -67.77 -2.67
CA ILE E 331 12.24 -66.77 -1.71
C ILE E 331 12.17 -65.39 -2.36
N LEU E 332 11.98 -64.34 -1.56
CA LEU E 332 12.08 -62.97 -2.04
C LEU E 332 13.46 -62.44 -1.69
N LEU E 333 14.29 -62.27 -2.71
CA LEU E 333 15.66 -61.78 -2.54
C LEU E 333 15.67 -60.28 -2.83
N VAL E 334 16.11 -59.48 -1.86
CA VAL E 334 16.32 -58.05 -2.09
C VAL E 334 17.82 -57.82 -2.25
N PRO E 335 18.29 -57.49 -3.46
CA PRO E 335 19.73 -57.43 -3.70
C PRO E 335 20.42 -56.30 -2.98
N ASP E 336 21.72 -56.50 -2.70
CA ASP E 336 22.54 -55.50 -2.04
C ASP E 336 22.50 -54.17 -2.78
N VAL E 337 22.49 -54.22 -4.10
CA VAL E 337 22.62 -52.99 -4.87
C VAL E 337 21.38 -52.12 -4.68
N LEU E 338 20.24 -52.73 -4.35
CA LEU E 338 19.07 -51.95 -3.96
C LEU E 338 19.06 -51.65 -2.46
N ALA E 339 19.20 -52.69 -1.63
CA ALA E 339 18.99 -52.55 -0.19
C ALA E 339 19.94 -51.53 0.45
N SER E 340 21.15 -51.37 -0.10
CA SER E 340 22.14 -50.50 0.53
C SER E 340 22.19 -49.12 -0.10
N ALA E 341 21.21 -48.78 -0.96
CA ALA E 341 21.19 -47.55 -1.73
C ALA E 341 20.91 -46.32 -0.88
N GLY E 342 20.50 -46.49 0.39
CA GLY E 342 20.29 -45.33 1.23
C GLY E 342 21.54 -44.48 1.38
N GLY E 343 22.69 -45.12 1.57
CA GLY E 343 23.92 -44.36 1.74
C GLY E 343 24.26 -43.51 0.54
N ALA E 344 24.04 -44.03 -0.65
CA ALA E 344 24.31 -43.23 -1.83
C ALA E 344 23.30 -42.10 -1.93
N THR E 345 22.08 -42.32 -1.42
CA THR E 345 21.01 -41.35 -1.55
C THR E 345 21.26 -40.14 -0.66
N VAL E 346 21.69 -40.36 0.58
CA VAL E 346 22.01 -39.21 1.42
C VAL E 346 23.36 -38.59 1.01
N SER E 347 24.31 -39.41 0.54
CA SER E 347 25.50 -38.86 -0.11
C SER E 347 25.11 -37.80 -1.12
N TYR E 348 24.20 -38.17 -2.03
CA TYR E 348 23.75 -37.28 -3.09
C TYR E 348 23.11 -36.01 -2.52
N PHE E 349 22.20 -36.16 -1.55
CA PHE E 349 21.63 -35.01 -0.87
C PHE E 349 22.72 -34.12 -0.28
N GLU E 350 23.77 -34.72 0.31
CA GLU E 350 24.89 -33.91 0.80
C GLU E 350 25.49 -33.07 -0.34
N TRP E 351 25.76 -33.72 -1.48
CA TRP E 351 26.36 -33.04 -2.63
C TRP E 351 25.44 -31.91 -3.14
N VAL E 352 24.13 -32.16 -3.21
CA VAL E 352 23.20 -31.12 -3.65
C VAL E 352 23.22 -29.93 -2.71
N GLN E 353 23.30 -30.18 -1.41
CA GLN E 353 23.36 -29.09 -0.43
C GLN E 353 24.62 -28.26 -0.60
N ASN E 354 25.74 -28.90 -0.95
CA ASN E 354 26.97 -28.16 -1.23
C ASN E 354 26.86 -27.38 -2.54
N ASN E 355 26.11 -27.91 -3.52
CA ASN E 355 25.90 -27.18 -4.76
C ASN E 355 25.08 -25.93 -4.51
N MET E 356 24.09 -26.00 -3.62
CA MET E 356 23.32 -24.81 -3.29
C MET E 356 23.96 -23.97 -2.20
N GLY E 357 24.91 -24.51 -1.43
CA GLY E 357 25.36 -23.79 -0.26
C GLY E 357 24.30 -23.67 0.82
N TYR E 358 23.24 -24.48 0.72
CA TYR E 358 22.06 -24.44 1.57
C TYR E 358 21.82 -25.85 2.09
N TYR E 359 21.39 -25.97 3.34
CA TYR E 359 21.41 -27.26 4.01
C TYR E 359 20.03 -27.55 4.58
N TRP E 360 19.68 -28.83 4.59
CA TRP E 360 18.35 -29.29 4.96
C TRP E 360 18.32 -29.79 6.38
N GLU E 361 17.11 -29.88 6.92
CA GLU E 361 16.92 -30.42 8.25
C GLU E 361 16.85 -31.94 8.22
N GLU E 362 16.96 -32.53 9.40
CA GLU E 362 16.96 -33.98 9.47
C GLU E 362 15.65 -34.55 8.95
N GLU E 363 14.53 -33.94 9.31
CA GLU E 363 13.26 -34.48 8.84
C GLU E 363 13.14 -34.36 7.32
N GLU E 364 13.70 -33.31 6.74
CA GLU E 364 13.59 -33.11 5.31
C GLU E 364 14.40 -34.16 4.55
N VAL E 365 15.56 -34.54 5.10
CA VAL E 365 16.39 -35.55 4.46
C VAL E 365 15.75 -36.93 4.59
N GLN E 366 15.23 -37.28 5.77
CA GLN E 366 14.53 -38.56 5.89
C GLN E 366 13.32 -38.61 4.98
N GLU E 367 12.62 -37.50 4.82
CA GLU E 367 11.44 -37.48 3.96
C GLU E 367 11.81 -37.79 2.51
N LYS E 368 12.92 -37.22 2.04
CA LYS E 368 13.34 -37.50 0.68
C LYS E 368 13.96 -38.89 0.58
N LEU E 369 14.74 -39.31 1.57
CA LEU E 369 15.31 -40.66 1.53
C LEU E 369 14.20 -41.71 1.46
N TYR E 370 13.20 -41.61 2.35
CA TYR E 370 12.13 -42.60 2.37
C TYR E 370 11.38 -42.69 1.04
N LYS E 371 11.16 -41.57 0.35
CA LYS E 371 10.49 -41.64 -0.94
C LYS E 371 11.35 -42.40 -1.97
N LYS E 372 12.64 -42.07 -2.04
CA LYS E 372 13.55 -42.75 -2.97
C LYS E 372 13.51 -44.27 -2.77
N MET E 373 13.65 -44.72 -1.52
CA MET E 373 13.70 -46.16 -1.26
C MET E 373 12.35 -46.82 -1.51
N TYR E 374 11.26 -46.18 -1.08
CA TYR E 374 9.93 -46.69 -1.39
C TYR E 374 9.76 -46.90 -2.90
N ASP E 375 10.00 -45.86 -3.69
CA ASP E 375 9.86 -45.99 -5.14
C ASP E 375 10.84 -46.99 -5.72
N SER E 376 12.09 -46.98 -5.24
CA SER E 376 13.11 -47.88 -5.76
C SER E 376 12.72 -49.34 -5.56
N PHE E 377 12.31 -49.71 -4.34
CA PHE E 377 11.90 -51.09 -4.10
C PHE E 377 10.78 -51.50 -5.02
N GLU E 378 9.76 -50.64 -5.17
CA GLU E 378 8.63 -50.98 -6.03
C GLU E 378 9.06 -51.23 -7.47
N ALA E 379 9.92 -50.35 -8.01
CA ALA E 379 10.36 -50.51 -9.40
C ALA E 379 11.14 -51.82 -9.59
N VAL E 380 12.10 -52.10 -8.70
CA VAL E 380 12.85 -53.36 -8.80
C VAL E 380 11.92 -54.55 -8.58
N TYR E 381 11.01 -54.45 -7.59
CA TYR E 381 10.12 -55.58 -7.30
C TYR E 381 9.14 -55.83 -8.44
N THR E 382 8.62 -54.77 -9.06
CA THR E 382 7.72 -54.93 -10.20
C THR E 382 8.44 -55.56 -11.38
N THR E 383 9.69 -55.16 -11.63
CA THR E 383 10.42 -55.73 -12.77
C THR E 383 10.66 -57.22 -12.57
N ALA E 384 10.98 -57.63 -11.35
CA ALA E 384 11.23 -59.05 -11.09
C ALA E 384 9.95 -59.86 -11.22
N THR E 385 8.89 -59.44 -10.55
CA THR E 385 7.68 -60.25 -10.51
C THR E 385 6.95 -60.22 -11.85
N THR E 386 6.93 -59.07 -12.53
CA THR E 386 6.25 -58.94 -13.82
C THR E 386 6.95 -59.75 -14.91
N ARG E 387 8.27 -59.75 -14.96
CA ARG E 387 9.02 -60.47 -15.98
C ARG E 387 9.42 -61.89 -15.55
N ASN E 388 9.11 -62.28 -14.32
CA ASN E 388 9.52 -63.57 -13.75
C ASN E 388 11.03 -63.77 -13.84
N ILE E 389 11.78 -62.79 -13.31
CA ILE E 389 13.22 -62.88 -13.25
C ILE E 389 13.64 -62.68 -11.80
N ASP E 390 14.87 -63.10 -11.49
CA ASP E 390 15.36 -62.91 -10.14
C ASP E 390 15.59 -61.43 -9.87
N MET E 391 15.60 -61.05 -8.60
CA MET E 391 15.64 -59.64 -8.25
C MET E 391 17.02 -59.03 -8.44
N ARG E 392 18.08 -59.81 -8.36
CA ARG E 392 19.39 -59.25 -8.66
C ARG E 392 19.41 -58.71 -10.08
N LEU E 393 19.01 -59.53 -11.05
CA LEU E 393 19.00 -59.11 -12.44
C LEU E 393 18.00 -57.98 -12.66
N ALA E 394 16.80 -58.10 -12.10
CA ALA E 394 15.83 -57.01 -12.20
C ALA E 394 16.41 -55.70 -11.69
N ALA E 395 17.19 -55.75 -10.60
CA ALA E 395 17.81 -54.54 -10.06
C ALA E 395 18.89 -54.01 -10.98
N TYR E 396 19.73 -54.90 -11.53
CA TYR E 396 20.76 -54.49 -12.48
C TYR E 396 20.16 -53.85 -13.72
N MET E 397 18.98 -54.33 -14.16
CA MET E 397 18.30 -53.74 -15.30
C MET E 397 17.82 -52.34 -14.99
N VAL E 398 17.14 -52.16 -13.85
CA VAL E 398 16.73 -50.84 -13.42
C VAL E 398 17.95 -49.96 -13.18
N GLY E 399 19.04 -50.54 -12.66
CA GLY E 399 20.20 -49.74 -12.33
C GLY E 399 21.02 -49.30 -13.51
N VAL E 400 20.98 -50.08 -14.60
CA VAL E 400 21.84 -49.84 -15.74
C VAL E 400 21.14 -49.06 -16.85
N ARG E 401 19.80 -49.08 -16.91
CA ARG E 401 19.09 -48.53 -18.06
C ARG E 401 19.47 -47.08 -18.33
N ARG E 402 19.60 -46.28 -17.28
CA ARG E 402 19.80 -44.85 -17.47
C ARG E 402 21.20 -44.57 -18.04
N THR E 403 22.21 -45.30 -17.56
CA THR E 403 23.57 -45.20 -18.10
C THR E 403 23.61 -45.63 -19.57
N ALA E 404 22.87 -46.68 -19.92
CA ALA E 404 22.85 -47.11 -21.31
C ALA E 404 22.06 -46.15 -22.20
N GLU E 405 20.92 -45.64 -21.69
CA GLU E 405 20.15 -44.67 -22.47
C GLU E 405 20.99 -43.43 -22.75
N ALA E 406 21.68 -42.93 -21.72
CA ALA E 406 22.49 -41.73 -21.84
C ALA E 406 23.70 -41.97 -22.71
N SER E 407 24.26 -43.19 -22.69
CA SER E 407 25.36 -43.53 -23.58
C SER E 407 24.89 -43.58 -25.03
N ARG E 408 23.68 -44.09 -25.27
CA ARG E 408 23.10 -44.03 -26.60
C ARG E 408 22.91 -42.58 -27.05
N PHE E 409 22.27 -41.76 -26.21
CA PHE E 409 21.92 -40.39 -26.57
C PHE E 409 23.13 -39.55 -26.93
N ARG E 410 24.22 -39.67 -26.16
CA ARG E 410 25.41 -38.86 -26.37
C ARG E 410 26.25 -39.34 -27.54
N GLY E 411 25.87 -40.43 -28.18
CA GLY E 411 26.58 -40.91 -29.34
C GLY E 411 27.81 -41.72 -29.02
N TRP E 412 27.84 -42.38 -27.86
CA TRP E 412 29.00 -43.19 -27.50
C TRP E 412 28.95 -44.58 -28.10
N VAL E 413 27.76 -45.09 -28.39
CA VAL E 413 27.59 -46.30 -29.21
C VAL E 413 26.46 -46.00 -30.19
N LEU F 4 -6.96 19.85 -2.25
CA LEU F 4 -6.83 20.85 -1.18
C LEU F 4 -8.10 21.67 -1.02
N ASN F 5 -8.34 22.59 -1.96
CA ASN F 5 -9.37 23.62 -1.79
C ASN F 5 -10.76 23.01 -1.65
N LEU F 6 -11.44 23.37 -0.56
CA LEU F 6 -12.78 22.84 -0.29
C LEU F 6 -13.80 23.34 -1.31
N PHE F 7 -13.69 24.60 -1.74
CA PHE F 7 -14.69 25.15 -2.66
C PHE F 7 -14.63 24.47 -4.02
N THR F 8 -13.45 24.29 -4.59
CA THR F 8 -13.40 23.61 -5.88
C THR F 8 -13.90 22.18 -5.74
N SER F 9 -13.48 21.49 -4.68
CA SER F 9 -13.93 20.12 -4.48
C SER F 9 -15.45 20.04 -4.38
N THR F 10 -16.06 21.01 -3.70
CA THR F 10 -17.50 20.96 -3.54
C THR F 10 -18.22 21.22 -4.86
N GLN F 11 -17.66 22.13 -5.68
CA GLN F 11 -18.22 22.38 -7.02
C GLN F 11 -18.21 21.12 -7.86
N GLU F 12 -17.16 20.33 -7.73
CA GLU F 12 -17.04 19.10 -8.50
C GLU F 12 -18.06 18.06 -8.05
N VAL F 13 -18.42 18.06 -6.76
CA VAL F 13 -19.48 17.18 -6.28
C VAL F 13 -20.80 17.57 -6.95
N VAL F 14 -21.11 18.87 -6.97
CA VAL F 14 -22.33 19.34 -7.61
C VAL F 14 -22.34 18.97 -9.09
N LYS F 15 -21.24 19.26 -9.78
CA LYS F 15 -21.17 18.97 -11.21
C LYS F 15 -21.40 17.49 -11.50
N GLU F 16 -20.76 16.61 -10.75
CA GLU F 16 -20.98 15.18 -10.97
C GLU F 16 -22.44 14.81 -10.75
N ALA F 17 -23.00 15.21 -9.61
CA ALA F 17 -24.37 14.85 -9.27
C ALA F 17 -25.35 15.41 -10.31
N LEU F 18 -25.34 16.73 -10.52
CA LEU F 18 -26.16 17.32 -11.58
C LEU F 18 -26.03 16.55 -12.90
N ASN F 19 -24.82 16.08 -13.21
CA ASN F 19 -24.58 15.42 -14.49
C ASN F 19 -25.15 14.00 -14.53
N LYS F 20 -25.10 13.28 -13.41
CA LYS F 20 -25.72 11.96 -13.39
C LYS F 20 -27.24 12.06 -13.38
N LEU F 21 -27.77 13.16 -12.85
CA LEU F 21 -29.20 13.37 -12.92
C LEU F 21 -29.69 13.76 -14.31
N GLY F 22 -28.78 14.14 -15.21
CA GLY F 22 -29.10 14.48 -16.58
C GLY F 22 -29.34 15.96 -16.88
N TYR F 23 -28.94 16.87 -16.01
CA TYR F 23 -29.16 18.29 -16.23
C TYR F 23 -28.05 18.88 -17.07
N ASP F 24 -28.34 20.04 -17.67
CA ASP F 24 -27.46 20.67 -18.66
C ASP F 24 -26.34 21.45 -17.99
N GLU F 25 -25.45 21.96 -18.84
CA GLU F 25 -24.38 22.82 -18.35
C GLU F 25 -24.94 24.04 -17.63
N ALA F 26 -26.11 24.53 -18.03
CA ALA F 26 -26.62 25.79 -17.48
C ALA F 26 -27.06 25.62 -16.03
N MET F 27 -27.62 24.44 -15.69
CA MET F 27 -27.93 24.15 -14.29
C MET F 27 -26.67 24.17 -13.44
N TYR F 28 -25.56 23.69 -13.97
CA TYR F 28 -24.32 23.75 -13.21
C TYR F 28 -23.87 25.20 -13.03
N GLU F 29 -23.95 26.01 -14.09
CA GLU F 29 -23.53 27.40 -13.97
C GLU F 29 -24.38 28.14 -12.94
N LEU F 30 -25.61 27.69 -12.72
CA LEU F 30 -26.49 28.35 -11.78
C LEU F 30 -26.21 27.91 -10.34
N LEU F 31 -25.80 26.66 -10.13
CA LEU F 31 -25.57 26.17 -8.78
C LEU F 31 -24.11 26.10 -8.39
N LYS F 32 -23.17 26.49 -9.26
CA LYS F 32 -21.76 26.32 -8.93
C LYS F 32 -21.25 27.38 -7.98
N GLU F 33 -21.97 28.50 -7.86
CA GLU F 33 -21.74 29.62 -6.97
C GLU F 33 -23.07 29.96 -6.28
N PRO F 34 -23.02 30.41 -5.02
CA PRO F 34 -24.24 30.93 -4.38
C PRO F 34 -24.86 32.05 -5.18
N LEU F 35 -26.20 32.06 -5.23
CA LEU F 35 -26.91 33.20 -5.82
C LEU F 35 -26.52 34.51 -5.14
N ARG F 36 -26.26 34.47 -3.84
CA ARG F 36 -25.95 35.67 -3.05
C ARG F 36 -24.79 35.41 -2.11
N LEU F 37 -23.82 36.31 -2.10
CA LEU F 37 -22.81 36.32 -1.04
C LEU F 37 -22.63 37.75 -0.54
N LEU F 38 -22.84 37.96 0.76
CA LEU F 38 -22.73 39.27 1.39
C LEU F 38 -21.47 39.29 2.24
N LYS F 39 -20.56 40.20 1.92
CA LYS F 39 -19.38 40.42 2.73
C LYS F 39 -19.56 41.72 3.50
N VAL F 40 -19.43 41.65 4.82
CA VAL F 40 -19.74 42.78 5.69
C VAL F 40 -18.54 43.14 6.53
N ARG F 41 -18.43 44.42 6.85
CA ARG F 41 -17.49 44.93 7.85
C ARG F 41 -18.27 45.40 9.07
N ILE F 42 -17.97 44.82 10.22
CA ILE F 42 -18.74 44.96 11.45
C ILE F 42 -17.87 45.69 12.48
N PRO F 43 -18.12 46.97 12.79
CA PRO F 43 -17.33 47.62 13.86
C PRO F 43 -17.88 47.30 15.25
N VAL F 44 -16.98 46.95 16.16
CA VAL F 44 -17.35 46.53 17.51
C VAL F 44 -16.48 47.29 18.52
N LYS F 45 -17.11 47.79 19.57
CA LYS F 45 -16.39 48.43 20.65
C LYS F 45 -15.89 47.35 21.60
N MET F 46 -14.58 47.23 21.76
CA MET F 46 -13.97 46.25 22.63
C MET F 46 -13.94 46.78 24.07
N ASP F 47 -13.54 45.90 25.01
CA ASP F 47 -13.61 46.24 26.44
C ASP F 47 -12.59 47.29 26.86
N ASP F 48 -11.50 47.47 26.13
CA ASP F 48 -10.59 48.57 26.42
C ASP F 48 -10.98 49.87 25.70
N GLY F 49 -12.24 49.99 25.28
CA GLY F 49 -12.69 51.21 24.63
C GLY F 49 -12.21 51.43 23.20
N THR F 50 -11.45 50.51 22.61
CA THR F 50 -11.01 50.61 21.22
C THR F 50 -12.05 49.99 20.30
N THR F 51 -11.93 50.28 19.00
CA THR F 51 -12.80 49.72 17.98
C THR F 51 -12.02 48.72 17.14
N GLN F 52 -12.57 47.52 17.00
CA GLN F 52 -12.07 46.51 16.06
C GLN F 52 -13.14 46.27 15.02
N VAL F 53 -12.73 46.25 13.76
CA VAL F 53 -13.64 46.00 12.64
C VAL F 53 -13.39 44.57 12.16
N PHE F 54 -14.47 43.79 12.08
CA PHE F 54 -14.45 42.37 11.77
C PHE F 54 -15.06 42.10 10.41
N THR F 55 -14.51 41.12 9.70
CA THR F 55 -15.03 40.74 8.41
C THR F 55 -16.05 39.61 8.58
N GLY F 56 -17.24 39.81 7.99
CA GLY F 56 -18.27 38.80 8.09
C GLY F 56 -18.80 38.36 6.75
N TYR F 57 -19.43 37.20 6.72
CA TYR F 57 -19.91 36.57 5.50
C TYR F 57 -21.27 35.94 5.75
N ARG F 58 -22.17 36.05 4.77
CA ARG F 58 -23.34 35.18 4.72
C ARG F 58 -23.54 34.78 3.27
N ALA F 59 -23.54 33.47 3.01
CA ALA F 59 -23.69 32.92 1.66
C ALA F 59 -25.05 32.25 1.51
N GLN F 60 -25.71 32.49 0.39
CA GLN F 60 -27.01 31.89 0.09
C GLN F 60 -26.92 31.18 -1.27
N HIS F 61 -26.74 29.86 -1.23
CA HIS F 61 -26.53 29.09 -2.45
C HIS F 61 -27.74 29.15 -3.38
N SER F 62 -28.90 28.76 -2.88
CA SER F 62 -30.10 28.82 -3.70
C SER F 62 -31.32 28.79 -2.79
N ASP F 63 -32.29 29.65 -3.09
CA ASP F 63 -33.59 29.64 -2.45
C ASP F 63 -34.69 29.17 -3.39
N ALA F 64 -34.33 28.36 -4.39
CA ALA F 64 -35.33 27.82 -5.31
C ALA F 64 -36.37 26.97 -4.57
N VAL F 65 -35.94 26.20 -3.57
CA VAL F 65 -36.83 25.32 -2.82
C VAL F 65 -37.48 26.01 -1.63
N GLY F 66 -36.93 27.12 -1.18
CA GLY F 66 -37.46 27.80 -0.04
C GLY F 66 -36.36 28.65 0.56
N PRO F 67 -36.56 29.16 1.76
CA PRO F 67 -35.51 29.95 2.40
C PRO F 67 -34.26 29.13 2.63
N THR F 68 -33.11 29.80 2.69
CA THR F 68 -31.87 29.08 2.96
C THR F 68 -31.65 28.90 4.46
N LYS F 69 -30.77 27.97 4.78
CA LYS F 69 -30.62 27.50 6.15
C LYS F 69 -29.18 27.01 6.31
N GLY F 70 -28.46 27.55 7.31
CA GLY F 70 -27.12 27.10 7.66
C GLY F 70 -26.51 27.91 8.77
N GLY F 71 -25.53 27.29 9.43
CA GLY F 71 -24.97 27.85 10.64
C GLY F 71 -23.99 28.99 10.43
N VAL F 72 -23.57 29.57 11.55
CA VAL F 72 -22.57 30.62 11.57
C VAL F 72 -21.41 30.15 12.44
N ARG F 73 -20.18 30.32 11.94
CA ARG F 73 -19.00 29.95 12.69
C ARG F 73 -18.16 31.18 12.98
N PHE F 74 -17.55 31.18 14.16
CA PHE F 74 -16.55 32.15 14.58
C PHE F 74 -15.22 31.42 14.59
N HIS F 75 -14.26 31.93 13.84
CA HIS F 75 -13.01 31.20 13.68
C HIS F 75 -12.01 32.05 12.93
N PRO F 76 -10.74 32.07 13.34
CA PRO F 76 -9.76 32.89 12.63
C PRO F 76 -9.47 32.43 11.20
N MET F 77 -9.76 31.18 10.85
CA MET F 77 -9.50 30.67 9.50
C MET F 77 -10.74 30.70 8.62
N VAL F 78 -11.83 31.32 9.10
CA VAL F 78 -13.00 31.52 8.26
C VAL F 78 -12.58 32.22 6.97
N SER F 79 -13.14 31.78 5.83
CA SER F 79 -12.84 32.43 4.57
C SER F 79 -14.06 32.43 3.67
N GLU F 80 -14.04 33.34 2.68
CA GLU F 80 -15.15 33.44 1.73
C GLU F 80 -15.35 32.13 0.98
N ASP F 81 -14.25 31.50 0.55
CA ASP F 81 -14.39 30.24 -0.19
C ASP F 81 -14.94 29.13 0.68
N GLU F 82 -14.63 29.13 1.98
CA GLU F 82 -15.16 28.11 2.88
C GLU F 82 -16.66 28.33 3.17
N VAL F 83 -17.08 29.58 3.33
CA VAL F 83 -18.49 29.84 3.62
C VAL F 83 -19.36 29.49 2.40
N LYS F 84 -18.89 29.85 1.20
CA LYS F 84 -19.64 29.45 0.00
C LYS F 84 -19.74 27.94 -0.10
N ALA F 85 -18.64 27.22 0.13
CA ALA F 85 -18.65 25.77 -0.02
C ALA F 85 -19.62 25.13 0.96
N LEU F 86 -19.55 25.55 2.23
CA LEU F 86 -20.45 24.96 3.22
C LEU F 86 -21.90 25.36 2.97
N SER F 87 -22.16 26.53 2.38
CA SER F 87 -23.53 26.82 1.99
C SER F 87 -24.01 25.84 0.91
N MET F 88 -23.10 25.37 0.05
CA MET F 88 -23.45 24.37 -0.96
C MET F 88 -23.65 22.99 -0.33
N TRP F 89 -22.86 22.65 0.70
CA TRP F 89 -23.11 21.40 1.41
C TRP F 89 -24.42 21.44 2.16
N MET F 90 -24.83 22.61 2.65
CA MET F 90 -26.13 22.72 3.32
C MET F 90 -27.28 22.46 2.36
N THR F 91 -27.14 22.88 1.09
CA THR F 91 -28.13 22.50 0.08
C THR F 91 -28.28 20.99 0.03
N LEU F 92 -27.16 20.27 0.00
CA LEU F 92 -27.24 18.82 -0.16
C LEU F 92 -27.82 18.17 1.09
N LYS F 93 -27.36 18.59 2.27
CA LYS F 93 -27.94 18.07 3.51
C LYS F 93 -29.46 18.24 3.50
N CYS F 94 -29.91 19.43 3.11
CA CYS F 94 -31.34 19.70 3.11
C CYS F 94 -32.05 18.88 2.05
N GLY F 95 -31.44 18.73 0.87
CA GLY F 95 -32.05 17.91 -0.15
C GLY F 95 -32.13 16.46 0.27
N ILE F 96 -31.11 15.96 0.98
CA ILE F 96 -31.07 14.54 1.30
C ILE F 96 -32.28 14.16 2.16
N VAL F 97 -32.67 15.04 3.05
CA VAL F 97 -33.73 14.73 3.99
C VAL F 97 -35.02 15.52 3.66
N ASP F 98 -35.07 16.13 2.47
CA ASP F 98 -36.28 16.69 1.83
C ASP F 98 -36.90 17.83 2.64
N LEU F 99 -36.08 18.74 3.07
CA LEU F 99 -36.40 19.96 3.77
C LEU F 99 -36.76 21.07 2.76
N PRO F 100 -37.75 21.91 3.05
CA PRO F 100 -38.04 23.04 2.15
C PRO F 100 -37.03 24.16 2.30
N TYR F 101 -35.75 23.81 2.15
CA TYR F 101 -34.67 24.74 2.39
C TYR F 101 -33.69 24.69 1.22
N GLY F 102 -33.06 25.84 0.95
CA GLY F 102 -31.76 25.87 0.32
C GLY F 102 -30.69 25.97 1.39
N GLY F 103 -29.44 25.94 0.94
CA GLY F 103 -28.32 26.09 1.84
C GLY F 103 -27.87 27.51 1.99
N GLY F 104 -27.64 27.92 3.24
CA GLY F 104 -26.94 29.14 3.56
C GLY F 104 -25.78 28.83 4.48
N LYS F 105 -24.94 29.83 4.73
CA LYS F 105 -23.84 29.63 5.65
C LYS F 105 -23.22 30.98 5.98
N GLY F 106 -22.64 31.07 7.18
CA GLY F 106 -22.05 32.31 7.62
C GLY F 106 -20.75 32.06 8.36
N GLY F 107 -19.97 33.13 8.43
CA GLY F 107 -18.74 33.11 9.22
C GLY F 107 -18.34 34.53 9.56
N ILE F 108 -17.64 34.68 10.68
CA ILE F 108 -16.96 35.91 11.05
C ILE F 108 -15.53 35.54 11.38
N ILE F 109 -14.58 36.28 10.81
CA ILE F 109 -13.16 36.02 11.05
C ILE F 109 -12.80 36.65 12.39
N CYS F 110 -12.68 35.84 13.42
CA CYS F 110 -12.33 36.34 14.74
C CYS F 110 -11.82 35.16 15.54
N ASP F 111 -11.27 35.45 16.70
CA ASP F 111 -10.97 34.37 17.64
C ASP F 111 -11.87 34.46 18.86
N PRO F 112 -12.98 33.72 18.91
CA PRO F 112 -13.89 33.85 20.05
C PRO F 112 -13.24 33.57 21.38
N ARG F 113 -12.24 32.71 21.42
CA ARG F 113 -11.59 32.38 22.69
C ARG F 113 -10.69 33.49 23.22
N GLN F 114 -10.48 34.56 22.45
CA GLN F 114 -9.77 35.75 22.92
C GLN F 114 -10.72 36.90 23.22
N MET F 115 -12.02 36.64 23.20
CA MET F 115 -13.02 37.69 23.31
C MET F 115 -13.85 37.46 24.57
N SER F 116 -14.29 38.55 25.17
CA SER F 116 -15.09 38.45 26.38
C SER F 116 -16.55 38.13 26.01
N MET F 117 -17.31 37.70 27.02
CA MET F 117 -18.74 37.47 26.82
C MET F 117 -19.40 38.71 26.25
N GLY F 118 -19.04 39.89 26.77
CA GLY F 118 -19.60 41.12 26.25
C GLY F 118 -19.17 41.41 24.83
N GLU F 119 -17.90 41.18 24.51
CA GLU F 119 -17.46 41.41 23.14
C GLU F 119 -18.14 40.45 22.18
N LEU F 120 -18.37 39.21 22.62
CA LEU F 120 -19.02 38.24 21.75
C LEU F 120 -20.47 38.62 21.49
N GLU F 121 -21.15 39.19 22.48
CA GLU F 121 -22.51 39.63 22.24
C GLU F 121 -22.55 40.79 21.26
N ARG F 122 -21.62 41.73 21.40
CA ARG F 122 -21.69 42.92 20.56
C ARG F 122 -21.32 42.61 19.11
N LEU F 123 -20.37 41.68 18.91
CA LEU F 123 -20.09 41.20 17.56
C LEU F 123 -21.28 40.44 17.01
N SER F 124 -21.91 39.62 17.86
CA SER F 124 -23.09 38.87 17.43
C SER F 124 -24.19 39.80 16.94
N ARG F 125 -24.53 40.81 17.75
CA ARG F 125 -25.55 41.77 17.35
C ARG F 125 -25.14 42.50 16.07
N GLY F 126 -23.93 43.04 16.05
CA GLY F 126 -23.46 43.74 14.87
C GLY F 126 -23.42 42.90 13.60
N TYR F 127 -23.29 41.57 13.73
CA TYR F 127 -23.43 40.70 12.57
C TYR F 127 -24.87 40.68 12.07
N VAL F 128 -25.83 40.52 12.99
CA VAL F 128 -27.23 40.52 12.60
C VAL F 128 -27.61 41.86 11.99
N ARG F 129 -27.12 42.96 12.59
CA ARG F 129 -27.35 44.28 12.02
C ARG F 129 -26.74 44.42 10.64
N ALA F 130 -25.59 43.77 10.39
CA ALA F 130 -24.92 43.96 9.11
C ALA F 130 -25.62 43.23 7.97
N ILE F 131 -26.31 42.12 8.25
CA ILE F 131 -26.88 41.26 7.23
C ILE F 131 -28.40 41.29 7.25
N SER F 132 -29.01 42.06 8.15
CA SER F 132 -30.45 41.95 8.41
C SER F 132 -31.31 42.07 7.15
N GLN F 133 -30.82 42.76 6.12
CA GLN F 133 -31.62 42.99 4.93
C GLN F 133 -31.87 41.72 4.12
N ILE F 134 -31.06 40.68 4.27
CA ILE F 134 -31.22 39.46 3.47
C ILE F 134 -31.56 38.24 4.30
N VAL F 135 -31.73 38.37 5.61
CA VAL F 135 -32.01 37.22 6.46
C VAL F 135 -33.34 37.42 7.16
N GLY F 136 -33.85 36.32 7.70
CA GLY F 136 -35.10 36.35 8.42
C GLY F 136 -35.84 35.04 8.34
N PRO F 137 -36.92 34.95 9.12
CA PRO F 137 -37.70 33.71 9.15
C PRO F 137 -38.06 33.18 7.77
N THR F 138 -38.24 34.05 6.79
CA THR F 138 -38.77 33.66 5.50
C THR F 138 -37.71 33.68 4.40
N LYS F 139 -36.49 34.14 4.70
CA LYS F 139 -35.41 34.25 3.72
C LYS F 139 -34.23 33.34 4.05
N ASP F 140 -33.56 33.59 5.18
CA ASP F 140 -32.29 32.93 5.46
C ASP F 140 -32.23 32.72 6.96
N ILE F 141 -32.13 31.47 7.38
CA ILE F 141 -32.35 31.07 8.76
C ILE F 141 -31.04 30.51 9.30
N PRO F 142 -30.27 31.32 10.08
CA PRO F 142 -28.99 30.84 10.62
C PRO F 142 -29.13 29.83 11.74
N GLY F 143 -28.02 29.53 12.40
CA GLY F 143 -27.93 28.51 13.43
C GLY F 143 -26.52 28.37 13.95
N PRO F 144 -26.33 27.58 15.01
CA PRO F 144 -24.98 27.40 15.57
C PRO F 144 -24.11 26.50 14.72
N ASP F 145 -22.80 26.76 14.79
CA ASP F 145 -21.78 25.92 14.16
C ASP F 145 -20.51 26.02 14.99
N MET F 146 -19.35 26.15 14.34
CA MET F 146 -18.08 26.19 15.05
C MET F 146 -18.02 27.42 15.93
N PHE F 147 -17.83 27.20 17.24
CA PHE F 147 -17.59 28.24 18.23
C PHE F 147 -18.78 29.17 18.41
N THR F 148 -19.96 28.79 17.94
CA THR F 148 -21.20 29.46 18.34
C THR F 148 -22.13 28.44 18.94
N ASN F 149 -23.11 28.94 19.71
CA ASN F 149 -23.92 28.12 20.60
C ASN F 149 -25.24 28.84 20.87
N ALA F 150 -26.03 28.31 21.82
CA ALA F 150 -27.38 28.84 22.04
C ALA F 150 -27.36 30.24 22.65
N GLN F 151 -26.36 30.57 23.47
CA GLN F 151 -26.23 31.95 23.93
C GLN F 151 -26.11 32.92 22.75
N ILE F 152 -25.20 32.63 21.82
CA ILE F 152 -25.02 33.51 20.68
C ILE F 152 -26.28 33.53 19.80
N MET F 153 -26.90 32.36 19.60
CA MET F 153 -28.18 32.30 18.91
C MET F 153 -29.23 33.17 19.60
N ALA F 154 -29.17 33.23 20.95
CA ALA F 154 -30.11 34.07 21.71
C ALA F 154 -29.89 35.55 21.45
N TRP F 155 -28.63 36.00 21.44
CA TRP F 155 -28.33 37.40 21.14
C TRP F 155 -28.77 37.75 19.73
N MET F 156 -28.46 36.88 18.77
CA MET F 156 -28.80 37.18 17.38
C MET F 156 -30.31 37.22 17.21
N MET F 157 -31.02 36.31 17.86
CA MET F 157 -32.48 36.38 17.88
C MET F 157 -32.96 37.69 18.48
N ASP F 158 -32.41 38.07 19.65
CA ASP F 158 -32.85 39.31 20.27
C ASP F 158 -32.59 40.49 19.36
N GLU F 159 -31.40 40.56 18.75
CA GLU F 159 -31.10 41.69 17.91
C GLU F 159 -32.07 41.79 16.75
N TYR F 160 -32.38 40.66 16.10
CA TYR F 160 -33.31 40.68 14.99
C TYR F 160 -34.70 41.13 15.44
N SER F 161 -35.18 40.60 16.57
CA SER F 161 -36.52 40.95 17.03
C SER F 161 -36.62 42.42 17.40
N ARG F 162 -35.56 42.99 17.98
CA ARG F 162 -35.58 44.44 18.24
C ARG F 162 -35.76 45.22 16.95
N MET F 163 -34.94 44.91 15.93
CA MET F 163 -34.99 45.65 14.67
C MET F 163 -36.35 45.48 13.98
N ASP F 164 -36.95 44.31 14.11
CA ASP F 164 -38.28 43.98 13.62
C ASP F 164 -39.39 44.52 14.51
N GLU F 165 -39.06 45.00 15.71
CA GLU F 165 -39.97 45.37 16.81
C GLU F 165 -41.11 44.38 17.05
N PHE F 166 -40.83 43.07 16.89
CA PHE F 166 -41.63 41.97 17.45
C PHE F 166 -40.75 40.71 17.48
N ASN F 167 -41.16 39.76 18.29
CA ASN F 167 -40.44 38.48 18.43
C ASN F 167 -40.48 37.69 17.14
N SER F 168 -39.30 37.38 16.58
CA SER F 168 -39.17 36.53 15.40
C SER F 168 -38.30 35.33 15.78
N PRO F 169 -38.84 34.37 16.52
CA PRO F 169 -38.03 33.20 16.91
C PRO F 169 -37.58 32.36 15.72
N GLY F 170 -38.38 32.29 14.66
CA GLY F 170 -38.03 31.53 13.46
C GLY F 170 -36.90 32.10 12.65
N PHE F 171 -36.35 33.25 13.07
CA PHE F 171 -35.16 33.79 12.41
C PHE F 171 -34.01 32.78 12.43
N ILE F 172 -33.85 32.04 13.53
CA ILE F 172 -32.58 31.38 13.81
C ILE F 172 -32.84 30.16 14.71
N THR F 173 -32.18 29.04 14.42
CA THR F 173 -32.37 27.83 15.20
C THR F 173 -31.26 27.63 16.22
N GLY F 174 -31.34 26.54 16.97
CA GLY F 174 -30.40 26.31 18.06
C GLY F 174 -30.61 27.23 19.23
N LYS F 175 -31.81 27.77 19.40
CA LYS F 175 -32.13 28.67 20.50
C LYS F 175 -32.30 27.91 21.80
N PRO F 176 -32.13 28.58 22.95
CA PRO F 176 -32.61 28.02 24.22
C PRO F 176 -34.09 27.66 24.12
N LEU F 177 -34.51 26.72 24.97
CA LEU F 177 -35.91 26.28 24.94
C LEU F 177 -36.87 27.42 25.24
N VAL F 178 -36.56 28.27 26.22
CA VAL F 178 -37.46 29.36 26.60
C VAL F 178 -37.59 30.42 25.52
N LEU F 179 -36.76 30.34 24.48
CA LEU F 179 -36.82 31.27 23.36
C LEU F 179 -37.37 30.61 22.11
N GLY F 180 -37.94 29.42 22.23
CA GLY F 180 -38.51 28.73 21.09
C GLY F 180 -37.63 27.71 20.43
N GLY F 181 -36.54 27.31 21.09
CA GLY F 181 -35.77 26.16 20.66
C GLY F 181 -36.60 24.90 20.76
N SER F 182 -36.06 23.81 20.20
CA SER F 182 -36.82 22.58 20.11
C SER F 182 -36.33 21.55 21.11
N LYS F 183 -37.26 20.78 21.65
CA LYS F 183 -36.90 19.56 22.36
C LYS F 183 -36.46 18.49 21.37
N GLY F 184 -35.81 17.45 21.91
CA GLY F 184 -35.32 16.36 21.09
C GLY F 184 -34.06 16.66 20.31
N ARG F 185 -33.30 17.68 20.71
CA ARG F 185 -32.18 18.18 19.92
C ARG F 185 -30.85 17.54 20.29
N ASP F 186 -30.70 17.08 21.54
CA ASP F 186 -29.42 16.57 22.02
C ASP F 186 -29.10 15.19 21.45
N ARG F 187 -30.13 14.40 21.13
CA ARG F 187 -29.92 13.06 20.61
C ARG F 187 -30.48 12.88 19.21
N ALA F 188 -30.70 13.98 18.48
CA ALA F 188 -31.32 13.88 17.15
C ALA F 188 -30.39 13.20 16.16
N THR F 189 -29.10 13.45 16.25
CA THR F 189 -28.21 12.89 15.26
C THR F 189 -27.91 11.42 15.53
N ALA F 190 -27.79 11.02 16.78
CA ALA F 190 -27.57 9.62 17.08
C ALA F 190 -28.83 8.80 16.83
N GLU F 191 -30.00 9.36 17.14
CA GLU F 191 -31.26 8.71 16.77
C GLU F 191 -31.38 8.58 15.25
N GLY F 192 -30.93 9.61 14.51
CA GLY F 192 -30.90 9.48 13.08
C GLY F 192 -30.06 8.31 12.62
N VAL F 193 -28.82 8.22 13.12
CA VAL F 193 -27.93 7.13 12.72
C VAL F 193 -28.60 5.79 13.00
N THR F 194 -29.32 5.69 14.12
CA THR F 194 -29.98 4.44 14.46
C THR F 194 -31.01 4.00 13.41
N ILE F 195 -31.83 4.93 12.93
CA ILE F 195 -32.82 4.62 11.90
C ILE F 195 -32.13 4.11 10.63
N VAL F 196 -31.05 4.77 10.24
CA VAL F 196 -30.30 4.41 9.04
C VAL F 196 -29.61 3.05 9.19
N ILE F 197 -29.25 2.66 10.41
CA ILE F 197 -28.74 1.31 10.66
C ILE F 197 -29.84 0.28 10.48
N GLN F 198 -31.01 0.53 11.09
CA GLN F 198 -32.12 -0.42 11.00
C GLN F 198 -32.57 -0.63 9.56
N GLU F 199 -32.84 0.46 8.85
CA GLU F 199 -33.34 0.37 7.48
C GLU F 199 -32.33 -0.28 6.54
N ALA F 200 -31.03 -0.05 6.76
CA ALA F 200 -30.03 -0.77 5.98
C ALA F 200 -30.15 -2.28 6.19
N ALA F 201 -30.55 -2.71 7.40
CA ALA F 201 -30.63 -4.14 7.66
C ALA F 201 -31.83 -4.78 6.97
N LYS F 202 -32.93 -4.05 6.80
CA LYS F 202 -34.06 -4.60 6.06
C LYS F 202 -33.72 -4.80 4.59
N LYS F 203 -32.96 -3.88 3.99
CA LYS F 203 -32.56 -4.01 2.59
C LYS F 203 -31.50 -5.10 2.37
N ARG F 204 -31.00 -5.72 3.42
CA ARG F 204 -30.18 -6.92 3.28
C ARG F 204 -30.75 -8.06 4.11
N ASN F 205 -32.06 -8.04 4.38
CA ASN F 205 -32.75 -9.14 5.05
C ASN F 205 -32.00 -9.62 6.29
N ILE F 206 -31.38 -8.68 7.00
CA ILE F 206 -30.70 -8.95 8.26
C ILE F 206 -31.66 -8.58 9.39
N ASP F 207 -32.04 -9.57 10.19
CA ASP F 207 -32.89 -9.34 11.34
C ASP F 207 -32.14 -8.49 12.35
N ILE F 208 -32.71 -7.33 12.72
CA ILE F 208 -32.03 -6.40 13.60
C ILE F 208 -31.68 -7.04 14.93
N LYS F 209 -32.44 -8.03 15.36
CA LYS F 209 -32.11 -8.80 16.55
C LYS F 209 -31.35 -10.06 16.16
N GLY F 210 -30.28 -10.34 16.90
CA GLY F 210 -29.33 -11.36 16.51
C GLY F 210 -28.23 -10.88 15.58
N ALA F 211 -28.37 -9.67 15.01
CA ALA F 211 -27.38 -9.14 14.09
C ALA F 211 -26.08 -8.82 14.81
N ARG F 212 -24.96 -9.28 14.25
CA ARG F 212 -23.64 -9.01 14.81
C ARG F 212 -23.21 -7.58 14.44
N VAL F 213 -23.12 -6.72 15.45
CA VAL F 213 -22.84 -5.30 15.25
C VAL F 213 -21.49 -4.97 15.88
N VAL F 214 -20.62 -4.33 15.09
CA VAL F 214 -19.30 -3.87 15.52
C VAL F 214 -19.30 -2.35 15.51
N ILE F 215 -18.73 -1.73 16.55
CA ILE F 215 -18.79 -0.28 16.70
C ILE F 215 -17.41 0.20 17.13
N GLN F 216 -16.83 1.10 16.34
CA GLN F 216 -15.53 1.69 16.67
C GLN F 216 -15.74 2.98 17.45
N GLY F 217 -15.09 3.09 18.60
CA GLY F 217 -15.26 4.26 19.44
C GLY F 217 -16.30 4.10 20.53
N PHE F 218 -16.09 4.69 21.71
CA PHE F 218 -17.03 4.41 22.81
C PHE F 218 -17.29 5.67 23.62
N GLY F 219 -17.47 6.78 22.93
CA GLY F 219 -17.78 8.04 23.54
C GLY F 219 -19.25 8.33 23.45
N ASN F 220 -19.60 9.61 23.37
CA ASN F 220 -21.00 9.99 23.33
C ASN F 220 -21.75 9.25 22.22
N ALA F 221 -21.23 9.24 21.00
CA ALA F 221 -21.93 8.55 19.93
C ALA F 221 -21.82 7.03 20.06
N GLY F 222 -20.60 6.53 20.28
CA GLY F 222 -20.39 5.09 20.26
C GLY F 222 -21.10 4.38 21.40
N SER F 223 -20.98 4.92 22.61
CA SER F 223 -21.68 4.33 23.75
C SER F 223 -23.19 4.40 23.56
N PHE F 224 -23.70 5.51 23.00
CA PHE F 224 -25.13 5.62 22.71
C PHE F 224 -25.55 4.66 21.61
N LEU F 225 -24.77 4.58 20.52
CA LEU F 225 -25.10 3.64 19.45
C LEU F 225 -25.13 2.21 19.96
N ALA F 226 -24.15 1.83 20.80
CA ALA F 226 -24.08 0.47 21.33
C ALA F 226 -25.26 0.18 22.25
N LYS F 227 -25.62 1.14 23.10
CA LYS F 227 -26.78 0.98 23.97
C LYS F 227 -28.05 0.81 23.15
N PHE F 228 -28.22 1.61 22.09
CA PHE F 228 -29.41 1.51 21.27
C PHE F 228 -29.47 0.16 20.55
N MET F 229 -28.37 -0.24 19.91
CA MET F 229 -28.38 -1.49 19.16
C MET F 229 -28.57 -2.68 20.09
N SER F 230 -27.97 -2.63 21.27
CA SER F 230 -28.16 -3.72 22.22
C SER F 230 -29.61 -3.79 22.69
N ASP F 231 -30.21 -2.63 22.96
CA ASP F 231 -31.60 -2.57 23.41
C ASP F 231 -32.57 -3.16 22.39
N LEU F 232 -32.24 -3.08 21.10
CA LEU F 232 -33.05 -3.67 20.03
C LEU F 232 -32.72 -5.12 19.76
N GLY F 233 -31.94 -5.77 20.62
CA GLY F 233 -31.65 -7.17 20.47
C GLY F 233 -30.45 -7.51 19.62
N ALA F 234 -29.60 -6.54 19.29
CA ALA F 234 -28.41 -6.83 18.49
C ALA F 234 -27.30 -7.42 19.36
N LYS F 235 -26.48 -8.26 18.75
CA LYS F 235 -25.25 -8.74 19.38
C LYS F 235 -24.14 -7.75 19.03
N VAL F 236 -23.85 -6.82 19.96
CA VAL F 236 -22.73 -5.92 19.75
C VAL F 236 -21.46 -6.69 20.09
N ILE F 237 -20.84 -7.29 19.08
CA ILE F 237 -19.72 -8.21 19.30
C ILE F 237 -18.39 -7.48 19.39
N GLY F 238 -18.31 -6.24 18.91
CA GLY F 238 -17.09 -5.50 19.08
C GLY F 238 -17.33 -4.06 19.43
N ILE F 239 -16.67 -3.55 20.45
CA ILE F 239 -16.56 -2.11 20.65
C ILE F 239 -15.09 -1.79 20.83
N SER F 240 -14.74 -0.52 20.65
CA SER F 240 -13.34 -0.11 20.74
C SER F 240 -13.27 1.30 21.28
N ASP F 241 -12.07 1.69 21.69
CA ASP F 241 -11.82 3.05 22.18
C ASP F 241 -10.42 3.44 21.72
N ALA F 242 -9.85 4.45 22.37
CA ALA F 242 -8.56 4.94 21.93
C ALA F 242 -7.44 3.93 22.18
N TYR F 243 -7.59 3.06 23.17
CA TYR F 243 -6.52 2.14 23.56
C TYR F 243 -6.64 0.76 22.95
N GLY F 244 -7.80 0.36 22.45
CA GLY F 244 -7.94 -1.01 21.97
C GLY F 244 -9.39 -1.37 21.75
N ALA F 245 -9.67 -2.67 21.83
CA ALA F 245 -10.98 -3.15 21.41
C ALA F 245 -11.31 -4.47 22.07
N LEU F 246 -12.59 -4.70 22.28
CA LEU F 246 -13.06 -5.96 22.82
C LEU F 246 -13.78 -6.74 21.73
N HIS F 247 -13.90 -8.05 21.95
CA HIS F 247 -14.57 -8.92 20.99
C HIS F 247 -15.19 -10.08 21.75
N ASP F 248 -16.49 -10.26 21.58
CA ASP F 248 -17.24 -11.37 22.14
C ASP F 248 -18.27 -11.84 21.10
N PRO F 249 -18.06 -13.02 20.52
CA PRO F 249 -18.95 -13.47 19.43
C PRO F 249 -20.39 -13.66 19.85
N ASN F 250 -20.68 -13.68 21.16
CA ASN F 250 -22.05 -13.77 21.66
C ASN F 250 -22.65 -12.42 21.98
N GLY F 251 -21.86 -11.35 21.95
CA GLY F 251 -22.35 -10.03 22.29
C GLY F 251 -21.77 -9.53 23.60
N LEU F 252 -21.10 -8.39 23.55
CA LEU F 252 -20.60 -7.78 24.77
C LEU F 252 -21.78 -7.34 25.64
N ASP F 253 -21.59 -7.35 26.95
CA ASP F 253 -22.60 -6.78 27.84
C ASP F 253 -22.47 -5.27 27.76
N ILE F 254 -23.28 -4.64 26.91
CA ILE F 254 -23.13 -3.21 26.68
C ILE F 254 -23.51 -2.43 27.93
N ASP F 255 -24.56 -2.88 28.64
CA ASP F 255 -24.97 -2.23 29.88
C ASP F 255 -23.85 -2.25 30.91
N TYR F 256 -23.15 -3.38 31.00
CA TYR F 256 -22.03 -3.49 31.93
C TYR F 256 -20.88 -2.58 31.51
N LEU F 257 -20.62 -2.47 30.20
CA LEU F 257 -19.51 -1.64 29.76
C LEU F 257 -19.82 -0.16 29.95
N LEU F 258 -21.09 0.24 29.76
CA LEU F 258 -21.48 1.63 29.98
C LEU F 258 -21.13 2.09 31.39
N ASP F 259 -21.29 1.20 32.38
CA ASP F 259 -20.95 1.53 33.75
C ASP F 259 -19.46 1.55 34.02
N ARG F 260 -18.63 1.07 33.10
CA ARG F 260 -17.20 0.97 33.34
C ARG F 260 -16.38 2.00 32.59
N ARG F 261 -16.95 2.72 31.63
CA ARG F 261 -16.20 3.77 30.97
C ARG F 261 -15.96 4.92 31.95
N ASP F 262 -14.93 5.71 31.66
CA ASP F 262 -14.62 6.88 32.46
C ASP F 262 -15.21 8.11 31.77
N SER F 263 -14.67 9.30 32.10
CA SER F 263 -15.27 10.53 31.57
C SER F 263 -15.19 10.56 30.06
N PHE F 264 -14.02 10.24 29.51
CA PHE F 264 -13.88 10.02 28.09
C PHE F 264 -14.36 8.61 27.75
N GLY F 265 -14.49 8.31 26.47
CA GLY F 265 -14.96 6.98 26.17
C GLY F 265 -13.86 5.91 26.28
N THR F 266 -13.64 5.31 27.46
CA THR F 266 -12.50 4.40 27.63
C THR F 266 -12.86 3.27 28.59
N VAL F 267 -12.77 2.04 28.11
CA VAL F 267 -13.27 0.89 28.86
C VAL F 267 -12.39 -0.34 28.59
N THR F 268 -11.63 -0.33 27.50
CA THR F 268 -10.85 -1.52 27.15
C THR F 268 -9.64 -1.67 28.05
N THR F 269 -9.06 -0.56 28.49
CA THR F 269 -7.99 -0.50 29.49
C THR F 269 -8.20 -1.46 30.65
N LEU F 270 -9.45 -1.69 31.05
CA LEU F 270 -9.76 -2.51 32.22
C LEU F 270 -9.67 -4.00 31.98
N PHE F 271 -9.34 -4.48 30.77
CA PHE F 271 -9.55 -5.87 30.41
C PHE F 271 -8.29 -6.58 29.94
N GLU F 272 -8.31 -7.90 30.10
CA GLU F 272 -7.19 -8.80 29.90
C GLU F 272 -7.03 -9.24 28.45
N ASN F 273 -8.09 -9.75 27.84
CA ASN F 273 -8.05 -10.21 26.47
C ASN F 273 -8.71 -9.15 25.60
N THR F 274 -7.90 -8.43 24.83
CA THR F 274 -8.40 -7.42 23.92
C THR F 274 -7.91 -7.73 22.50
N ILE F 275 -8.29 -6.88 21.55
CA ILE F 275 -7.80 -6.91 20.18
C ILE F 275 -7.53 -5.47 19.75
N THR F 276 -6.76 -5.32 18.68
CA THR F 276 -6.38 -3.99 18.25
C THR F 276 -7.51 -3.32 17.47
N ASN F 277 -7.39 -2.00 17.27
CA ASN F 277 -8.37 -1.29 16.46
C ASN F 277 -8.36 -1.78 15.02
N GLN F 278 -7.23 -2.32 14.53
CA GLN F 278 -7.21 -2.88 13.19
C GLN F 278 -8.08 -4.13 13.11
N GLU F 279 -7.93 -5.04 14.08
CA GLU F 279 -8.68 -6.29 14.05
C GLU F 279 -10.17 -6.03 14.21
N LEU F 280 -10.53 -4.99 14.96
CA LEU F 280 -11.94 -4.64 15.15
C LEU F 280 -12.58 -4.30 13.81
N LEU F 281 -11.97 -3.38 13.05
CA LEU F 281 -12.51 -2.99 11.75
C LEU F 281 -12.67 -4.16 10.78
N GLU F 282 -11.85 -5.19 10.93
CA GLU F 282 -11.84 -6.33 10.04
C GLU F 282 -12.64 -7.50 10.58
N LEU F 283 -13.35 -7.34 11.68
CA LEU F 283 -14.17 -8.43 12.20
C LEU F 283 -15.27 -8.81 11.21
N ASP F 284 -15.58 -10.10 11.18
CA ASP F 284 -16.73 -10.58 10.43
C ASP F 284 -17.99 -10.24 11.21
N CYS F 285 -18.90 -9.50 10.57
CA CYS F 285 -20.11 -9.03 11.24
C CYS F 285 -21.15 -8.70 10.19
N ASP F 286 -22.30 -8.21 10.63
CA ASP F 286 -23.34 -7.75 9.74
C ASP F 286 -23.35 -6.25 9.55
N ILE F 287 -23.05 -5.47 10.60
CA ILE F 287 -23.02 -4.02 10.51
C ILE F 287 -21.79 -3.51 11.21
N LEU F 288 -20.98 -2.73 10.50
CA LEU F 288 -19.82 -2.06 11.08
C LEU F 288 -20.03 -0.55 11.05
N VAL F 289 -19.94 0.09 12.20
CA VAL F 289 -20.15 1.51 12.35
C VAL F 289 -18.84 2.13 12.82
N PRO F 290 -18.07 2.77 11.93
CA PRO F 290 -16.76 3.33 12.32
C PRO F 290 -16.83 4.62 13.15
N ALA F 291 -15.64 5.11 13.55
CA ALA F 291 -15.48 6.09 14.61
C ALA F 291 -14.98 7.43 14.09
N ALA F 292 -14.90 8.36 15.04
CA ALA F 292 -14.87 9.81 14.83
C ALA F 292 -13.81 10.36 13.88
N ILE F 293 -13.10 9.50 13.17
CA ILE F 293 -11.84 9.92 12.56
C ILE F 293 -11.92 9.81 11.05
N GLU F 294 -11.15 10.66 10.39
CA GLU F 294 -10.85 10.43 8.98
C GLU F 294 -10.04 9.15 8.82
N ASN F 295 -10.17 8.54 7.64
CA ASN F 295 -9.27 7.49 7.19
C ASN F 295 -9.17 6.33 8.17
N GLN F 296 -10.32 5.81 8.59
CA GLN F 296 -10.30 4.53 9.28
C GLN F 296 -10.33 3.37 8.28
N ILE F 297 -11.05 3.50 7.19
CA ILE F 297 -11.06 2.53 6.11
C ILE F 297 -10.44 3.21 4.89
N THR F 298 -9.30 2.72 4.48
CA THR F 298 -8.55 3.25 3.35
C THR F 298 -8.35 2.14 2.31
N ALA F 299 -7.57 2.43 1.28
CA ALA F 299 -7.23 1.40 0.30
C ALA F 299 -6.46 0.24 0.94
N GLU F 300 -5.88 0.44 2.13
CA GLU F 300 -5.04 -0.59 2.75
C GLU F 300 -5.85 -1.66 3.50
N ASN F 301 -7.01 -1.32 4.06
CA ASN F 301 -7.81 -2.31 4.75
C ASN F 301 -9.16 -2.57 4.10
N ALA F 302 -9.50 -1.85 3.03
CA ALA F 302 -10.83 -1.98 2.44
C ALA F 302 -11.10 -3.39 1.92
N HIS F 303 -10.08 -4.08 1.40
CA HIS F 303 -10.25 -5.47 1.02
C HIS F 303 -10.37 -6.38 2.25
N ASN F 304 -10.01 -5.88 3.42
CA ASN F 304 -9.98 -6.69 4.63
C ASN F 304 -11.24 -6.58 5.49
N ILE F 305 -12.05 -5.52 5.32
CA ILE F 305 -13.24 -5.43 6.18
C ILE F 305 -14.29 -6.42 5.67
N LYS F 306 -15.00 -7.04 6.62
CA LYS F 306 -15.86 -8.19 6.36
C LYS F 306 -17.31 -7.92 6.73
N ALA F 307 -17.71 -6.67 6.81
CA ALA F 307 -19.08 -6.31 7.18
C ALA F 307 -19.98 -6.30 5.95
N THR F 308 -21.21 -6.81 6.12
CA THR F 308 -22.24 -6.69 5.07
C THR F 308 -22.60 -5.23 4.83
N ILE F 309 -22.61 -4.44 5.90
CA ILE F 309 -23.14 -3.08 5.90
C ILE F 309 -22.18 -2.19 6.67
N VAL F 310 -21.73 -1.12 6.04
CA VAL F 310 -20.93 -0.09 6.69
C VAL F 310 -21.76 1.18 6.72
N VAL F 311 -21.84 1.78 7.91
CA VAL F 311 -22.68 2.94 8.17
C VAL F 311 -21.77 3.98 8.81
N GLU F 312 -21.50 5.05 8.08
CA GLU F 312 -20.66 6.13 8.61
C GLU F 312 -21.47 6.97 9.60
N ALA F 313 -21.33 6.72 10.89
CA ALA F 313 -21.76 7.72 11.86
C ALA F 313 -20.77 8.88 11.90
N ALA F 314 -19.49 8.55 11.85
CA ALA F 314 -18.42 9.54 11.90
C ALA F 314 -18.41 10.39 10.63
N ASN F 315 -17.49 11.34 10.59
CA ASN F 315 -17.46 12.36 9.54
C ASN F 315 -16.36 12.03 8.53
N GLY F 316 -16.73 11.26 7.51
CA GLY F 316 -15.82 10.90 6.45
C GLY F 316 -14.75 9.91 6.87
N PRO F 317 -15.16 8.78 7.46
CA PRO F 317 -14.18 7.78 7.90
C PRO F 317 -13.70 6.87 6.78
N THR F 318 -14.28 6.97 5.59
CA THR F 318 -13.95 6.12 4.44
C THR F 318 -13.41 6.99 3.33
N THR F 319 -12.20 6.66 2.85
CA THR F 319 -11.62 7.34 1.70
C THR F 319 -12.36 6.95 0.42
N SER F 320 -12.19 7.77 -0.62
CA SER F 320 -12.97 7.52 -1.84
C SER F 320 -12.46 6.30 -2.58
N GLU F 321 -11.14 6.09 -2.57
CA GLU F 321 -10.59 4.81 -3.01
C GLU F 321 -11.23 3.64 -2.25
N ALA F 322 -11.36 3.77 -0.92
CA ALA F 322 -11.94 2.70 -0.12
C ALA F 322 -13.44 2.53 -0.39
N THR F 323 -14.14 3.61 -0.75
CA THR F 323 -15.56 3.49 -1.07
C THR F 323 -15.76 2.72 -2.37
N LYS F 324 -14.89 2.93 -3.35
CA LYS F 324 -14.96 2.14 -4.58
C LYS F 324 -14.78 0.67 -4.27
N ILE F 325 -13.79 0.33 -3.44
CA ILE F 325 -13.50 -1.07 -3.11
C ILE F 325 -14.69 -1.72 -2.42
N LEU F 326 -15.25 -1.03 -1.41
CA LEU F 326 -16.40 -1.57 -0.67
C LEU F 326 -17.60 -1.79 -1.56
N THR F 327 -17.79 -0.95 -2.58
CA THR F 327 -18.89 -1.17 -3.51
C THR F 327 -18.59 -2.34 -4.43
N GLU F 328 -17.40 -2.36 -5.03
CA GLU F 328 -17.04 -3.43 -5.95
C GLU F 328 -17.01 -4.79 -5.25
N ARG F 329 -16.95 -4.81 -3.91
CA ARG F 329 -17.04 -6.05 -3.16
C ARG F 329 -18.46 -6.33 -2.65
N GLY F 330 -19.44 -5.51 -3.02
CA GLY F 330 -20.82 -5.76 -2.60
C GLY F 330 -21.22 -5.25 -1.24
N ILE F 331 -20.42 -4.40 -0.60
CA ILE F 331 -20.70 -3.95 0.75
C ILE F 331 -21.50 -2.66 0.71
N LEU F 332 -22.55 -2.57 1.53
CA LEU F 332 -23.40 -1.38 1.52
C LEU F 332 -22.79 -0.32 2.42
N LEU F 333 -22.30 0.75 1.81
CA LEU F 333 -21.70 1.88 2.51
C LEU F 333 -22.74 3.00 2.60
N VAL F 334 -23.31 3.18 3.80
CA VAL F 334 -24.26 4.25 4.04
C VAL F 334 -23.48 5.49 4.47
N PRO F 335 -23.45 6.56 3.66
CA PRO F 335 -22.55 7.67 3.92
C PRO F 335 -23.02 8.51 5.09
N ASP F 336 -22.08 9.29 5.63
CA ASP F 336 -22.35 10.15 6.79
C ASP F 336 -23.30 11.28 6.45
N VAL F 337 -23.18 11.84 5.25
CA VAL F 337 -24.06 12.92 4.87
C VAL F 337 -25.51 12.48 4.89
N LEU F 338 -25.77 11.17 4.80
CA LEU F 338 -27.10 10.63 5.05
C LEU F 338 -27.31 10.23 6.52
N ALA F 339 -26.35 9.52 7.10
CA ALA F 339 -26.57 8.94 8.42
C ALA F 339 -26.72 10.00 9.51
N SER F 340 -26.00 11.12 9.37
CA SER F 340 -26.00 12.20 10.34
C SER F 340 -27.05 13.27 10.08
N ALA F 341 -28.02 13.00 9.19
CA ALA F 341 -28.97 14.05 8.82
C ALA F 341 -29.93 14.43 9.93
N GLY F 342 -30.10 13.58 10.95
CA GLY F 342 -31.07 13.87 12.00
C GLY F 342 -30.92 15.25 12.60
N GLY F 343 -29.67 15.73 12.75
CA GLY F 343 -29.45 17.02 13.39
C GLY F 343 -29.98 18.19 12.57
N ALA F 344 -29.76 18.17 11.25
CA ALA F 344 -30.35 19.21 10.42
C ALA F 344 -31.88 19.14 10.47
N THR F 345 -32.43 17.94 10.61
CA THR F 345 -33.88 17.77 10.63
C THR F 345 -34.51 18.39 11.87
N VAL F 346 -33.83 18.30 13.02
CA VAL F 346 -34.43 18.91 14.20
C VAL F 346 -34.34 20.43 14.10
N SER F 347 -33.28 20.96 13.46
CA SER F 347 -33.21 22.40 13.20
C SER F 347 -34.44 22.85 12.45
N TYR F 348 -34.79 22.12 11.40
CA TYR F 348 -35.99 22.41 10.63
C TYR F 348 -37.25 22.29 11.51
N PHE F 349 -37.33 21.28 12.37
CA PHE F 349 -38.48 21.16 13.27
C PHE F 349 -38.59 22.36 14.21
N GLU F 350 -37.47 22.86 14.71
CA GLU F 350 -37.54 24.07 15.52
C GLU F 350 -38.18 25.23 14.74
N TRP F 351 -37.84 25.34 13.44
CA TRP F 351 -38.39 26.41 12.61
C TRP F 351 -39.88 26.21 12.35
N VAL F 352 -40.32 24.97 12.12
CA VAL F 352 -41.75 24.69 11.93
C VAL F 352 -42.54 25.08 13.18
N GLN F 353 -42.02 24.76 14.35
CA GLN F 353 -42.69 25.11 15.58
C GLN F 353 -42.75 26.62 15.79
N ASN F 354 -41.70 27.34 15.38
CA ASN F 354 -41.76 28.78 15.50
C ASN F 354 -42.80 29.35 14.55
N ASN F 355 -42.99 28.75 13.38
CA ASN F 355 -44.01 29.23 12.47
C ASN F 355 -45.40 29.09 13.05
N MET F 356 -45.64 28.05 13.83
CA MET F 356 -46.95 27.86 14.43
C MET F 356 -47.06 28.47 15.81
N GLY F 357 -45.94 28.82 16.44
CA GLY F 357 -45.94 29.18 17.84
C GLY F 357 -46.42 28.03 18.70
N TYR F 358 -46.19 26.80 18.26
CA TYR F 358 -46.66 25.58 18.92
C TYR F 358 -45.52 24.58 18.98
N TYR F 359 -45.28 24.04 20.17
CA TYR F 359 -44.04 23.31 20.44
C TYR F 359 -44.33 21.86 20.76
N TRP F 360 -43.60 20.96 20.14
CA TRP F 360 -43.83 19.54 20.31
C TRP F 360 -43.07 18.98 21.51
N GLU F 361 -43.64 17.92 22.09
CA GLU F 361 -42.98 17.09 23.10
C GLU F 361 -41.92 16.18 22.48
N GLU F 362 -41.03 15.66 23.33
CA GLU F 362 -39.91 14.86 22.84
C GLU F 362 -40.36 13.68 21.98
N GLU F 363 -41.39 12.96 22.43
CA GLU F 363 -41.89 11.83 21.64
C GLU F 363 -42.24 12.26 20.23
N GLU F 364 -42.92 13.41 20.08
CA GLU F 364 -43.31 13.91 18.77
C GLU F 364 -42.10 14.28 17.92
N VAL F 365 -41.08 14.91 18.51
CA VAL F 365 -39.85 15.15 17.76
C VAL F 365 -39.25 13.83 17.31
N GLN F 366 -39.45 12.76 18.09
CA GLN F 366 -38.95 11.44 17.70
C GLN F 366 -39.75 10.84 16.55
N GLU F 367 -41.08 10.80 16.69
CA GLU F 367 -41.91 10.23 15.63
C GLU F 367 -41.63 10.91 14.30
N LYS F 368 -41.55 12.24 14.30
CA LYS F 368 -41.36 12.96 13.04
C LYS F 368 -39.94 12.84 12.52
N LEU F 369 -38.97 12.76 13.44
CA LEU F 369 -37.60 12.46 13.03
C LEU F 369 -37.53 11.14 12.27
N TYR F 370 -38.10 10.08 12.85
CA TYR F 370 -38.06 8.76 12.22
C TYR F 370 -38.63 8.79 10.82
N LYS F 371 -39.83 9.37 10.64
CA LYS F 371 -40.41 9.45 9.31
C LYS F 371 -39.45 10.08 8.32
N LYS F 372 -38.86 11.22 8.67
CA LYS F 372 -37.93 11.91 7.78
C LYS F 372 -36.71 11.04 7.46
N MET F 373 -36.12 10.39 8.47
CA MET F 373 -34.96 9.55 8.21
C MET F 373 -35.33 8.31 7.39
N TYR F 374 -36.46 7.68 7.73
CA TYR F 374 -36.97 6.55 6.96
C TYR F 374 -37.12 6.91 5.49
N ASP F 375 -37.77 8.04 5.20
CA ASP F 375 -37.94 8.44 3.81
C ASP F 375 -36.59 8.73 3.17
N SER F 376 -35.70 9.44 3.88
CA SER F 376 -34.37 9.77 3.35
C SER F 376 -33.64 8.52 2.86
N PHE F 377 -33.48 7.55 3.75
CA PHE F 377 -32.79 6.33 3.39
C PHE F 377 -33.42 5.72 2.16
N GLU F 378 -34.75 5.64 2.14
CA GLU F 378 -35.45 5.07 0.99
C GLU F 378 -35.05 5.77 -0.30
N ALA F 379 -35.07 7.11 -0.30
CA ALA F 379 -34.70 7.85 -1.50
C ALA F 379 -33.25 7.59 -1.91
N VAL F 380 -32.33 7.59 -0.95
CA VAL F 380 -30.91 7.42 -1.29
C VAL F 380 -30.64 5.98 -1.73
N TYR F 381 -31.15 5.01 -0.98
CA TYR F 381 -30.95 3.60 -1.36
C TYR F 381 -31.49 3.33 -2.75
N THR F 382 -32.73 3.78 -3.02
CA THR F 382 -33.36 3.55 -4.32
C THR F 382 -32.54 4.18 -5.45
N THR F 383 -32.17 5.46 -5.32
CA THR F 383 -31.28 6.07 -6.29
C THR F 383 -30.03 5.22 -6.56
N ALA F 384 -29.32 4.83 -5.49
CA ALA F 384 -28.11 4.04 -5.66
C ALA F 384 -28.38 2.67 -6.27
N THR F 385 -29.46 2.01 -5.85
CA THR F 385 -29.71 0.65 -6.32
C THR F 385 -30.25 0.64 -7.76
N THR F 386 -31.01 1.67 -8.13
CA THR F 386 -31.55 1.77 -9.49
C THR F 386 -30.46 2.05 -10.53
N ARG F 387 -29.47 2.85 -10.17
CA ARG F 387 -28.39 3.22 -11.09
C ARG F 387 -27.10 2.46 -10.80
N ASN F 388 -27.13 1.56 -9.81
CA ASN F 388 -26.00 0.71 -9.44
C ASN F 388 -24.74 1.53 -9.18
N ILE F 389 -24.89 2.50 -8.27
CA ILE F 389 -23.80 3.36 -7.81
C ILE F 389 -23.73 3.25 -6.30
N ASP F 390 -22.62 3.70 -5.74
CA ASP F 390 -22.51 3.72 -4.29
C ASP F 390 -23.49 4.75 -3.72
N MET F 391 -23.94 4.49 -2.50
CA MET F 391 -24.90 5.39 -1.85
C MET F 391 -24.35 6.79 -1.57
N ARG F 392 -23.04 7.03 -1.68
CA ARG F 392 -22.57 8.39 -1.46
C ARG F 392 -22.89 9.28 -2.66
N LEU F 393 -22.49 8.86 -3.85
CA LEU F 393 -22.87 9.61 -5.05
C LEU F 393 -24.38 9.75 -5.15
N ALA F 394 -25.11 8.72 -4.71
CA ALA F 394 -26.56 8.76 -4.71
C ALA F 394 -27.12 9.83 -3.78
N ALA F 395 -26.52 10.00 -2.60
CA ALA F 395 -27.02 11.01 -1.67
C ALA F 395 -26.75 12.41 -2.21
N TYR F 396 -25.59 12.63 -2.81
CA TYR F 396 -25.31 13.91 -3.46
C TYR F 396 -26.39 14.25 -4.47
N MET F 397 -26.76 13.27 -5.29
CA MET F 397 -27.83 13.45 -6.26
C MET F 397 -29.16 13.81 -5.59
N VAL F 398 -29.56 13.03 -4.59
CA VAL F 398 -30.77 13.33 -3.83
C VAL F 398 -30.68 14.74 -3.24
N GLY F 399 -29.49 15.12 -2.79
CA GLY F 399 -29.34 16.41 -2.13
C GLY F 399 -29.49 17.59 -3.05
N VAL F 400 -29.22 17.43 -4.34
CA VAL F 400 -29.31 18.55 -5.27
C VAL F 400 -30.56 18.52 -6.13
N ARG F 401 -31.24 17.37 -6.25
CA ARG F 401 -32.29 17.24 -7.26
C ARG F 401 -33.44 18.22 -7.01
N ARG F 402 -33.79 18.46 -5.74
CA ARG F 402 -34.89 19.39 -5.46
C ARG F 402 -34.54 20.81 -5.87
N THR F 403 -33.32 21.27 -5.56
CA THR F 403 -32.90 22.59 -6.04
C THR F 403 -32.90 22.66 -7.59
N ALA F 404 -32.50 21.59 -8.27
CA ALA F 404 -32.47 21.67 -9.74
C ALA F 404 -33.88 21.66 -10.31
N GLU F 405 -34.73 20.77 -9.80
CA GLU F 405 -36.11 20.71 -10.26
C GLU F 405 -36.82 22.05 -10.04
N ALA F 406 -36.61 22.64 -8.86
CA ALA F 406 -37.24 23.92 -8.54
C ALA F 406 -36.69 25.04 -9.43
N SER F 407 -35.38 25.07 -9.65
CA SER F 407 -34.80 26.10 -10.51
C SER F 407 -35.32 25.99 -11.93
N ARG F 408 -35.67 24.79 -12.35
CA ARG F 408 -36.24 24.61 -13.68
C ARG F 408 -37.68 25.05 -13.71
N PHE F 409 -38.48 24.64 -12.72
CA PHE F 409 -39.90 25.01 -12.67
C PHE F 409 -40.08 26.52 -12.63
N ARG F 410 -39.23 27.21 -11.89
CA ARG F 410 -39.38 28.65 -11.73
C ARG F 410 -38.81 29.44 -12.89
N GLY F 411 -38.44 28.78 -13.98
CA GLY F 411 -37.90 29.50 -15.11
C GLY F 411 -36.49 30.03 -14.94
N TRP F 412 -35.79 29.66 -13.85
CA TRP F 412 -34.46 30.20 -13.61
C TRP F 412 -33.46 29.72 -14.65
N VAL F 413 -33.73 28.57 -15.25
CA VAL F 413 -32.97 28.07 -16.37
C VAL F 413 -33.93 27.20 -17.18
#